data_8UD5
#
_entry.id   8UD5
#
_cell.length_a   1.00
_cell.length_b   1.00
_cell.length_c   1.00
_cell.angle_alpha   90.00
_cell.angle_beta   90.00
_cell.angle_gamma   90.00
#
_symmetry.space_group_name_H-M   'P 1'
#
loop_
_entity.id
_entity.type
_entity.pdbx_description
1 polymer 'Non-structural protein 15'
2 polymer 'RNA (35-MER)'
3 polymer 'RNA (35-MER)'
#
loop_
_entity_poly.entity_id
_entity_poly.type
_entity_poly.pdbx_seq_one_letter_code
_entity_poly.pdbx_strand_id
1 'polypeptide(L)'
;MGSSHHHHHHSSGSLENVAFNVVNKGHFDGQQGEVPVSIINNTVYTKVDGVDVELFENKTTLPVNVAFELWAKRNIKPVP
EVKILNNLGVDIAANTVIWDYKRDAPAHISTIGVCSMTDIAKKPTETICAPLTVFFDGRVDGQVDLFRNARNGVLITEGS
VKGLQPSVGPKQASLNGVTLIGEAVKTQFNYYKKVDGVVQQLPETYFTQSRNLQEFKPRSQMEIDFLELAMDEFIERYKL
EGYAFEAIVYGDFSHSQLGGLHLLIGLAKRFKESPFELEDFIPMDSTVKNYFITDAQTGSSKCVCSVIDLLLDDFVEIIK
SQDLSVVSKVVKVTIDYTEISFMLWCKDGHVETFYPKLQ
;
F,D,E,B,A,C
2 'polyribonucleotide' UUUUUUUUUUUUUUUUUUUUGUCAUUCUCCUAAGA G
3 'polyribonucleotide' UCUUAGGAGAAUGACAAAAAAAAAAAAAAAAAAAA H
#
loop_
_chem_comp.id
_chem_comp.type
_chem_comp.name
_chem_comp.formula
A RNA linking ADENOSINE-5'-MONOPHOSPHATE 'C10 H14 N5 O7 P'
C RNA linking CYTIDINE-5'-MONOPHOSPHATE 'C9 H14 N3 O8 P'
G RNA linking GUANOSINE-5'-MONOPHOSPHATE 'C10 H14 N5 O8 P'
U RNA linking URIDINE-5'-MONOPHOSPHATE 'C9 H13 N2 O9 P'
#
# COMPACT_ATOMS: atom_id res chain seq x y z
N SER A 14 5.39 4.96 24.03
CA SER A 14 6.00 4.00 23.12
C SER A 14 4.92 3.12 22.48
N LEU A 15 5.19 2.69 21.24
CA LEU A 15 4.22 1.87 20.52
C LEU A 15 4.02 0.51 21.20
N GLU A 16 5.12 -0.12 21.61
CA GLU A 16 5.03 -1.42 22.25
C GLU A 16 4.32 -1.33 23.60
N ASN A 17 4.61 -0.28 24.37
CA ASN A 17 3.92 -0.09 25.64
C ASN A 17 2.44 0.16 25.43
N VAL A 18 2.08 0.95 24.42
CA VAL A 18 0.67 1.20 24.11
C VAL A 18 -0.03 -0.09 23.74
N ALA A 19 0.63 -0.93 22.93
CA ALA A 19 0.02 -2.21 22.55
C ALA A 19 -0.10 -3.14 23.74
N PHE A 20 0.88 -3.12 24.64
CA PHE A 20 0.79 -3.91 25.87
C PHE A 20 -0.41 -3.48 26.70
N ASN A 21 -0.60 -2.17 26.84
CA ASN A 21 -1.76 -1.67 27.57
C ASN A 21 -3.06 -2.07 26.87
N VAL A 22 -3.08 -2.04 25.54
CA VAL A 22 -4.28 -2.42 24.80
C VAL A 22 -4.61 -3.89 25.03
N VAL A 23 -3.62 -4.77 24.94
CA VAL A 23 -3.89 -6.20 25.07
C VAL A 23 -4.12 -6.63 26.51
N ASN A 24 -3.68 -5.86 27.50
CA ASN A 24 -3.88 -6.26 28.88
C ASN A 24 -5.00 -5.53 29.59
N LYS A 25 -5.47 -4.39 29.05
CA LYS A 25 -6.52 -3.63 29.71
C LYS A 25 -7.61 -3.16 28.75
N GLY A 26 -7.43 -3.28 27.44
CA GLY A 26 -8.39 -2.77 26.48
C GLY A 26 -8.17 -1.35 26.04
N HIS A 27 -7.39 -0.58 26.79
CA HIS A 27 -7.07 0.80 26.43
C HIS A 27 -5.82 1.20 27.19
N PHE A 28 -5.20 2.29 26.76
CA PHE A 28 -3.97 2.77 27.37
C PHE A 28 -4.25 3.27 28.78
N ASP A 29 -3.80 2.51 29.78
CA ASP A 29 -3.96 2.88 31.19
C ASP A 29 -2.64 3.30 31.83
N GLY A 30 -1.60 3.52 31.04
CA GLY A 30 -0.33 3.97 31.56
C GLY A 30 0.48 2.92 32.28
N GLN A 31 0.20 1.64 32.06
CA GLN A 31 0.96 0.58 32.70
C GLN A 31 2.24 0.29 31.92
N GLN A 32 3.31 0.01 32.67
CA GLN A 32 4.61 -0.28 32.10
C GLN A 32 4.67 -1.72 31.60
N GLY A 33 5.39 -1.91 30.51
CA GLY A 33 5.56 -3.22 29.89
C GLY A 33 5.43 -3.11 28.38
N GLU A 34 6.07 -4.05 27.69
CA GLU A 34 6.11 -4.04 26.23
C GLU A 34 5.76 -5.42 25.69
N VAL A 35 5.20 -5.45 24.49
CA VAL A 35 4.86 -6.69 23.80
C VAL A 35 5.40 -6.62 22.38
N PRO A 36 5.67 -7.74 21.72
CA PRO A 36 6.10 -7.69 20.32
C PRO A 36 5.00 -7.15 19.43
N VAL A 37 5.36 -6.20 18.58
CA VAL A 37 4.40 -5.47 17.75
C VAL A 37 4.91 -5.46 16.31
N SER A 38 4.02 -5.70 15.36
CA SER A 38 4.33 -5.62 13.94
C SER A 38 3.32 -4.72 13.26
N ILE A 39 3.81 -3.79 12.43
CA ILE A 39 2.96 -2.88 11.67
C ILE A 39 3.09 -3.25 10.19
N ILE A 40 1.97 -3.53 9.55
N ILE A 40 1.97 -3.53 9.55
CA ILE A 40 1.97 -3.91 8.14
CA ILE A 40 1.97 -3.91 8.14
C ILE A 40 0.58 -3.63 7.57
C ILE A 40 0.58 -3.63 7.57
N ASN A 41 0.56 -3.03 6.38
N ASN A 41 0.56 -3.03 6.38
CA ASN A 41 -0.66 -2.71 5.65
CA ASN A 41 -0.66 -2.71 5.65
C ASN A 41 -1.63 -1.87 6.50
C ASN A 41 -1.63 -1.87 6.50
N ASN A 42 -1.10 -0.80 7.08
N ASN A 42 -1.10 -0.80 7.08
CA ASN A 42 -1.90 0.15 7.87
CA ASN A 42 -1.90 0.15 7.87
C ASN A 42 -2.60 -0.54 9.03
C ASN A 42 -2.60 -0.54 9.03
N THR A 43 -2.01 -1.61 9.56
CA THR A 43 -2.62 -2.38 10.64
C THR A 43 -1.55 -2.72 11.67
N VAL A 44 -1.96 -2.74 12.94
CA VAL A 44 -1.06 -3.08 14.05
C VAL A 44 -1.37 -4.50 14.50
N TYR A 45 -0.35 -5.36 14.47
CA TYR A 45 -0.47 -6.74 14.92
C TYR A 45 0.41 -6.98 16.13
N THR A 46 -0.02 -7.86 17.01
CA THR A 46 0.76 -8.30 18.16
C THR A 46 0.82 -9.81 18.17
N LYS A 47 1.91 -10.35 18.73
CA LYS A 47 2.14 -11.79 18.78
C LYS A 47 1.60 -12.33 20.09
N VAL A 48 0.51 -13.09 20.01
CA VAL A 48 -0.08 -13.76 21.15
C VAL A 48 0.05 -15.27 20.91
N ASP A 49 0.81 -15.94 21.78
CA ASP A 49 1.05 -17.37 21.67
C ASP A 49 1.64 -17.76 20.32
N GLY A 50 2.52 -16.88 19.79
CA GLY A 50 3.25 -17.17 18.59
C GLY A 50 2.56 -16.82 17.29
N VAL A 51 1.32 -16.37 17.32
CA VAL A 51 0.57 -16.02 16.12
C VAL A 51 0.17 -14.55 16.21
N ASP A 52 0.31 -13.84 15.09
CA ASP A 52 -0.01 -12.42 15.06
C ASP A 52 -1.51 -12.20 15.17
N VAL A 53 -1.90 -11.31 16.09
CA VAL A 53 -3.30 -11.00 16.34
C VAL A 53 -3.52 -9.53 16.04
N GLU A 54 -4.55 -9.25 15.24
CA GLU A 54 -4.87 -7.87 14.87
C GLU A 54 -5.25 -7.06 16.11
N LEU A 55 -4.70 -5.86 16.22
CA LEU A 55 -5.03 -4.95 17.31
C LEU A 55 -5.76 -3.70 16.87
N PHE A 56 -5.43 -3.15 15.71
CA PHE A 56 -6.01 -1.89 15.27
C PHE A 56 -5.83 -1.75 13.77
N GLU A 57 -6.93 -1.55 13.06
CA GLU A 57 -6.92 -1.29 11.62
C GLU A 57 -7.17 0.19 11.41
N ASN A 58 -6.24 0.88 10.76
CA ASN A 58 -6.27 2.33 10.65
C ASN A 58 -7.28 2.74 9.59
N LYS A 59 -8.35 3.42 10.02
CA LYS A 59 -9.34 4.00 9.13
C LYS A 59 -9.21 5.50 8.98
N THR A 60 -8.12 6.09 9.49
CA THR A 60 -7.93 7.52 9.47
C THR A 60 -6.91 7.91 8.41
N THR A 61 -6.66 9.22 8.31
CA THR A 61 -5.64 9.76 7.41
C THR A 61 -4.30 9.93 8.11
N LEU A 62 -4.22 9.66 9.40
CA LEU A 62 -2.97 9.77 10.15
C LEU A 62 -2.12 8.53 9.97
N PRO A 63 -0.83 8.61 10.29
CA PRO A 63 0.01 7.40 10.26
C PRO A 63 -0.53 6.35 11.21
N VAL A 64 -0.29 5.08 10.86
CA VAL A 64 -0.92 3.97 11.56
C VAL A 64 -0.53 3.95 13.03
N ASN A 65 0.75 4.21 13.34
CA ASN A 65 1.18 4.18 14.74
C ASN A 65 0.61 5.37 15.50
N VAL A 66 0.57 6.55 14.88
CA VAL A 66 0.02 7.73 15.53
C VAL A 66 -1.47 7.53 15.79
N ALA A 67 -2.19 7.01 14.79
CA ALA A 67 -3.61 6.74 14.97
C ALA A 67 -3.85 5.68 16.04
N PHE A 68 -2.96 4.67 16.11
CA PHE A 68 -3.09 3.66 17.15
C PHE A 68 -2.90 4.26 18.53
N GLU A 69 -1.90 5.13 18.69
CA GLU A 69 -1.69 5.78 19.98
C GLU A 69 -2.87 6.67 20.36
N LEU A 70 -3.43 7.39 19.38
CA LEU A 70 -4.59 8.22 19.66
C LEU A 70 -5.81 7.38 20.04
N TRP A 71 -6.02 6.26 19.35
CA TRP A 71 -7.16 5.40 19.64
C TRP A 71 -7.03 4.76 21.02
N ALA A 72 -5.83 4.28 21.37
CA ALA A 72 -5.64 3.68 22.67
C ALA A 72 -5.86 4.68 23.80
N LYS A 73 -5.42 5.92 23.61
CA LYS A 73 -5.54 6.97 24.61
C LYS A 73 -6.85 7.74 24.51
N ARG A 74 -7.85 7.18 23.82
CA ARG A 74 -9.13 7.87 23.66
C ARG A 74 -9.86 7.94 25.00
N ASN A 75 -10.82 8.86 25.06
CA ASN A 75 -11.63 9.01 26.27
C ASN A 75 -12.71 7.93 26.31
N ILE A 76 -12.63 7.05 27.32
CA ILE A 76 -13.60 5.99 27.50
C ILE A 76 -14.74 6.38 28.42
N LYS A 77 -14.63 7.53 29.09
CA LYS A 77 -15.70 8.07 29.92
C LYS A 77 -16.78 8.71 29.05
N PRO A 78 -17.99 8.87 29.57
CA PRO A 78 -19.05 9.52 28.79
C PRO A 78 -18.65 10.93 28.40
N VAL A 79 -18.65 11.20 27.09
CA VAL A 79 -18.20 12.47 26.56
C VAL A 79 -19.28 13.05 25.66
N PRO A 80 -19.31 14.36 25.49
CA PRO A 80 -20.30 14.96 24.59
C PRO A 80 -20.13 14.46 23.16
N GLU A 81 -21.25 14.41 22.45
CA GLU A 81 -21.23 13.96 21.07
C GLU A 81 -20.37 14.91 20.22
N VAL A 82 -19.77 14.34 19.18
CA VAL A 82 -18.86 15.13 18.33
C VAL A 82 -19.58 16.29 17.69
N LYS A 83 -20.85 16.11 17.33
CA LYS A 83 -21.61 17.20 16.71
C LYS A 83 -21.79 18.36 17.68
N ILE A 84 -22.00 18.06 18.97
CA ILE A 84 -22.15 19.12 19.96
C ILE A 84 -20.88 19.94 20.08
N LEU A 85 -19.72 19.28 20.12
CA LEU A 85 -18.45 19.98 20.19
C LEU A 85 -18.19 20.79 18.91
N ASN A 86 -18.55 20.22 17.75
CA ASN A 86 -18.37 20.93 16.50
C ASN A 86 -19.23 22.19 16.44
N ASN A 87 -20.47 22.09 16.90
CA ASN A 87 -21.36 23.26 16.88
C ASN A 87 -20.89 24.33 17.86
N LEU A 88 -20.18 23.94 18.91
CA LEU A 88 -19.61 24.89 19.86
C LEU A 88 -18.29 25.47 19.39
N GLY A 89 -17.80 25.07 18.22
CA GLY A 89 -16.53 25.58 17.73
C GLY A 89 -15.32 24.99 18.40
N VAL A 90 -15.46 23.86 19.07
CA VAL A 90 -14.34 23.23 19.75
C VAL A 90 -13.33 22.77 18.71
N ASP A 91 -12.09 23.29 18.81
CA ASP A 91 -11.05 22.97 17.86
C ASP A 91 -10.08 21.91 18.35
N ILE A 92 -9.92 21.75 19.65
CA ILE A 92 -8.95 20.82 20.21
C ILE A 92 -9.36 20.52 21.65
N ALA A 93 -8.88 19.40 22.18
CA ALA A 93 -9.21 18.96 23.53
C ALA A 93 -7.97 18.99 24.41
N ALA A 94 -8.17 19.25 25.69
CA ALA A 94 -7.07 19.42 26.64
C ALA A 94 -6.78 18.09 27.33
N ASN A 95 -5.57 17.56 27.08
CA ASN A 95 -5.06 16.39 27.79
C ASN A 95 -5.99 15.18 27.65
N THR A 96 -6.65 15.07 26.50
CA THR A 96 -7.53 13.94 26.23
C THR A 96 -7.73 13.84 24.72
N VAL A 97 -8.26 12.69 24.31
CA VAL A 97 -8.56 12.42 22.90
C VAL A 97 -10.05 12.09 22.80
N ILE A 98 -10.75 12.79 21.93
CA ILE A 98 -12.15 12.51 21.64
C ILE A 98 -12.19 11.73 20.33
N TRP A 99 -12.64 10.49 20.39
CA TRP A 99 -12.66 9.61 19.24
C TRP A 99 -14.02 9.71 18.55
N ASP A 100 -14.01 10.11 17.28
CA ASP A 100 -15.22 10.21 16.48
C ASP A 100 -15.51 8.83 15.90
N TYR A 101 -16.43 8.09 16.52
CA TYR A 101 -16.72 6.74 16.07
C TYR A 101 -17.47 6.71 14.75
N LYS A 102 -18.11 7.82 14.37
CA LYS A 102 -18.76 7.88 13.06
C LYS A 102 -17.72 7.82 11.95
N ARG A 103 -16.62 8.53 12.09
CA ARG A 103 -15.53 8.52 11.13
C ARG A 103 -14.45 7.50 11.44
N ASP A 104 -14.49 6.88 12.62
CA ASP A 104 -13.43 5.99 13.10
C ASP A 104 -12.09 6.71 13.10
N ALA A 105 -12.12 7.99 13.45
CA ALA A 105 -10.95 8.86 13.45
C ALA A 105 -11.07 9.81 14.63
N PRO A 106 -9.95 10.38 15.09
CA PRO A 106 -10.02 11.38 16.16
C PRO A 106 -10.84 12.59 15.73
N ALA A 107 -11.60 13.14 16.67
CA ALA A 107 -12.48 14.26 16.37
C ALA A 107 -11.71 15.55 16.08
N HIS A 108 -10.46 15.65 16.52
CA HIS A 108 -9.65 16.83 16.31
C HIS A 108 -8.29 16.44 15.73
N ILE A 109 -7.77 17.31 14.86
CA ILE A 109 -6.51 17.00 14.19
C ILE A 109 -5.34 17.00 15.16
N SER A 110 -5.32 17.93 16.10
CA SER A 110 -4.22 18.08 17.04
C SER A 110 -4.69 17.74 18.45
N THR A 111 -3.71 17.50 19.33
CA THR A 111 -3.96 17.18 20.73
C THR A 111 -3.04 18.00 21.61
N ILE A 112 -3.31 17.96 22.91
CA ILE A 112 -2.49 18.63 23.92
C ILE A 112 -2.00 17.57 24.90
N GLY A 113 -0.69 17.35 24.93
CA GLY A 113 -0.11 16.44 25.91
C GLY A 113 -0.57 15.01 25.81
N VAL A 114 -0.73 14.49 24.59
CA VAL A 114 -1.18 13.11 24.41
C VAL A 114 -0.19 12.32 23.57
N CYS A 115 -0.03 12.70 22.30
CA CYS A 115 0.78 11.96 21.35
C CYS A 115 1.84 12.89 20.77
N SER A 116 3.11 12.51 20.92
CA SER A 116 4.21 13.42 20.61
C SER A 116 4.18 13.91 19.17
N MET A 117 3.57 13.15 18.26
CA MET A 117 3.54 13.56 16.87
C MET A 117 2.40 14.54 16.56
N THR A 118 1.30 14.47 17.30
CA THR A 118 0.16 15.36 17.09
C THR A 118 0.10 16.49 18.10
N ASP A 119 0.91 16.46 19.16
CA ASP A 119 0.92 17.54 20.13
C ASP A 119 1.35 18.86 19.51
N ILE A 120 0.60 19.91 19.82
CA ILE A 120 1.05 21.27 19.57
C ILE A 120 1.54 21.94 20.85
N ALA A 121 1.18 21.41 22.00
CA ALA A 121 1.66 21.90 23.29
C ALA A 121 1.50 20.79 24.32
N LYS A 122 2.23 20.92 25.42
CA LYS A 122 2.10 19.98 26.53
C LYS A 122 0.96 20.33 27.46
N LYS A 123 0.64 21.62 27.59
CA LYS A 123 -0.46 22.10 28.42
C LYS A 123 -1.28 23.10 27.64
N PRO A 124 -2.57 23.23 27.95
CA PRO A 124 -3.41 24.20 27.23
C PRO A 124 -3.10 25.65 27.56
N THR A 125 -2.21 25.92 28.52
CA THR A 125 -1.88 27.29 28.90
C THR A 125 -0.88 27.95 27.94
N GLU A 126 -0.29 27.20 27.03
CA GLU A 126 0.70 27.77 26.13
C GLU A 126 0.03 28.70 25.12
N THR A 127 0.84 29.61 24.56
CA THR A 127 0.32 30.64 23.66
C THR A 127 -0.20 30.05 22.35
N ILE A 128 0.24 28.85 21.98
CA ILE A 128 -0.23 28.25 20.74
C ILE A 128 -1.71 27.89 20.84
N CYS A 129 -2.15 27.43 22.02
CA CYS A 129 -3.53 27.03 22.21
C CYS A 129 -4.44 28.20 22.59
N ALA A 130 -3.91 29.41 22.73
CA ALA A 130 -4.74 30.55 23.11
C ALA A 130 -5.82 30.86 22.08
N PRO A 131 -5.53 30.97 20.78
CA PRO A 131 -6.63 31.24 19.82
C PRO A 131 -7.55 30.05 19.65
N LEU A 132 -7.08 28.84 19.89
CA LEU A 132 -7.88 27.64 19.69
C LEU A 132 -8.92 27.50 20.81
N THR A 133 -10.10 27.02 20.43
CA THR A 133 -11.16 26.73 21.40
C THR A 133 -10.91 25.36 21.99
N VAL A 134 -10.47 25.33 23.25
CA VAL A 134 -10.02 24.10 23.90
C VAL A 134 -11.17 23.51 24.71
N PHE A 135 -11.38 22.19 24.55
CA PHE A 135 -12.42 21.49 25.28
C PHE A 135 -11.87 21.02 26.62
N PHE A 136 -12.43 21.57 27.70
CA PHE A 136 -12.03 21.21 29.06
C PHE A 136 -13.09 20.32 29.69
N ASP A 137 -12.66 19.21 30.27
CA ASP A 137 -13.56 18.26 30.92
C ASP A 137 -13.50 18.50 32.42
N GLY A 138 -14.62 18.95 32.99
CA GLY A 138 -14.64 19.34 34.39
C GLY A 138 -14.50 18.17 35.36
N ARG A 139 -14.79 16.95 34.91
CA ARG A 139 -14.64 15.79 35.77
C ARG A 139 -13.18 15.48 36.08
N VAL A 140 -12.25 15.94 35.25
CA VAL A 140 -10.83 15.76 35.50
C VAL A 140 -10.35 16.87 36.43
N ASP A 141 -9.55 16.51 37.42
CA ASP A 141 -9.12 17.47 38.43
C ASP A 141 -8.29 18.58 37.81
N GLY A 142 -8.62 19.82 38.17
CA GLY A 142 -7.85 20.98 37.75
C GLY A 142 -8.23 21.56 36.41
N GLN A 143 -9.14 20.92 35.66
CA GLN A 143 -9.50 21.42 34.34
C GLN A 143 -10.42 22.64 34.43
N VAL A 144 -11.21 22.75 35.49
CA VAL A 144 -12.05 23.94 35.65
C VAL A 144 -11.18 25.18 35.86
N ASP A 145 -10.13 25.06 36.68
CA ASP A 145 -9.21 26.16 36.87
C ASP A 145 -8.49 26.51 35.58
N LEU A 146 -8.13 25.49 34.79
CA LEU A 146 -7.51 25.74 33.49
C LEU A 146 -8.47 26.48 32.57
N PHE A 147 -9.75 26.09 32.58
CA PHE A 147 -10.74 26.76 31.74
C PHE A 147 -10.98 28.20 32.18
N ARG A 148 -10.87 28.48 33.47
CA ARG A 148 -11.06 29.85 33.94
C ARG A 148 -9.99 30.78 33.38
N ASN A 149 -8.74 30.31 33.30
CA ASN A 149 -7.64 31.13 32.77
C ASN A 149 -7.49 31.02 31.27
N ALA A 150 -8.28 30.18 30.60
CA ALA A 150 -8.17 30.02 29.16
C ALA A 150 -8.88 31.16 28.44
N ARG A 151 -8.23 31.69 27.40
CA ARG A 151 -8.83 32.76 26.61
C ARG A 151 -10.06 32.26 25.86
N ASN A 152 -9.91 31.15 25.15
CA ASN A 152 -11.02 30.50 24.46
C ASN A 152 -11.09 29.05 24.92
N GLY A 153 -12.27 28.60 25.30
CA GLY A 153 -12.43 27.23 25.77
C GLY A 153 -13.89 26.89 26.01
N VAL A 154 -14.14 25.59 26.11
CA VAL A 154 -15.47 25.05 26.39
C VAL A 154 -15.33 24.05 27.53
N LEU A 155 -16.19 24.19 28.54
CA LEU A 155 -16.13 23.37 29.74
C LEU A 155 -17.44 22.62 29.93
N ILE A 156 -17.34 21.35 30.32
CA ILE A 156 -18.49 20.53 30.69
C ILE A 156 -18.28 20.03 32.11
N THR A 157 -19.32 20.13 32.93
CA THR A 157 -19.26 19.67 34.31
C THR A 157 -20.52 18.89 34.64
N GLU A 158 -20.37 17.90 35.52
CA GLU A 158 -21.52 17.14 36.01
C GLU A 158 -22.40 17.94 36.95
N GLY A 159 -21.87 19.01 37.56
CA GLY A 159 -22.64 19.84 38.46
C GLY A 159 -22.50 21.31 38.18
N SER A 160 -22.65 22.14 39.20
CA SER A 160 -22.53 23.58 39.04
C SER A 160 -21.08 24.03 39.20
N VAL A 161 -20.79 25.22 38.66
CA VAL A 161 -19.48 25.84 38.75
C VAL A 161 -19.65 27.20 39.41
N LYS A 162 -18.81 27.49 40.40
CA LYS A 162 -18.92 28.73 41.16
C LYS A 162 -18.68 29.93 40.27
N GLY A 163 -19.63 30.87 40.29
CA GLY A 163 -19.51 32.10 39.53
C GLY A 163 -19.85 31.99 38.06
N LEU A 164 -20.25 30.81 37.59
CA LEU A 164 -20.54 30.58 36.18
C LEU A 164 -21.97 30.05 36.05
N GLN A 165 -22.74 30.67 35.16
CA GLN A 165 -24.11 30.21 34.92
C GLN A 165 -24.10 28.97 34.03
N PRO A 166 -24.74 27.89 34.41
CA PRO A 166 -24.70 26.67 33.61
C PRO A 166 -25.68 26.71 32.44
N SER A 167 -25.38 25.88 31.45
CA SER A 167 -26.25 25.66 30.30
C SER A 167 -26.48 24.15 30.18
N VAL A 168 -27.67 23.70 30.58
CA VAL A 168 -27.97 22.28 30.60
C VAL A 168 -27.93 21.72 29.18
N GLY A 169 -27.08 20.72 28.97
CA GLY A 169 -26.91 20.13 27.66
C GLY A 169 -27.85 18.97 27.41
N PRO A 170 -27.56 18.19 26.38
CA PRO A 170 -28.42 17.04 26.06
C PRO A 170 -28.40 16.00 27.17
N LYS A 171 -29.52 15.29 27.31
CA LYS A 171 -29.59 14.20 28.29
C LYS A 171 -28.68 13.05 27.90
N GLN A 172 -28.42 12.88 26.61
CA GLN A 172 -27.59 11.78 26.12
C GLN A 172 -26.14 12.21 25.99
N ALA A 173 -25.25 11.22 26.00
CA ALA A 173 -23.83 11.43 25.80
C ALA A 173 -23.22 10.19 25.16
N SER A 174 -22.05 10.36 24.57
CA SER A 174 -21.37 9.27 23.88
C SER A 174 -20.44 8.53 24.85
N LEU A 175 -20.76 7.27 25.13
CA LEU A 175 -19.97 6.43 26.02
C LEU A 175 -19.36 5.30 25.20
N ASN A 176 -18.09 5.47 24.82
CA ASN A 176 -17.34 4.45 24.08
C ASN A 176 -18.04 4.05 22.79
N GLY A 177 -18.60 5.04 22.09
CA GLY A 177 -19.16 4.82 20.78
C GLY A 177 -20.66 4.60 20.72
N VAL A 178 -21.31 4.36 21.85
CA VAL A 178 -22.77 4.17 21.89
C VAL A 178 -23.39 5.35 22.64
N THR A 179 -24.41 5.95 22.03
CA THR A 179 -25.12 7.06 22.63
C THR A 179 -26.17 6.53 23.60
N LEU A 180 -26.13 6.98 24.85
CA LEU A 180 -27.05 6.49 25.85
C LEU A 180 -27.35 7.59 26.85
N ILE A 181 -28.55 7.54 27.43
CA ILE A 181 -28.92 8.38 28.56
C ILE A 181 -28.51 7.63 29.82
N GLY A 182 -27.46 8.11 30.47
CA GLY A 182 -26.84 7.33 31.53
C GLY A 182 -27.71 7.23 32.77
N GLU A 183 -27.75 6.02 33.32
CA GLU A 183 -28.41 5.74 34.59
C GLU A 183 -27.42 5.46 35.70
N ALA A 184 -26.48 4.54 35.48
CA ALA A 184 -25.42 4.28 36.44
C ALA A 184 -24.32 5.35 36.40
N VAL A 185 -24.21 6.08 35.31
CA VAL A 185 -23.22 7.15 35.16
C VAL A 185 -23.91 8.38 34.60
N LYS A 186 -23.54 9.53 35.14
CA LYS A 186 -24.16 10.80 34.77
C LYS A 186 -23.71 11.20 33.38
N THR A 187 -24.66 11.35 32.46
CA THR A 187 -24.36 11.73 31.09
C THR A 187 -24.94 13.09 30.71
N GLN A 188 -25.40 13.88 31.67
CA GLN A 188 -25.87 15.23 31.43
C GLN A 188 -24.84 16.21 31.97
N PHE A 189 -24.41 17.14 31.12
CA PHE A 189 -23.35 18.07 31.45
C PHE A 189 -23.84 19.51 31.34
N ASN A 190 -23.21 20.40 32.11
CA ASN A 190 -23.45 21.82 32.03
C ASN A 190 -22.36 22.46 31.17
N TYR A 191 -22.76 23.06 30.05
CA TYR A 191 -21.82 23.56 29.07
C TYR A 191 -21.50 25.03 29.36
N TYR A 192 -20.20 25.34 29.42
CA TYR A 192 -19.72 26.71 29.55
C TYR A 192 -18.78 27.00 28.39
N LYS A 193 -18.92 28.19 27.82
CA LYS A 193 -18.09 28.60 26.68
C LYS A 193 -17.47 29.95 26.96
N LYS A 194 -16.20 30.10 26.59
CA LYS A 194 -15.48 31.36 26.67
C LYS A 194 -14.90 31.69 25.31
N VAL A 195 -15.14 32.91 24.84
CA VAL A 195 -14.57 33.42 23.60
C VAL A 195 -13.84 34.71 23.91
N ASP A 196 -12.53 34.73 23.65
CA ASP A 196 -11.69 35.90 23.89
C ASP A 196 -11.74 36.33 25.36
N GLY A 197 -11.76 35.36 26.26
CA GLY A 197 -11.62 35.64 27.68
C GLY A 197 -12.87 36.04 28.42
N VAL A 198 -14.04 36.05 27.78
CA VAL A 198 -15.29 36.40 28.43
C VAL A 198 -16.23 35.20 28.36
N VAL A 199 -16.90 34.91 29.48
CA VAL A 199 -17.81 33.77 29.56
C VAL A 199 -19.07 34.12 28.77
N GLN A 200 -19.40 33.31 27.78
CA GLN A 200 -20.56 33.55 26.94
C GLN A 200 -21.80 32.90 27.53
N GLN A 201 -22.96 33.45 27.15
CA GLN A 201 -24.25 32.88 27.53
C GLN A 201 -24.76 32.05 26.35
N LEU A 202 -24.77 30.74 26.53
CA LEU A 202 -25.20 29.86 25.45
C LEU A 202 -26.71 29.98 25.24
N PRO A 203 -27.18 29.91 24.00
CA PRO A 203 -28.61 30.10 23.75
C PRO A 203 -29.43 28.91 24.23
N GLU A 204 -30.74 29.13 24.33
CA GLU A 204 -31.67 28.06 24.64
C GLU A 204 -31.99 27.29 23.36
N THR A 205 -31.50 26.05 23.27
CA THR A 205 -31.55 25.29 22.04
C THR A 205 -32.31 23.99 22.23
N TYR A 206 -32.88 23.51 21.13
CA TYR A 206 -33.40 22.14 21.08
C TYR A 206 -32.24 21.18 20.85
N PHE A 207 -32.44 19.94 21.29
CA PHE A 207 -31.38 18.93 21.24
C PHE A 207 -31.87 17.72 20.47
N THR A 208 -31.08 17.28 19.50
CA THR A 208 -31.39 16.07 18.76
C THR A 208 -31.12 14.84 19.62
N GLN A 209 -31.93 13.80 19.41
CA GLN A 209 -31.84 12.58 20.20
C GLN A 209 -30.73 11.64 19.74
N SER A 210 -30.16 11.88 18.55
CA SER A 210 -29.06 11.07 18.01
C SER A 210 -29.37 9.58 18.06
N ARG A 211 -30.56 9.20 17.61
CA ARG A 211 -30.97 7.81 17.57
C ARG A 211 -30.64 7.20 16.19
N ASN A 212 -30.81 5.89 16.11
CA ASN A 212 -30.60 5.16 14.86
C ASN A 212 -31.90 4.50 14.41
N LEU A 213 -31.89 4.06 13.15
CA LEU A 213 -33.11 3.51 12.55
C LEU A 213 -33.44 2.13 13.11
N GLN A 214 -32.44 1.25 13.23
CA GLN A 214 -32.68 -0.15 13.51
C GLN A 214 -33.02 -0.43 14.97
N GLU A 215 -32.71 0.49 15.89
CA GLU A 215 -33.07 0.31 17.30
C GLU A 215 -33.83 1.52 17.85
N PHE A 216 -34.59 2.21 17.00
CA PHE A 216 -35.35 3.39 17.41
C PHE A 216 -36.29 3.04 18.56
N LYS A 217 -36.24 3.85 19.62
CA LYS A 217 -37.11 3.71 20.78
C LYS A 217 -37.79 5.05 21.06
N PRO A 218 -39.12 5.10 21.08
CA PRO A 218 -39.80 6.35 21.41
C PRO A 218 -39.40 6.85 22.79
N ARG A 219 -39.31 8.17 22.93
CA ARG A 219 -38.95 8.80 24.20
C ARG A 219 -40.06 9.68 24.76
N SER A 220 -41.28 9.59 24.22
CA SER A 220 -42.37 10.44 24.69
C SER A 220 -43.69 9.78 24.32
N GLN A 221 -44.76 10.29 24.93
CA GLN A 221 -46.10 9.78 24.68
C GLN A 221 -46.50 10.02 23.22
N MET A 222 -46.25 11.24 22.72
CA MET A 222 -46.53 11.53 21.32
C MET A 222 -45.71 10.65 20.39
N GLU A 223 -44.46 10.37 20.77
CA GLU A 223 -43.63 9.45 20.01
C GLU A 223 -44.24 8.06 19.93
N ILE A 224 -44.70 7.54 21.07
CA ILE A 224 -45.33 6.22 21.09
C ILE A 224 -46.58 6.20 20.24
N ASP A 225 -47.41 7.25 20.36
CA ASP A 225 -48.63 7.32 19.57
C ASP A 225 -48.32 7.37 18.07
N PHE A 226 -47.30 8.14 17.68
CA PHE A 226 -46.92 8.18 16.28
C PHE A 226 -46.48 6.81 15.80
N LEU A 227 -45.73 6.09 16.63
CA LEU A 227 -45.30 4.74 16.24
C LEU A 227 -46.48 3.78 16.11
N GLU A 228 -47.48 3.89 16.98
CA GLU A 228 -48.56 2.91 16.97
C GLU A 228 -49.77 3.37 16.16
N LEU A 229 -50.16 4.64 16.26
CA LEU A 229 -51.35 5.10 15.57
C LEU A 229 -51.08 5.28 14.07
N ALA A 230 -52.17 5.35 13.30
CA ALA A 230 -52.07 5.53 11.86
C ALA A 230 -51.80 7.00 11.56
N MET A 231 -51.83 7.36 10.28
CA MET A 231 -51.56 8.75 9.89
C MET A 231 -52.70 9.67 10.29
N ASP A 232 -53.91 9.39 9.79
CA ASP A 232 -55.05 10.27 10.06
C ASP A 232 -55.40 10.30 11.54
N GLU A 233 -55.34 9.15 12.22
CA GLU A 233 -55.66 9.11 13.63
C GLU A 233 -54.72 9.98 14.45
N PHE A 234 -53.41 9.85 14.19
CA PHE A 234 -52.43 10.64 14.92
C PHE A 234 -52.56 12.12 14.60
N ILE A 235 -52.82 12.45 13.33
CA ILE A 235 -52.97 13.85 12.94
C ILE A 235 -54.19 14.47 13.64
N GLU A 236 -55.31 13.75 13.67
CA GLU A 236 -56.52 14.28 14.29
C GLU A 236 -56.38 14.38 15.80
N ARG A 237 -55.72 13.40 16.43
CA ARG A 237 -55.64 13.37 17.89
C ARG A 237 -54.86 14.57 18.43
N TYR A 238 -53.74 14.91 17.78
CA TYR A 238 -52.86 15.96 18.27
C TYR A 238 -53.08 17.31 17.59
N LYS A 239 -54.17 17.45 16.82
CA LYS A 239 -54.52 18.71 16.16
C LYS A 239 -53.37 19.20 15.27
N LEU A 240 -52.91 18.32 14.39
CA LEU A 240 -51.77 18.60 13.51
C LEU A 240 -52.20 18.75 12.06
N GLU A 241 -53.45 19.14 11.83
CA GLU A 241 -53.95 19.37 10.49
C GLU A 241 -53.47 20.72 9.97
N GLY A 242 -53.13 20.77 8.68
CA GLY A 242 -52.64 21.98 8.06
C GLY A 242 -51.15 22.18 8.14
N TYR A 243 -50.43 21.32 8.85
CA TYR A 243 -48.98 21.41 8.96
C TYR A 243 -48.25 20.42 8.05
N ALA A 244 -48.98 19.78 7.14
CA ALA A 244 -48.40 18.89 6.13
C ALA A 244 -47.58 17.77 6.77
N PHE A 245 -48.09 17.22 7.87
CA PHE A 245 -47.43 16.09 8.51
C PHE A 245 -47.51 14.82 7.67
N GLU A 246 -48.45 14.74 6.74
CA GLU A 246 -48.57 13.56 5.89
C GLU A 246 -47.37 13.44 4.94
N ALA A 247 -46.66 14.53 4.71
CA ALA A 247 -45.49 14.54 3.83
C ALA A 247 -44.20 14.86 4.55
N ILE A 248 -44.20 15.87 5.42
CA ILE A 248 -42.97 16.29 6.08
C ILE A 248 -42.43 15.18 6.98
N VAL A 249 -43.31 14.56 7.76
CA VAL A 249 -42.91 13.55 8.73
C VAL A 249 -43.16 12.14 8.20
N TYR A 250 -44.39 11.85 7.77
CA TYR A 250 -44.70 10.51 7.28
C TYR A 250 -43.98 10.22 5.98
N GLY A 251 -43.85 11.20 5.11
CA GLY A 251 -43.17 11.00 3.83
C GLY A 251 -44.13 10.64 2.72
N ASP A 252 -43.76 11.04 1.50
CA ASP A 252 -44.54 10.77 0.31
C ASP A 252 -43.77 9.81 -0.58
N PHE A 253 -44.39 8.67 -0.90
CA PHE A 253 -43.75 7.64 -1.72
C PHE A 253 -44.52 7.38 -3.01
N SER A 254 -45.40 8.29 -3.41
CA SER A 254 -46.23 8.06 -4.59
C SER A 254 -45.51 8.42 -5.89
N HIS A 255 -44.53 9.30 -5.84
CA HIS A 255 -43.80 9.74 -7.03
C HIS A 255 -42.42 9.10 -7.06
N SER A 256 -41.75 9.26 -8.20
CA SER A 256 -40.41 8.73 -8.35
C SER A 256 -39.42 9.42 -7.42
N GLN A 257 -39.62 10.72 -7.17
CA GLN A 257 -38.79 11.46 -6.23
C GLN A 257 -39.47 11.45 -4.87
N LEU A 258 -38.73 11.02 -3.84
CA LEU A 258 -39.28 10.95 -2.50
C LEU A 258 -39.65 12.33 -1.99
N GLY A 259 -40.72 12.40 -1.20
CA GLY A 259 -41.22 13.65 -0.65
C GLY A 259 -41.11 13.66 0.86
N GLY A 260 -40.62 14.77 1.39
CA GLY A 260 -40.54 14.92 2.84
C GLY A 260 -39.55 13.96 3.46
N LEU A 261 -40.01 13.26 4.51
CA LEU A 261 -39.17 12.34 5.28
C LEU A 261 -37.94 13.04 5.84
N HIS A 262 -38.18 14.18 6.50
CA HIS A 262 -37.12 14.99 7.08
C HIS A 262 -36.98 14.80 8.58
N LEU A 263 -37.70 13.83 9.16
CA LEU A 263 -37.58 13.48 10.55
C LEU A 263 -37.24 12.00 10.68
N LEU A 264 -36.32 11.68 11.57
CA LEU A 264 -35.92 10.29 11.74
C LEU A 264 -37.06 9.43 12.27
N ILE A 265 -38.05 10.06 12.91
CA ILE A 265 -39.22 9.30 13.38
C ILE A 265 -39.98 8.70 12.21
N GLY A 266 -40.19 9.48 11.15
CA GLY A 266 -40.87 8.95 9.98
C GLY A 266 -40.07 7.87 9.27
N LEU A 267 -38.75 8.05 9.18
CA LEU A 267 -37.91 7.02 8.59
C LEU A 267 -37.98 5.73 9.39
N ALA A 268 -37.95 5.83 10.73
CA ALA A 268 -38.07 4.65 11.57
C ALA A 268 -39.42 3.98 11.42
N LYS A 269 -40.50 4.77 11.34
CA LYS A 269 -41.82 4.19 11.16
C LYS A 269 -41.92 3.45 9.84
N ARG A 270 -41.39 4.04 8.76
CA ARG A 270 -41.43 3.37 7.47
C ARG A 270 -40.54 2.13 7.48
N PHE A 271 -39.38 2.20 8.12
CA PHE A 271 -38.50 1.05 8.24
C PHE A 271 -39.15 -0.09 9.01
N LYS A 272 -40.00 0.23 9.98
CA LYS A 272 -40.70 -0.80 10.74
C LYS A 272 -41.59 -1.64 9.84
N GLU A 273 -42.29 -1.00 8.89
CA GLU A 273 -43.18 -1.73 7.99
C GLU A 273 -42.50 -2.12 6.68
N SER A 274 -41.50 -1.36 6.23
CA SER A 274 -40.80 -1.67 4.99
C SER A 274 -39.39 -1.12 5.03
N PRO A 275 -38.38 -1.96 5.27
CA PRO A 275 -37.01 -1.47 5.32
C PRO A 275 -36.55 -0.90 3.99
N PHE A 276 -35.69 0.12 4.08
CA PHE A 276 -35.08 0.70 2.89
C PHE A 276 -33.58 0.90 3.10
N GLU A 277 -32.89 1.41 2.09
CA GLU A 277 -31.44 1.57 2.13
C GLU A 277 -31.09 3.03 2.44
N LEU A 278 -30.12 3.22 3.33
CA LEU A 278 -29.65 4.53 3.74
C LEU A 278 -28.18 4.65 3.36
N GLU A 279 -27.89 5.43 2.32
CA GLU A 279 -26.51 5.67 1.88
C GLU A 279 -26.06 6.99 2.47
N ASP A 280 -25.28 6.92 3.54
CA ASP A 280 -24.71 8.11 4.18
C ASP A 280 -23.41 8.45 3.45
N PHE A 281 -23.51 9.35 2.47
CA PHE A 281 -22.36 9.68 1.64
C PHE A 281 -21.41 10.68 2.31
N ILE A 282 -21.77 11.21 3.48
CA ILE A 282 -20.84 11.96 4.31
C ILE A 282 -20.89 11.36 5.71
N PRO A 283 -20.16 10.28 5.96
CA PRO A 283 -20.24 9.62 7.27
C PRO A 283 -19.54 10.39 8.37
N MET A 284 -20.21 11.40 8.91
CA MET A 284 -19.68 12.17 10.03
C MET A 284 -20.82 12.43 11.01
N ASP A 285 -20.53 13.19 12.06
CA ASP A 285 -21.51 13.53 13.08
C ASP A 285 -21.94 14.98 12.89
N SER A 286 -23.21 15.18 12.55
CA SER A 286 -23.75 16.52 12.34
C SER A 286 -25.19 16.54 12.82
N THR A 287 -25.66 17.76 13.14
CA THR A 287 -27.04 17.91 13.60
C THR A 287 -28.03 17.53 12.51
N VAL A 288 -27.79 17.96 11.29
CA VAL A 288 -28.64 17.64 10.15
C VAL A 288 -27.87 16.67 9.25
N LYS A 289 -28.43 15.49 9.04
CA LYS A 289 -27.79 14.43 8.30
C LYS A 289 -28.42 14.29 6.92
N ASN A 290 -27.57 14.17 5.90
CA ASN A 290 -28.01 14.02 4.52
C ASN A 290 -27.86 12.57 4.10
N TYR A 291 -28.94 11.99 3.58
CA TYR A 291 -28.97 10.58 3.21
C TYR A 291 -29.46 10.41 1.79
N PHE A 292 -29.03 9.33 1.16
CA PHE A 292 -29.47 8.94 -0.19
C PHE A 292 -30.52 7.85 0.02
N ILE A 293 -31.76 8.26 0.25
CA ILE A 293 -32.84 7.34 0.61
C ILE A 293 -33.39 6.71 -0.66
N THR A 294 -33.45 5.38 -0.67
CA THR A 294 -34.07 4.61 -1.75
C THR A 294 -35.07 3.65 -1.14
N ASP A 295 -36.36 3.90 -1.38
CA ASP A 295 -37.41 3.05 -0.84
C ASP A 295 -37.47 1.76 -1.63
N ALA A 296 -37.23 0.63 -0.95
CA ALA A 296 -37.18 -0.66 -1.60
C ALA A 296 -38.55 -1.20 -1.98
N GLN A 297 -39.63 -0.61 -1.48
CA GLN A 297 -40.97 -1.12 -1.77
C GLN A 297 -41.59 -0.44 -2.98
N THR A 298 -41.74 0.88 -2.94
CA THR A 298 -42.38 1.61 -4.02
C THR A 298 -41.41 2.15 -5.06
N GLY A 299 -40.11 2.07 -4.81
CA GLY A 299 -39.12 2.58 -5.72
C GLY A 299 -38.87 4.07 -5.62
N SER A 300 -39.49 4.76 -4.66
CA SER A 300 -39.24 6.18 -4.49
C SER A 300 -37.84 6.42 -3.94
N SER A 301 -37.14 7.37 -4.56
CA SER A 301 -35.77 7.66 -4.16
C SER A 301 -35.50 9.15 -4.30
N LYS A 302 -34.69 9.68 -3.38
CA LYS A 302 -34.24 11.06 -3.44
C LYS A 302 -32.74 11.08 -3.21
N CYS A 303 -32.01 11.76 -4.09
CA CYS A 303 -30.55 11.73 -4.04
C CYS A 303 -30.02 12.29 -2.73
N VAL A 304 -30.58 13.42 -2.28
CA VAL A 304 -30.18 14.05 -1.02
C VAL A 304 -31.45 14.33 -0.21
N CYS A 305 -31.40 14.00 1.08
CA CYS A 305 -32.54 14.18 1.97
C CYS A 305 -32.02 14.53 3.36
N SER A 306 -32.36 15.74 3.82
CA SER A 306 -31.93 16.19 5.14
C SER A 306 -32.82 15.57 6.19
N VAL A 307 -32.22 14.80 7.10
CA VAL A 307 -32.93 14.14 8.19
C VAL A 307 -32.37 14.66 9.50
N ILE A 308 -33.24 15.15 10.38
CA ILE A 308 -32.85 15.70 11.67
C ILE A 308 -33.58 14.93 12.77
N ASP A 309 -32.84 14.57 13.81
CA ASP A 309 -33.37 13.73 14.88
C ASP A 309 -33.95 14.57 16.01
N LEU A 310 -34.84 15.49 15.65
CA LEU A 310 -35.55 16.27 16.66
C LEU A 310 -36.60 15.42 17.35
N LEU A 311 -36.79 15.67 18.64
CA LEU A 311 -37.88 15.04 19.36
C LEU A 311 -39.20 15.48 18.76
N LEU A 312 -40.15 14.55 18.66
CA LEU A 312 -41.40 14.83 17.97
C LEU A 312 -42.17 15.96 18.64
N ASP A 313 -42.15 16.00 19.97
CA ASP A 313 -42.75 17.13 20.69
C ASP A 313 -42.04 18.43 20.33
N ASP A 314 -40.71 18.40 20.29
CA ASP A 314 -39.94 19.59 19.94
C ASP A 314 -40.24 20.04 18.52
N PHE A 315 -40.31 19.09 17.58
CA PHE A 315 -40.60 19.45 16.20
C PHE A 315 -42.02 20.01 16.07
N VAL A 316 -42.97 19.44 16.80
CA VAL A 316 -44.34 19.95 16.78
C VAL A 316 -44.38 21.38 17.31
N GLU A 317 -43.66 21.63 18.41
CA GLU A 317 -43.60 22.99 18.95
C GLU A 317 -42.97 23.95 17.95
N ILE A 318 -41.90 23.52 17.28
CA ILE A 318 -41.23 24.37 16.30
C ILE A 318 -42.17 24.70 15.15
N ILE A 319 -42.87 23.69 14.63
CA ILE A 319 -43.73 23.91 13.47
C ILE A 319 -44.99 24.69 13.86
N LYS A 320 -45.39 24.64 15.12
CA LYS A 320 -46.53 25.41 15.58
C LYS A 320 -46.17 26.81 16.03
N SER A 321 -44.88 27.09 16.24
CA SER A 321 -44.42 28.42 16.61
C SER A 321 -44.16 29.33 15.41
N GLN A 322 -44.33 28.81 14.20
CA GLN A 322 -44.07 29.58 12.98
C GLN A 322 -45.31 30.37 12.57
N ASP A 323 -45.08 31.39 11.73
CA ASP A 323 -46.15 32.20 11.17
C ASP A 323 -46.55 31.62 9.82
N LEU A 324 -47.84 31.31 9.67
CA LEU A 324 -48.31 30.61 8.48
C LEU A 324 -48.69 31.55 7.34
N SER A 325 -48.74 32.85 7.56
CA SER A 325 -49.13 33.80 6.52
C SER A 325 -47.94 34.34 5.75
N VAL A 326 -47.08 33.43 5.29
CA VAL A 326 -45.93 33.77 4.46
C VAL A 326 -45.80 32.72 3.37
N VAL A 327 -45.57 33.16 2.13
CA VAL A 327 -45.40 32.23 1.02
C VAL A 327 -44.13 31.42 1.18
N SER A 328 -42.99 32.11 1.32
CA SER A 328 -41.70 31.46 1.53
C SER A 328 -40.94 32.19 2.62
N LYS A 329 -40.44 31.45 3.59
CA LYS A 329 -39.71 32.05 4.70
C LYS A 329 -38.66 31.06 5.21
N VAL A 330 -37.46 31.56 5.48
CA VAL A 330 -36.39 30.77 6.05
C VAL A 330 -36.46 30.93 7.57
N VAL A 331 -36.63 29.82 8.27
CA VAL A 331 -36.80 29.83 9.72
C VAL A 331 -35.47 29.44 10.36
N LYS A 332 -34.97 30.30 11.25
CA LYS A 332 -33.73 30.06 11.96
C LYS A 332 -34.06 29.48 13.33
N VAL A 333 -33.78 28.19 13.51
CA VAL A 333 -34.00 27.51 14.78
C VAL A 333 -32.65 27.05 15.32
N THR A 334 -32.37 27.39 16.58
CA THR A 334 -31.11 27.02 17.22
C THR A 334 -31.25 25.61 17.78
N ILE A 335 -30.52 24.67 17.20
CA ILE A 335 -30.58 23.26 17.59
C ILE A 335 -29.16 22.77 17.82
N ASP A 336 -28.93 22.11 18.95
CA ASP A 336 -27.61 21.60 19.33
C ASP A 336 -26.57 22.71 19.35
N TYR A 337 -26.95 23.85 19.94
CA TYR A 337 -26.08 25.01 20.11
C TYR A 337 -25.64 25.64 18.78
N THR A 338 -26.36 25.35 17.70
CA THR A 338 -26.08 25.96 16.42
C THR A 338 -27.40 26.30 15.73
N GLU A 339 -27.34 27.26 14.82
CA GLU A 339 -28.53 27.76 14.12
C GLU A 339 -28.79 26.89 12.90
N ILE A 340 -29.89 26.16 12.93
CA ILE A 340 -30.33 25.33 11.81
C ILE A 340 -31.41 26.10 11.05
N SER A 341 -31.20 26.28 9.75
CA SER A 341 -32.11 27.05 8.91
C SER A 341 -33.11 26.12 8.25
N PHE A 342 -34.39 26.36 8.49
CA PHE A 342 -35.48 25.58 7.90
C PHE A 342 -36.20 26.41 6.85
N MET A 343 -36.39 25.82 5.68
CA MET A 343 -37.11 26.46 4.59
C MET A 343 -38.60 26.12 4.72
N LEU A 344 -39.43 27.14 4.92
CA LEU A 344 -40.85 26.95 5.18
C LEU A 344 -41.64 27.47 3.98
N TRP A 345 -42.52 26.62 3.44
CA TRP A 345 -43.42 26.98 2.35
C TRP A 345 -44.85 26.82 2.82
N CYS A 346 -45.65 27.87 2.67
CA CYS A 346 -47.04 27.85 3.09
C CYS A 346 -47.93 28.41 2.00
N LYS A 347 -49.15 27.87 1.92
CA LYS A 347 -50.13 28.34 0.97
C LYS A 347 -51.52 28.21 1.58
N ASP A 348 -52.34 29.24 1.39
CA ASP A 348 -53.73 29.26 1.89
C ASP A 348 -53.78 29.04 3.40
N GLY A 349 -52.79 29.57 4.11
CA GLY A 349 -52.77 29.49 5.56
C GLY A 349 -52.44 28.14 6.13
N HIS A 350 -51.84 27.25 5.34
CA HIS A 350 -51.41 25.95 5.84
C HIS A 350 -50.01 25.64 5.34
N VAL A 351 -49.28 24.84 6.12
CA VAL A 351 -47.91 24.51 5.77
C VAL A 351 -47.89 23.56 4.57
N GLU A 352 -46.98 23.81 3.64
CA GLU A 352 -46.80 22.96 2.47
C GLU A 352 -45.47 22.23 2.45
N THR A 353 -44.40 22.84 2.95
CA THR A 353 -43.08 22.23 2.89
C THR A 353 -42.23 22.81 4.01
N PHE A 354 -41.53 21.92 4.74
CA PHE A 354 -40.71 22.34 5.89
C PHE A 354 -39.54 21.37 5.98
N TYR A 355 -38.39 21.78 5.48
CA TYR A 355 -37.19 20.97 5.47
C TYR A 355 -35.98 21.84 5.77
N PRO A 356 -34.91 21.26 6.32
CA PRO A 356 -33.67 22.03 6.49
C PRO A 356 -33.14 22.49 5.13
N LYS A 357 -33.01 23.81 4.99
CA LYS A 357 -32.69 24.41 3.71
C LYS A 357 -31.25 24.08 3.29
N LEU A 358 -31.00 24.27 1.99
CA LEU A 358 -29.70 24.05 1.33
C LEU A 358 -29.42 22.55 1.20
N GLN A 359 -30.24 21.73 1.83
CA GLN A 359 -30.16 20.26 1.80
C GLN A 359 -28.73 19.72 1.75
N SER B 14 1.06 -23.56 -7.65
CA SER B 14 0.81 -22.51 -8.63
C SER B 14 -0.36 -21.62 -8.20
N LEU B 15 -0.16 -20.31 -8.27
CA LEU B 15 -1.21 -19.38 -7.87
C LEU B 15 -2.42 -19.48 -8.79
N GLU B 16 -2.18 -19.57 -10.11
CA GLU B 16 -3.27 -19.65 -11.06
C GLU B 16 -4.06 -20.94 -10.91
N ASN B 17 -3.36 -22.06 -10.69
CA ASN B 17 -4.05 -23.33 -10.47
C ASN B 17 -4.85 -23.31 -9.17
N VAL B 18 -4.30 -22.68 -8.12
CA VAL B 18 -5.01 -22.57 -6.86
C VAL B 18 -6.29 -21.75 -7.05
N ALA B 19 -6.19 -20.64 -7.79
CA ALA B 19 -7.37 -19.82 -8.04
C ALA B 19 -8.39 -20.54 -8.92
N PHE B 20 -7.91 -21.35 -9.87
CA PHE B 20 -8.81 -22.16 -10.68
C PHE B 20 -9.58 -23.15 -9.80
N ASN B 21 -8.88 -23.80 -8.88
CA ASN B 21 -9.53 -24.70 -7.94
C ASN B 21 -10.53 -23.96 -7.06
N VAL B 22 -10.17 -22.74 -6.65
CA VAL B 22 -11.08 -21.95 -5.81
C VAL B 22 -12.35 -21.59 -6.55
N VAL B 23 -12.22 -21.14 -7.80
CA VAL B 23 -13.40 -20.70 -8.55
C VAL B 23 -14.24 -21.87 -9.05
N ASN B 24 -13.66 -23.07 -9.18
CA ASN B 24 -14.44 -24.20 -9.67
C ASN B 24 -14.93 -25.14 -8.59
N LYS B 25 -14.33 -25.11 -7.38
CA LYS B 25 -14.73 -26.00 -6.31
C LYS B 25 -14.93 -25.31 -4.97
N GLY B 26 -14.50 -24.05 -4.83
CA GLY B 26 -14.57 -23.36 -3.56
C GLY B 26 -13.37 -23.58 -2.67
N HIS B 27 -12.50 -24.52 -2.99
CA HIS B 27 -11.29 -24.81 -2.23
C HIS B 27 -10.36 -25.59 -3.15
N PHE B 28 -9.09 -25.69 -2.74
CA PHE B 28 -8.11 -26.43 -3.53
C PHE B 28 -8.42 -27.91 -3.49
N ASP B 29 -8.93 -28.45 -4.59
CA ASP B 29 -9.29 -29.86 -4.68
C ASP B 29 -8.27 -30.65 -5.50
N GLY B 30 -7.15 -30.03 -5.87
CA GLY B 30 -6.13 -30.74 -6.63
C GLY B 30 -6.43 -30.91 -8.10
N GLN B 31 -7.32 -30.09 -8.66
CA GLN B 31 -7.65 -30.16 -10.06
C GLN B 31 -6.62 -29.43 -10.90
N GLN B 32 -6.58 -29.77 -12.19
CA GLN B 32 -5.67 -29.12 -13.13
C GLN B 32 -6.42 -28.07 -13.95
N GLY B 33 -5.77 -26.94 -14.15
CA GLY B 33 -6.34 -25.82 -14.88
C GLY B 33 -5.82 -24.50 -14.36
N GLU B 34 -5.94 -23.47 -15.18
CA GLU B 34 -5.42 -22.15 -14.84
C GLU B 34 -6.44 -21.08 -15.21
N VAL B 35 -6.45 -20.00 -14.44
CA VAL B 35 -7.34 -18.86 -14.69
C VAL B 35 -6.53 -17.58 -14.63
N PRO B 36 -6.93 -16.51 -15.32
CA PRO B 36 -6.21 -15.24 -15.20
C PRO B 36 -6.37 -14.65 -13.81
N VAL B 37 -5.25 -14.35 -13.16
CA VAL B 37 -5.21 -13.90 -11.78
C VAL B 37 -4.42 -12.60 -11.69
N SER B 38 -4.96 -11.61 -11.00
CA SER B 38 -4.29 -10.34 -10.77
C SER B 38 -4.27 -10.06 -9.27
N ILE B 39 -3.09 -9.72 -8.76
CA ILE B 39 -2.90 -9.37 -7.35
C ILE B 39 -2.67 -7.87 -7.26
N ILE B 40 -3.49 -7.19 -6.47
N ILE B 40 -3.49 -7.19 -6.47
CA ILE B 40 -3.38 -5.74 -6.31
CA ILE B 40 -3.38 -5.74 -6.31
C ILE B 40 -4.02 -5.36 -4.99
C ILE B 40 -4.01 -5.36 -4.98
N ASN B 41 -3.31 -4.50 -4.23
N ASN B 41 -3.31 -4.50 -4.23
CA ASN B 41 -3.78 -4.00 -2.94
CA ASN B 41 -3.78 -4.00 -2.94
C ASN B 41 -4.14 -5.13 -1.98
C ASN B 41 -4.13 -5.13 -1.98
N ASN B 42 -3.22 -6.08 -1.82
N ASN B 42 -3.21 -6.08 -1.83
CA ASN B 42 -3.35 -7.18 -0.87
CA ASN B 42 -3.35 -7.18 -0.87
C ASN B 42 -4.60 -8.03 -1.15
C ASN B 42 -4.60 -8.03 -1.14
N THR B 43 -5.05 -8.06 -2.40
CA THR B 43 -6.25 -8.78 -2.77
C THR B 43 -6.02 -9.55 -4.05
N VAL B 44 -6.56 -10.77 -4.10
CA VAL B 44 -6.46 -11.63 -5.28
C VAL B 44 -7.74 -11.50 -6.09
N TYR B 45 -7.61 -11.03 -7.32
CA TYR B 45 -8.74 -10.90 -8.23
C TYR B 45 -8.62 -11.92 -9.35
N THR B 46 -9.77 -12.33 -9.89
CA THR B 46 -9.84 -13.20 -11.04
C THR B 46 -10.75 -12.58 -12.09
N LYS B 47 -10.49 -12.90 -13.35
CA LYS B 47 -11.23 -12.32 -14.47
C LYS B 47 -12.32 -13.30 -14.89
N VAL B 48 -13.57 -12.96 -14.58
CA VAL B 48 -14.73 -13.75 -14.98
C VAL B 48 -15.55 -12.90 -15.94
N ASP B 49 -15.76 -13.41 -17.16
CA ASP B 49 -16.50 -12.70 -18.20
C ASP B 49 -15.89 -11.33 -18.50
N GLY B 50 -14.57 -11.24 -18.36
CA GLY B 50 -13.84 -10.04 -18.69
C GLY B 50 -13.75 -8.99 -17.60
N VAL B 51 -14.40 -9.20 -16.46
CA VAL B 51 -14.38 -8.25 -15.36
C VAL B 51 -13.74 -8.92 -14.14
N ASP B 52 -12.92 -8.16 -13.44
CA ASP B 52 -12.20 -8.69 -12.28
C ASP B 52 -13.17 -8.94 -11.13
N VAL B 53 -13.07 -10.13 -10.55
CA VAL B 53 -13.92 -10.55 -9.44
C VAL B 53 -13.03 -10.91 -8.25
N GLU B 54 -13.36 -10.36 -7.09
CA GLU B 54 -12.58 -10.62 -5.89
C GLU B 54 -12.63 -12.10 -5.52
N LEU B 55 -11.47 -12.67 -5.18
CA LEU B 55 -11.39 -14.04 -4.70
C LEU B 55 -10.98 -14.15 -3.24
N PHE B 56 -10.07 -13.27 -2.79
CA PHE B 56 -9.53 -13.38 -1.44
C PHE B 56 -8.89 -12.06 -1.01
N GLU B 57 -9.30 -11.55 0.15
CA GLU B 57 -8.71 -10.36 0.74
C GLU B 57 -7.81 -10.79 1.90
N ASN B 58 -6.54 -10.43 1.81
CA ASN B 58 -5.55 -10.91 2.78
C ASN B 58 -5.65 -10.09 4.06
N LYS B 59 -6.11 -10.74 5.13
CA LYS B 59 -6.16 -10.13 6.45
C LYS B 59 -5.04 -10.62 7.37
N THR B 60 -4.06 -11.35 6.83
CA THR B 60 -2.98 -11.91 7.61
C THR B 60 -1.72 -11.06 7.46
N THR B 61 -0.66 -11.48 8.13
CA THR B 61 0.65 -10.87 7.98
C THR B 61 1.50 -11.56 6.91
N LEU B 62 1.00 -12.63 6.33
CA LEU B 62 1.69 -13.37 5.28
C LEU B 62 1.56 -12.65 3.95
N PRO B 63 2.42 -12.96 2.98
CA PRO B 63 2.23 -12.43 1.63
C PRO B 63 0.89 -12.87 1.05
N VAL B 64 0.33 -12.04 0.18
CA VAL B 64 -1.03 -12.23 -0.28
C VAL B 64 -1.18 -13.56 -1.03
N ASN B 65 -0.20 -13.89 -1.89
CA ASN B 65 -0.28 -15.15 -2.62
C ASN B 65 -0.11 -16.34 -1.69
N VAL B 66 0.80 -16.23 -0.72
CA VAL B 66 1.00 -17.32 0.24
C VAL B 66 -0.24 -17.53 1.09
N ALA B 67 -0.83 -16.43 1.58
CA ALA B 67 -2.04 -16.54 2.37
C ALA B 67 -3.20 -17.09 1.56
N PHE B 68 -3.30 -16.71 0.29
CA PHE B 68 -4.35 -17.25 -0.58
C PHE B 68 -4.16 -18.74 -0.78
N GLU B 69 -2.92 -19.18 -1.01
CA GLU B 69 -2.66 -20.61 -1.19
C GLU B 69 -2.97 -21.39 0.07
N LEU B 70 -2.61 -20.86 1.23
CA LEU B 70 -2.93 -21.53 2.49
C LEU B 70 -4.43 -21.59 2.73
N TRP B 71 -5.14 -20.49 2.43
CA TRP B 71 -6.59 -20.46 2.61
C TRP B 71 -7.29 -21.44 1.70
N ALA B 72 -6.83 -21.56 0.45
CA ALA B 72 -7.45 -22.53 -0.46
C ALA B 72 -7.22 -23.96 0.02
N LYS B 73 -6.05 -24.24 0.56
CA LYS B 73 -5.70 -25.57 1.05
C LYS B 73 -6.11 -25.80 2.50
N ARG B 74 -7.06 -25.02 3.02
CA ARG B 74 -7.49 -25.17 4.39
C ARG B 74 -8.31 -26.46 4.55
N ASN B 75 -8.35 -26.94 5.78
CA ASN B 75 -9.11 -28.16 6.08
C ASN B 75 -10.60 -27.84 6.13
N ILE B 76 -11.37 -28.45 5.23
CA ILE B 76 -12.81 -28.26 5.19
C ILE B 76 -13.56 -29.32 5.97
N LYS B 77 -12.86 -30.32 6.51
CA LYS B 77 -13.47 -31.31 7.37
C LYS B 77 -13.58 -30.77 8.80
N PRO B 78 -14.47 -31.33 9.61
CA PRO B 78 -14.57 -30.89 11.01
C PRO B 78 -13.26 -31.10 11.74
N VAL B 79 -12.66 -29.99 12.18
CA VAL B 79 -11.37 -30.02 12.86
C VAL B 79 -11.60 -29.48 14.28
N PRO B 80 -10.74 -29.85 15.22
CA PRO B 80 -10.87 -29.31 16.58
C PRO B 80 -10.70 -27.80 16.59
N GLU B 81 -11.38 -27.16 17.55
CA GLU B 81 -11.27 -25.72 17.70
C GLU B 81 -9.84 -25.32 17.99
N VAL B 82 -9.44 -24.16 17.47
CA VAL B 82 -8.04 -23.72 17.56
C VAL B 82 -7.59 -23.57 19.00
N LYS B 83 -8.53 -23.26 19.90
CA LYS B 83 -8.17 -23.15 21.31
C LYS B 83 -7.74 -24.50 21.87
N ILE B 84 -8.38 -25.58 21.44
CA ILE B 84 -7.99 -26.93 21.89
C ILE B 84 -6.58 -27.24 21.44
N LEU B 85 -6.26 -26.95 20.18
CA LEU B 85 -4.92 -27.21 19.67
C LEU B 85 -3.88 -26.34 20.36
N ASN B 86 -4.21 -25.07 20.64
CA ASN B 86 -3.28 -24.19 21.33
C ASN B 86 -3.01 -24.68 22.75
N ASN B 87 -4.06 -25.11 23.45
CA ASN B 87 -3.88 -25.62 24.82
C ASN B 87 -3.09 -26.92 24.83
N LEU B 88 -3.19 -27.73 23.78
CA LEU B 88 -2.42 -28.95 23.67
C LEU B 88 -0.99 -28.72 23.22
N GLY B 89 -0.61 -27.47 22.94
CA GLY B 89 0.74 -27.18 22.52
C GLY B 89 1.06 -27.52 21.09
N VAL B 90 0.04 -27.66 20.23
CA VAL B 90 0.27 -27.98 18.84
C VAL B 90 0.98 -26.83 18.15
N ASP B 91 2.14 -27.12 17.55
CA ASP B 91 2.93 -26.10 16.88
C ASP B 91 2.80 -26.13 15.37
N ILE B 92 2.36 -27.25 14.78
CA ILE B 92 2.26 -27.38 13.34
C ILE B 92 1.34 -28.54 13.04
N ALA B 93 0.78 -28.56 11.83
CA ALA B 93 -0.12 -29.61 11.38
C ALA B 93 0.52 -30.39 10.24
N ALA B 94 0.29 -31.70 10.24
CA ALA B 94 0.89 -32.62 9.27
C ALA B 94 0.06 -32.65 7.99
N ASN B 95 0.63 -32.16 6.90
CA ASN B 95 0.03 -32.25 5.57
C ASN B 95 -1.37 -31.64 5.51
N THR B 96 -1.61 -30.61 6.31
CA THR B 96 -2.90 -29.93 6.31
C THR B 96 -2.72 -28.54 6.91
N VAL B 97 -3.71 -27.68 6.66
CA VAL B 97 -3.73 -26.33 7.19
C VAL B 97 -4.97 -26.16 8.04
N ILE B 98 -4.79 -25.78 9.30
CA ILE B 98 -5.90 -25.44 10.18
C ILE B 98 -6.10 -23.93 10.10
N TRP B 99 -7.25 -23.51 9.58
CA TRP B 99 -7.53 -22.10 9.36
C TRP B 99 -8.24 -21.53 10.58
N ASP B 100 -7.65 -20.48 11.17
CA ASP B 100 -8.24 -19.82 12.32
C ASP B 100 -9.19 -18.73 11.80
N TYR B 101 -10.49 -19.04 11.81
CA TYR B 101 -11.47 -18.11 11.26
C TYR B 101 -11.71 -16.91 12.17
N LYS B 102 -11.33 -17.01 13.45
CA LYS B 102 -11.41 -15.85 14.33
C LYS B 102 -10.44 -14.76 13.86
N ARG B 103 -9.25 -15.15 13.44
CA ARG B 103 -8.24 -14.21 12.95
C ARG B 103 -8.19 -14.12 11.44
N ASP B 104 -8.92 -14.98 10.71
CA ASP B 104 -8.84 -15.06 9.25
C ASP B 104 -7.41 -15.28 8.79
N ALA B 105 -6.67 -16.07 9.57
CA ALA B 105 -5.27 -16.38 9.32
C ALA B 105 -5.03 -17.83 9.68
N PRO B 106 -4.00 -18.46 9.10
CA PRO B 106 -3.70 -19.84 9.49
C PRO B 106 -3.35 -19.94 10.96
N ALA B 107 -3.79 -21.04 11.59
CA ALA B 107 -3.58 -21.22 13.01
C ALA B 107 -2.12 -21.42 13.39
N HIS B 108 -1.28 -21.82 12.43
CA HIS B 108 0.13 -22.08 12.68
C HIS B 108 0.98 -21.36 11.65
N ILE B 109 2.18 -20.96 12.07
CA ILE B 109 3.05 -20.17 11.22
C ILE B 109 3.53 -20.98 10.02
N SER B 110 4.00 -22.20 10.25
CA SER B 110 4.58 -23.03 9.22
C SER B 110 3.66 -24.22 8.90
N THR B 111 3.95 -24.85 7.77
CA THR B 111 3.20 -26.01 7.31
C THR B 111 4.16 -27.13 6.93
N ILE B 112 3.61 -28.33 6.79
CA ILE B 112 4.38 -29.50 6.42
C ILE B 112 3.82 -30.02 5.09
N GLY B 113 4.53 -29.78 4.00
CA GLY B 113 4.11 -30.28 2.71
C GLY B 113 2.81 -29.69 2.20
N VAL B 114 2.62 -28.38 2.37
CA VAL B 114 1.41 -27.72 1.88
C VAL B 114 1.77 -26.61 0.91
N CYS B 115 2.52 -25.62 1.40
CA CYS B 115 2.92 -24.46 0.59
C CYS B 115 4.43 -24.31 0.67
N SER B 116 5.07 -24.20 -0.50
CA SER B 116 6.54 -24.15 -0.54
C SER B 116 7.09 -22.93 0.17
N MET B 117 6.33 -21.84 0.25
CA MET B 117 6.81 -20.62 0.89
C MET B 117 6.85 -20.76 2.41
N THR B 118 5.92 -21.51 3.00
CA THR B 118 5.88 -21.73 4.44
C THR B 118 6.37 -23.11 4.86
N ASP B 119 6.65 -24.00 3.91
CA ASP B 119 7.07 -25.35 4.23
C ASP B 119 8.41 -25.35 4.96
N ILE B 120 8.48 -26.11 6.05
CA ILE B 120 9.76 -26.45 6.67
C ILE B 120 10.18 -27.87 6.38
N ALA B 121 9.24 -28.73 5.98
CA ALA B 121 9.54 -30.09 5.55
C ALA B 121 8.38 -30.58 4.71
N LYS B 122 8.64 -31.63 3.92
CA LYS B 122 7.59 -32.23 3.11
C LYS B 122 6.82 -33.31 3.86
N LYS B 123 7.41 -33.88 4.91
CA LYS B 123 6.80 -34.92 5.70
C LYS B 123 7.02 -34.66 7.18
N PRO B 124 6.07 -35.05 8.04
CA PRO B 124 6.15 -34.68 9.46
C PRO B 124 7.21 -35.43 10.25
N THR B 125 7.89 -36.41 9.66
CA THR B 125 8.85 -37.22 10.40
C THR B 125 10.29 -36.80 10.17
N GLU B 126 10.53 -35.70 9.47
CA GLU B 126 11.90 -35.23 9.28
C GLU B 126 12.45 -34.66 10.58
N THR B 127 13.78 -34.44 10.58
CA THR B 127 14.46 -34.00 11.80
C THR B 127 13.99 -32.63 12.26
N ILE B 128 13.59 -31.76 11.33
CA ILE B 128 13.15 -30.42 11.70
C ILE B 128 11.83 -30.46 12.48
N CYS B 129 10.93 -31.38 12.14
CA CYS B 129 9.62 -31.45 12.80
C CYS B 129 9.65 -32.28 14.08
N ALA B 130 10.79 -32.90 14.42
CA ALA B 130 10.86 -33.70 15.64
C ALA B 130 10.63 -32.89 16.91
N PRO B 131 11.29 -31.74 17.12
CA PRO B 131 11.01 -30.98 18.35
C PRO B 131 9.60 -30.39 18.41
N LEU B 132 8.93 -30.23 17.26
CA LEU B 132 7.62 -29.62 17.23
C LEU B 132 6.52 -30.63 17.53
N THR B 133 5.44 -30.14 18.13
CA THR B 133 4.26 -30.96 18.40
C THR B 133 3.38 -30.92 17.16
N VAL B 134 3.42 -31.98 16.36
CA VAL B 134 2.74 -32.01 15.08
C VAL B 134 1.34 -32.58 15.26
N PHE B 135 0.34 -31.89 14.73
CA PHE B 135 -1.04 -32.34 14.81
C PHE B 135 -1.32 -33.36 13.72
N PHE B 136 -1.64 -34.59 14.13
CA PHE B 136 -1.95 -35.67 13.20
C PHE B 136 -3.45 -35.94 13.22
N ASP B 137 -4.05 -36.01 12.02
CA ASP B 137 -5.47 -36.26 11.87
C ASP B 137 -5.65 -37.74 11.55
N GLY B 138 -6.20 -38.50 12.49
CA GLY B 138 -6.38 -39.93 12.30
C GLY B 138 -7.35 -40.29 11.20
N ARG B 139 -8.22 -39.36 10.81
CA ARG B 139 -9.17 -39.61 9.72
C ARG B 139 -8.48 -39.70 8.37
N VAL B 140 -7.23 -39.26 8.26
CA VAL B 140 -6.44 -39.38 7.03
C VAL B 140 -5.64 -40.66 7.10
N ASP B 141 -5.64 -41.43 6.01
CA ASP B 141 -4.98 -42.72 6.00
C ASP B 141 -3.48 -42.57 6.22
N GLY B 142 -2.94 -43.40 7.11
CA GLY B 142 -1.52 -43.43 7.38
C GLY B 142 -1.03 -42.45 8.43
N GLN B 143 -1.90 -41.62 8.98
CA GLN B 143 -1.47 -40.62 9.97
C GLN B 143 -1.38 -41.18 11.38
N VAL B 144 -2.11 -42.25 11.69
CA VAL B 144 -1.97 -42.88 13.01
C VAL B 144 -0.59 -43.50 13.16
N ASP B 145 -0.13 -44.23 12.15
CA ASP B 145 1.22 -44.76 12.17
C ASP B 145 2.26 -43.65 12.17
N LEU B 146 1.97 -42.55 11.46
CA LEU B 146 2.88 -41.41 11.47
C LEU B 146 2.99 -40.82 12.88
N PHE B 147 1.87 -40.74 13.59
CA PHE B 147 1.90 -40.25 14.97
C PHE B 147 2.63 -41.21 15.89
N ARG B 148 2.54 -42.52 15.61
CA ARG B 148 3.26 -43.49 16.44
C ARG B 148 4.77 -43.31 16.34
N ASN B 149 5.28 -42.88 15.18
CA ASN B 149 6.71 -42.67 15.01
C ASN B 149 7.18 -41.27 15.40
N ALA B 150 6.25 -40.35 15.70
CA ALA B 150 6.63 -38.98 15.99
C ALA B 150 7.09 -38.84 17.43
N ARG B 151 8.16 -38.05 17.63
CA ARG B 151 8.63 -37.77 18.98
C ARG B 151 7.60 -36.94 19.75
N ASN B 152 7.14 -35.85 19.16
CA ASN B 152 6.08 -35.02 19.72
C ASN B 152 4.96 -34.88 18.71
N GLY B 153 3.74 -35.16 19.15
CA GLY B 153 2.59 -35.07 18.25
C GLY B 153 1.29 -35.19 19.01
N VAL B 154 0.22 -34.77 18.34
CA VAL B 154 -1.14 -34.87 18.85
C VAL B 154 -1.99 -35.54 17.79
N LEU B 155 -2.71 -36.59 18.17
CA LEU B 155 -3.51 -37.38 17.25
C LEU B 155 -4.98 -37.31 17.67
N ILE B 156 -5.86 -37.08 16.70
CA ILE B 156 -7.29 -37.12 16.90
C ILE B 156 -7.87 -38.19 15.98
N THR B 157 -8.74 -39.04 16.53
CA THR B 157 -9.34 -40.13 15.77
C THR B 157 -10.83 -40.19 16.06
N GLU B 158 -11.60 -40.58 15.04
CA GLU B 158 -13.03 -40.80 15.21
C GLU B 158 -13.35 -42.09 15.94
N GLY B 159 -12.39 -43.02 16.04
CA GLY B 159 -12.60 -44.26 16.74
C GLY B 159 -11.46 -44.60 17.68
N SER B 160 -11.28 -45.88 17.95
CA SER B 160 -10.24 -46.32 18.86
C SER B 160 -8.93 -46.60 18.11
N VAL B 161 -7.82 -46.49 18.83
CA VAL B 161 -6.49 -46.77 18.31
C VAL B 161 -5.87 -47.87 19.16
N LYS B 162 -5.35 -48.89 18.51
CA LYS B 162 -4.83 -50.05 19.23
C LYS B 162 -3.63 -49.66 20.09
N GLY B 163 -3.67 -50.07 21.36
CA GLY B 163 -2.58 -49.86 22.28
C GLY B 163 -2.52 -48.48 22.92
N LEU B 164 -3.46 -47.60 22.60
CA LEU B 164 -3.46 -46.23 23.12
C LEU B 164 -4.77 -45.97 23.86
N GLN B 165 -4.66 -45.39 25.04
CA GLN B 165 -5.85 -45.05 25.83
C GLN B 165 -6.49 -43.79 25.27
N PRO B 166 -7.79 -43.77 25.02
CA PRO B 166 -8.42 -42.59 24.43
C PRO B 166 -8.68 -41.50 25.46
N SER B 167 -8.83 -40.28 24.96
CA SER B 167 -9.22 -39.13 25.76
C SER B 167 -10.36 -38.43 25.02
N VAL B 168 -11.59 -38.65 25.48
CA VAL B 168 -12.76 -38.12 24.79
C VAL B 168 -12.73 -36.61 24.82
N GLY B 169 -12.73 -35.99 23.64
CA GLY B 169 -12.66 -34.55 23.53
C GLY B 169 -14.03 -33.90 23.58
N PRO B 170 -14.09 -32.63 23.18
CA PRO B 170 -15.37 -31.91 23.21
C PRO B 170 -16.37 -32.50 22.24
N LYS B 171 -17.65 -32.37 22.59
CA LYS B 171 -18.72 -32.80 21.68
C LYS B 171 -18.76 -31.93 20.43
N GLN B 172 -18.14 -30.74 20.49
CA GLN B 172 -18.20 -29.77 19.41
C GLN B 172 -16.88 -29.72 18.66
N ALA B 173 -16.97 -29.33 17.38
CA ALA B 173 -15.81 -29.17 16.52
C ALA B 173 -16.09 -28.08 15.51
N SER B 174 -15.02 -27.52 14.95
CA SER B 174 -15.12 -26.41 14.00
C SER B 174 -15.23 -26.96 12.58
N LEU B 175 -16.36 -26.67 11.93
CA LEU B 175 -16.61 -27.08 10.56
C LEU B 175 -16.78 -25.81 9.71
N ASN B 176 -15.77 -25.49 8.91
CA ASN B 176 -15.78 -24.31 8.05
C ASN B 176 -16.05 -23.03 8.84
N GLY B 177 -15.42 -22.93 10.01
CA GLY B 177 -15.41 -21.70 10.77
C GLY B 177 -16.47 -21.58 11.86
N VAL B 178 -17.45 -22.47 11.90
CA VAL B 178 -18.50 -22.41 12.91
C VAL B 178 -18.43 -23.66 13.77
N THR B 179 -18.64 -23.47 15.07
CA THR B 179 -18.64 -24.57 16.01
C THR B 179 -20.01 -25.25 16.01
N LEU B 180 -20.03 -26.57 15.83
CA LEU B 180 -21.28 -27.31 15.79
C LEU B 180 -21.08 -28.69 16.39
N ILE B 181 -22.15 -29.22 16.96
CA ILE B 181 -22.21 -30.62 17.39
C ILE B 181 -22.83 -31.40 16.24
N GLY B 182 -21.99 -32.06 15.45
CA GLY B 182 -22.46 -32.65 14.21
C GLY B 182 -23.33 -33.88 14.43
N GLU B 183 -24.35 -34.00 13.58
CA GLU B 183 -25.21 -35.18 13.54
C GLU B 183 -25.00 -35.97 12.25
N ALA B 184 -24.89 -35.28 11.11
CA ALA B 184 -24.55 -35.93 9.86
C ALA B 184 -23.06 -36.26 9.77
N VAL B 185 -22.23 -35.60 10.57
CA VAL B 185 -20.79 -35.85 10.61
C VAL B 185 -20.36 -35.95 12.06
N LYS B 186 -19.37 -36.80 12.32
CA LYS B 186 -18.87 -37.04 13.66
C LYS B 186 -17.92 -35.91 14.06
N THR B 187 -18.24 -35.24 15.16
CA THR B 187 -17.44 -34.12 15.64
C THR B 187 -16.78 -34.40 16.99
N GLN B 188 -16.91 -35.60 17.53
CA GLN B 188 -16.27 -35.98 18.77
C GLN B 188 -15.06 -36.85 18.47
N PHE B 189 -13.89 -36.42 18.93
CA PHE B 189 -12.63 -37.07 18.61
C PHE B 189 -11.95 -37.56 19.89
N ASN B 190 -11.13 -38.58 19.74
CA ASN B 190 -10.30 -39.08 20.83
C ASN B 190 -8.89 -38.50 20.68
N TYR B 191 -8.39 -37.90 21.75
CA TYR B 191 -7.13 -37.16 21.70
C TYR B 191 -6.00 -37.99 22.28
N TYR B 192 -4.89 -38.07 21.56
CA TYR B 192 -3.68 -38.72 22.02
C TYR B 192 -2.51 -37.75 21.87
N LYS B 193 -1.71 -37.63 22.92
CA LYS B 193 -0.58 -36.71 22.93
C LYS B 193 0.70 -37.45 23.29
N LYS B 194 1.77 -37.12 22.56
CA LYS B 194 3.10 -37.65 22.84
C LYS B 194 4.07 -36.50 23.03
N VAL B 195 4.81 -36.52 24.13
CA VAL B 195 5.88 -35.57 24.39
C VAL B 195 7.16 -36.35 24.63
N ASP B 196 8.18 -36.08 23.83
CA ASP B 196 9.47 -36.75 23.92
C ASP B 196 9.33 -38.26 23.74
N GLY B 197 8.40 -38.67 22.89
CA GLY B 197 8.29 -40.06 22.48
C GLY B 197 7.50 -40.97 23.39
N VAL B 198 6.90 -40.45 24.47
CA VAL B 198 6.11 -41.25 25.39
C VAL B 198 4.68 -40.72 25.40
N VAL B 199 3.72 -41.62 25.30
CA VAL B 199 2.31 -41.24 25.27
C VAL B 199 1.92 -40.68 26.64
N GLN B 200 1.33 -39.49 26.64
CA GLN B 200 0.89 -38.84 27.86
C GLN B 200 -0.58 -39.13 28.13
N GLN B 201 -0.92 -39.20 29.41
CA GLN B 201 -2.31 -39.39 29.84
C GLN B 201 -2.93 -38.01 30.03
N LEU B 202 -3.78 -37.62 29.09
CA LEU B 202 -4.38 -36.29 29.14
C LEU B 202 -5.31 -36.18 30.34
N PRO B 203 -5.28 -35.05 31.05
CA PRO B 203 -6.09 -34.92 32.27
C PRO B 203 -7.57 -34.85 31.97
N GLU B 204 -8.37 -35.18 32.99
CA GLU B 204 -9.81 -35.00 32.88
C GLU B 204 -10.15 -33.52 32.93
N THR B 205 -10.90 -33.05 31.93
CA THR B 205 -11.10 -31.63 31.73
C THR B 205 -12.58 -31.31 31.51
N TYR B 206 -12.95 -30.08 31.85
CA TYR B 206 -14.20 -29.49 31.38
C TYR B 206 -13.96 -28.80 30.05
N PHE B 207 -15.02 -28.71 29.25
CA PHE B 207 -14.90 -28.18 27.89
C PHE B 207 -15.85 -27.01 27.72
N THR B 208 -15.33 -25.92 27.16
CA THR B 208 -16.16 -24.77 26.83
C THR B 208 -17.04 -25.10 25.62
N GLN B 209 -18.27 -24.59 25.64
CA GLN B 209 -19.25 -24.93 24.63
C GLN B 209 -19.09 -24.13 23.34
N SER B 210 -18.32 -23.04 23.35
CA SER B 210 -18.04 -22.23 22.17
C SER B 210 -19.33 -21.74 21.51
N ARG B 211 -20.09 -20.95 22.24
CA ARG B 211 -21.35 -20.39 21.76
C ARG B 211 -21.21 -18.90 21.49
N ASN B 212 -22.16 -18.38 20.72
CA ASN B 212 -22.20 -16.97 20.37
C ASN B 212 -23.20 -16.23 21.24
N LEU B 213 -22.99 -14.92 21.39
CA LEU B 213 -23.88 -14.11 22.21
C LEU B 213 -25.26 -13.98 21.56
N GLN B 214 -25.29 -13.62 20.28
CA GLN B 214 -26.55 -13.38 19.58
C GLN B 214 -27.27 -14.65 19.18
N GLU B 215 -26.55 -15.76 19.07
CA GLU B 215 -27.14 -17.05 18.71
C GLU B 215 -27.01 -18.06 19.85
N PHE B 216 -27.16 -17.59 21.08
CA PHE B 216 -27.02 -18.47 22.24
C PHE B 216 -28.17 -19.46 22.30
N LYS B 217 -27.84 -20.74 22.39
CA LYS B 217 -28.82 -21.81 22.52
C LYS B 217 -28.46 -22.66 23.72
N PRO B 218 -29.35 -22.77 24.71
CA PRO B 218 -29.04 -23.58 25.89
C PRO B 218 -28.87 -25.05 25.52
N ARG B 219 -27.94 -25.71 26.23
CA ARG B 219 -27.63 -27.12 25.98
C ARG B 219 -27.96 -28.00 27.18
N SER B 220 -28.73 -27.49 28.14
CA SER B 220 -29.10 -28.26 29.32
C SER B 220 -30.37 -27.69 29.92
N GLN B 221 -30.99 -28.48 30.79
CA GLN B 221 -32.22 -28.04 31.44
C GLN B 221 -31.96 -26.86 32.36
N MET B 222 -30.83 -26.88 33.09
CA MET B 222 -30.52 -25.78 33.99
C MET B 222 -30.26 -24.49 33.22
N GLU B 223 -29.62 -24.59 32.05
CA GLU B 223 -29.43 -23.42 31.22
C GLU B 223 -30.77 -22.87 30.72
N ILE B 224 -31.69 -23.76 30.35
CA ILE B 224 -33.02 -23.32 29.94
C ILE B 224 -33.71 -22.59 31.08
N ASP B 225 -33.63 -23.14 32.29
CA ASP B 225 -34.23 -22.50 33.46
C ASP B 225 -33.59 -21.14 33.71
N PHE B 226 -32.27 -21.04 33.56
CA PHE B 226 -31.59 -19.76 33.71
C PHE B 226 -32.13 -18.75 32.70
N LEU B 227 -32.33 -19.17 31.46
CA LEU B 227 -32.79 -18.25 30.43
C LEU B 227 -34.22 -17.80 30.67
N GLU B 228 -35.10 -18.71 31.11
CA GLU B 228 -36.51 -18.35 31.23
C GLU B 228 -36.87 -17.83 32.62
N LEU B 229 -36.37 -18.48 33.68
CA LEU B 229 -36.72 -18.04 35.03
C LEU B 229 -36.03 -16.73 35.38
N ALA B 230 -36.58 -16.05 36.38
CA ALA B 230 -35.94 -14.86 36.90
C ALA B 230 -34.74 -15.24 37.77
N MET B 231 -34.03 -14.22 38.26
CA MET B 231 -32.82 -14.47 39.04
C MET B 231 -33.15 -15.20 40.34
N ASP B 232 -34.11 -14.67 41.11
CA ASP B 232 -34.41 -15.24 42.42
C ASP B 232 -35.00 -16.63 42.31
N GLU B 233 -35.93 -16.83 41.36
CA GLU B 233 -36.55 -18.13 41.20
C GLU B 233 -35.53 -19.19 40.80
N PHE B 234 -34.63 -18.86 39.86
CA PHE B 234 -33.61 -19.81 39.45
C PHE B 234 -32.64 -20.11 40.59
N ILE B 235 -32.26 -19.08 41.36
CA ILE B 235 -31.34 -19.29 42.47
C ILE B 235 -31.97 -20.20 43.52
N GLU B 236 -33.23 -19.94 43.88
CA GLU B 236 -33.89 -20.75 44.91
C GLU B 236 -34.16 -22.17 44.42
N ARG B 237 -34.53 -22.34 43.15
CA ARG B 237 -34.82 -23.68 42.65
C ARG B 237 -33.58 -24.57 42.67
N TYR B 238 -32.42 -24.03 42.29
CA TYR B 238 -31.19 -24.79 42.21
C TYR B 238 -30.28 -24.59 43.40
N LYS B 239 -30.85 -24.24 44.57
CA LYS B 239 -30.12 -24.08 45.84
C LYS B 239 -28.75 -23.41 45.65
N LEU B 240 -28.76 -22.28 44.92
CA LEU B 240 -27.56 -21.55 44.59
C LEU B 240 -27.39 -20.31 45.45
N GLU B 241 -27.81 -20.39 46.71
CA GLU B 241 -27.64 -19.27 47.63
C GLU B 241 -26.26 -19.30 48.26
N GLY B 242 -25.65 -18.12 48.39
CA GLY B 242 -24.34 -17.98 48.97
C GLY B 242 -23.19 -18.08 48.01
N TYR B 243 -23.45 -18.40 46.74
CA TYR B 243 -22.41 -18.49 45.72
C TYR B 243 -22.33 -17.25 44.85
N ALA B 244 -23.06 -16.18 45.22
CA ALA B 244 -23.00 -14.89 44.54
C ALA B 244 -23.32 -15.01 43.04
N PHE B 245 -24.32 -15.83 42.72
CA PHE B 245 -24.76 -15.94 41.33
C PHE B 245 -25.39 -14.64 40.83
N GLU B 246 -25.87 -13.79 41.75
CA GLU B 246 -26.42 -12.50 41.34
C GLU B 246 -25.35 -11.59 40.74
N ALA B 247 -24.08 -11.84 41.06
CA ALA B 247 -22.97 -11.02 40.57
C ALA B 247 -22.15 -11.74 39.51
N ILE B 248 -21.67 -12.94 39.81
CA ILE B 248 -20.74 -13.62 38.91
C ILE B 248 -21.40 -13.93 37.58
N VAL B 249 -22.63 -14.46 37.61
CA VAL B 249 -23.29 -14.89 36.39
C VAL B 249 -24.24 -13.82 35.89
N TYR B 250 -25.21 -13.44 36.72
CA TYR B 250 -26.22 -12.46 36.30
C TYR B 250 -25.60 -11.09 36.05
N GLY B 251 -24.68 -10.66 36.92
CA GLY B 251 -24.02 -9.39 36.71
C GLY B 251 -24.75 -8.25 37.38
N ASP B 252 -23.99 -7.20 37.71
CA ASP B 252 -24.52 -6.00 38.36
C ASP B 252 -24.23 -4.80 37.47
N PHE B 253 -25.27 -4.02 37.18
CA PHE B 253 -25.15 -2.84 36.33
C PHE B 253 -25.52 -1.56 37.06
N SER B 254 -25.55 -1.59 38.40
CA SER B 254 -25.97 -0.41 39.16
C SER B 254 -24.90 0.66 39.20
N HIS B 255 -23.63 0.30 39.15
CA HIS B 255 -22.54 1.26 39.22
C HIS B 255 -21.96 1.52 37.83
N SER B 256 -21.17 2.59 37.74
CA SER B 256 -20.51 2.91 36.47
C SER B 256 -19.49 1.85 36.07
N GLN B 257 -18.96 1.10 37.03
CA GLN B 257 -18.05 -0.01 36.77
C GLN B 257 -18.85 -1.31 36.80
N LEU B 258 -18.89 -2.01 35.66
CA LEU B 258 -19.66 -3.23 35.58
C LEU B 258 -19.07 -4.30 36.49
N GLY B 259 -19.96 -5.07 37.11
CA GLY B 259 -19.56 -6.13 38.04
C GLY B 259 -20.05 -7.49 37.53
N GLY B 260 -19.13 -8.45 37.53
CA GLY B 260 -19.49 -9.80 37.14
C GLY B 260 -19.49 -10.00 35.64
N LEU B 261 -20.49 -10.72 35.15
CA LEU B 261 -20.60 -11.10 33.74
C LEU B 261 -19.36 -11.88 33.29
N HIS B 262 -19.02 -12.90 34.05
CA HIS B 262 -17.88 -13.77 33.75
C HIS B 262 -18.30 -15.09 33.12
N LEU B 263 -19.60 -15.32 32.95
CA LEU B 263 -20.12 -16.48 32.24
C LEU B 263 -20.94 -15.99 31.05
N LEU B 264 -20.75 -16.64 29.90
CA LEU B 264 -21.40 -16.19 28.68
C LEU B 264 -22.92 -16.32 28.75
N ILE B 265 -23.43 -17.23 29.59
CA ILE B 265 -24.88 -17.41 29.68
C ILE B 265 -25.52 -16.18 30.31
N GLY B 266 -24.87 -15.58 31.31
CA GLY B 266 -25.38 -14.34 31.87
C GLY B 266 -25.35 -13.20 30.88
N LEU B 267 -24.28 -13.13 30.08
CA LEU B 267 -24.23 -12.13 29.02
C LEU B 267 -25.36 -12.32 28.01
N ALA B 268 -25.66 -13.57 27.67
CA ALA B 268 -26.76 -13.85 26.75
C ALA B 268 -28.09 -13.44 27.35
N LYS B 269 -28.31 -13.74 28.64
CA LYS B 269 -29.55 -13.36 29.29
C LYS B 269 -29.71 -11.85 29.32
N ARG B 270 -28.63 -11.12 29.63
CA ARG B 270 -28.71 -9.65 29.64
C ARG B 270 -28.91 -9.09 28.24
N PHE B 271 -28.28 -9.69 27.24
CA PHE B 271 -28.42 -9.23 25.87
C PHE B 271 -29.83 -9.47 25.35
N LYS B 272 -30.49 -10.52 25.84
CA LYS B 272 -31.87 -10.79 25.41
C LYS B 272 -32.80 -9.62 25.74
N GLU B 273 -32.51 -8.88 26.80
CA GLU B 273 -33.34 -7.75 27.19
C GLU B 273 -32.74 -6.41 26.77
N SER B 274 -31.48 -6.15 27.15
CA SER B 274 -30.81 -4.88 26.86
C SER B 274 -29.52 -5.14 26.10
N PRO B 275 -29.55 -5.09 24.76
CA PRO B 275 -28.31 -5.25 24.00
C PRO B 275 -27.22 -4.30 24.45
N PHE B 276 -25.99 -4.81 24.49
CA PHE B 276 -24.82 -4.01 24.81
C PHE B 276 -23.77 -4.23 23.73
N GLU B 277 -22.59 -3.65 23.93
CA GLU B 277 -21.49 -3.74 22.97
C GLU B 277 -20.37 -4.61 23.50
N LEU B 278 -19.88 -5.50 22.66
CA LEU B 278 -18.70 -6.33 22.95
C LEU B 278 -17.57 -5.87 22.03
N GLU B 279 -16.55 -5.23 22.61
CA GLU B 279 -15.35 -4.87 21.86
C GLU B 279 -14.27 -5.90 22.16
N ASP B 280 -13.99 -6.76 21.18
CA ASP B 280 -12.96 -7.79 21.31
C ASP B 280 -11.64 -7.20 20.86
N PHE B 281 -10.86 -6.68 21.82
CA PHE B 281 -9.58 -6.08 21.50
C PHE B 281 -8.48 -7.11 21.26
N ILE B 282 -8.75 -8.39 21.50
CA ILE B 282 -7.87 -9.47 21.09
C ILE B 282 -8.68 -10.47 20.28
N PRO B 283 -8.92 -10.21 19.00
CA PRO B 283 -9.75 -11.13 18.20
C PRO B 283 -9.04 -12.43 17.88
N MET B 284 -9.01 -13.34 18.84
CA MET B 284 -8.41 -14.66 18.67
C MET B 284 -9.24 -15.67 19.45
N ASP B 285 -8.95 -16.95 19.22
CA ASP B 285 -9.68 -18.04 19.86
C ASP B 285 -8.93 -18.46 21.12
N SER B 286 -9.64 -18.40 22.26
CA SER B 286 -9.05 -18.77 23.54
C SER B 286 -10.13 -19.30 24.46
N THR B 287 -9.71 -20.07 25.47
CA THR B 287 -10.66 -20.60 26.44
C THR B 287 -11.31 -19.48 27.24
N VAL B 288 -10.53 -18.49 27.66
CA VAL B 288 -11.02 -17.33 28.38
C VAL B 288 -10.88 -16.12 27.48
N LYS B 289 -12.00 -15.44 27.23
CA LYS B 289 -12.04 -14.30 26.31
C LYS B 289 -12.27 -13.02 27.10
N ASN B 290 -11.52 -11.99 26.77
CA ASN B 290 -11.64 -10.68 27.39
C ASN B 290 -12.38 -9.73 26.45
N TYR B 291 -13.39 -9.05 26.97
CA TYR B 291 -14.20 -8.13 26.19
C TYR B 291 -14.25 -6.77 26.87
N PHE B 292 -14.53 -5.74 26.08
CA PHE B 292 -14.70 -4.39 26.58
C PHE B 292 -16.21 -4.12 26.58
N ILE B 293 -16.86 -4.47 27.69
CA ILE B 293 -18.31 -4.46 27.78
C ILE B 293 -18.78 -3.05 28.11
N THR B 294 -19.76 -2.56 27.35
CA THR B 294 -20.39 -1.27 27.61
C THR B 294 -21.91 -1.46 27.53
N ASP B 295 -22.56 -1.40 28.69
CA ASP B 295 -24.02 -1.58 28.73
C ASP B 295 -24.71 -0.36 28.14
N ALA B 296 -25.36 -0.55 27.00
CA ALA B 296 -25.99 0.56 26.30
C ALA B 296 -27.25 1.08 26.99
N GLN B 297 -27.78 0.35 27.96
CA GLN B 297 -29.00 0.77 28.65
C GLN B 297 -28.72 1.51 29.95
N THR B 298 -27.91 0.92 30.83
CA THR B 298 -27.62 1.52 32.13
C THR B 298 -26.32 2.31 32.17
N GLY B 299 -25.50 2.22 31.13
CA GLY B 299 -24.25 2.93 31.08
C GLY B 299 -23.10 2.26 31.82
N SER B 300 -23.32 1.09 32.40
CA SER B 300 -22.24 0.38 33.07
C SER B 300 -21.23 -0.14 32.06
N SER B 301 -19.95 0.01 32.38
CA SER B 301 -18.90 -0.40 31.46
C SER B 301 -17.70 -0.88 32.26
N LYS B 302 -17.05 -1.93 31.73
CA LYS B 302 -15.81 -2.45 32.30
C LYS B 302 -14.82 -2.64 31.16
N CYS B 303 -13.60 -2.12 31.35
CA CYS B 303 -12.61 -2.13 30.27
C CYS B 303 -12.23 -3.54 29.87
N VAL B 304 -12.01 -4.42 30.85
CA VAL B 304 -11.66 -5.81 30.58
C VAL B 304 -12.57 -6.70 31.41
N CYS B 305 -13.08 -7.77 30.80
CA CYS B 305 -14.01 -8.68 31.44
C CYS B 305 -13.76 -10.09 30.91
N SER B 306 -13.28 -10.97 31.77
CA SER B 306 -13.01 -12.36 31.38
C SER B 306 -14.32 -13.12 31.29
N VAL B 307 -14.63 -13.64 30.10
CA VAL B 307 -15.84 -14.41 29.86
C VAL B 307 -15.42 -15.81 29.41
N ILE B 308 -15.89 -16.82 30.13
CA ILE B 308 -15.63 -18.22 29.80
C ILE B 308 -16.95 -18.91 29.52
N ASP B 309 -17.01 -19.66 28.43
CA ASP B 309 -18.26 -20.28 27.98
C ASP B 309 -18.35 -21.72 28.46
N LEU B 310 -18.38 -21.87 29.79
CA LEU B 310 -18.57 -23.18 30.38
C LEU B 310 -20.06 -23.53 30.41
N LEU B 311 -20.34 -24.84 30.36
CA LEU B 311 -21.71 -25.29 30.60
C LEU B 311 -22.11 -24.94 32.03
N LEU B 312 -23.35 -24.47 32.19
CA LEU B 312 -23.78 -24.00 33.50
C LEU B 312 -23.74 -25.12 34.53
N ASP B 313 -23.99 -26.36 34.10
CA ASP B 313 -23.83 -27.50 35.00
C ASP B 313 -22.37 -27.64 35.45
N ASP B 314 -21.44 -27.51 34.51
CA ASP B 314 -20.02 -27.62 34.85
C ASP B 314 -19.60 -26.50 35.80
N PHE B 315 -20.05 -25.27 35.53
CA PHE B 315 -19.70 -24.15 36.40
C PHE B 315 -20.30 -24.32 37.79
N VAL B 316 -21.54 -24.81 37.86
CA VAL B 316 -22.17 -25.08 39.15
C VAL B 316 -21.37 -26.13 39.93
N GLU B 317 -20.96 -27.20 39.24
CA GLU B 317 -20.17 -28.24 39.90
C GLU B 317 -18.84 -27.66 40.39
N ILE B 318 -18.19 -26.83 39.58
CA ILE B 318 -16.91 -26.26 39.95
C ILE B 318 -17.07 -25.36 41.17
N ILE B 319 -18.10 -24.51 41.17
CA ILE B 319 -18.28 -23.57 42.27
C ILE B 319 -18.76 -24.28 43.53
N LYS B 320 -19.41 -25.43 43.39
CA LYS B 320 -19.82 -26.21 44.55
C LYS B 320 -18.73 -27.14 45.06
N SER B 321 -17.68 -27.37 44.27
CA SER B 321 -16.57 -28.21 44.69
C SER B 321 -15.50 -27.44 45.45
N GLN B 322 -15.63 -26.13 45.54
CA GLN B 322 -14.64 -25.30 46.24
C GLN B 322 -14.95 -25.24 47.73
N ASP B 323 -13.94 -24.82 48.50
CA ASP B 323 -14.08 -24.66 49.94
C ASP B 323 -14.42 -23.21 50.25
N LEU B 324 -15.54 -22.99 50.93
CA LEU B 324 -16.05 -21.64 51.16
C LEU B 324 -15.38 -20.93 52.32
N SER B 325 -14.66 -21.65 53.18
CA SER B 325 -14.06 -21.05 54.37
C SER B 325 -12.62 -20.60 54.11
N VAL B 326 -12.42 -19.82 53.05
CA VAL B 326 -11.13 -19.24 52.73
C VAL B 326 -11.35 -17.80 52.29
N VAL B 327 -10.54 -16.88 52.81
CA VAL B 327 -10.67 -15.48 52.44
C VAL B 327 -10.32 -15.27 50.96
N SER B 328 -9.09 -15.63 50.59
CA SER B 328 -8.64 -15.52 49.21
C SER B 328 -7.94 -16.82 48.81
N LYS B 329 -8.27 -17.33 47.62
CA LYS B 329 -7.71 -18.57 47.15
C LYS B 329 -7.75 -18.59 45.63
N VAL B 330 -6.65 -19.01 45.02
CA VAL B 330 -6.57 -19.18 43.56
C VAL B 330 -6.98 -20.61 43.24
N VAL B 331 -8.02 -20.74 42.42
CA VAL B 331 -8.61 -22.04 42.10
C VAL B 331 -8.13 -22.45 40.72
N LYS B 332 -7.54 -23.65 40.62
CA LYS B 332 -7.02 -24.17 39.37
C LYS B 332 -8.00 -25.20 38.82
N VAL B 333 -8.57 -24.91 37.66
CA VAL B 333 -9.50 -25.81 36.98
C VAL B 333 -8.90 -26.17 35.63
N THR B 334 -8.90 -27.47 35.33
CA THR B 334 -8.38 -27.96 34.05
C THR B 334 -9.52 -27.89 33.03
N ILE B 335 -9.49 -26.86 32.20
CA ILE B 335 -10.55 -26.60 31.22
C ILE B 335 -9.92 -26.55 29.84
N ASP B 336 -10.50 -27.29 28.90
CA ASP B 336 -10.03 -27.34 27.51
C ASP B 336 -8.57 -27.79 27.44
N TYR B 337 -8.22 -28.80 28.25
CA TYR B 337 -6.87 -29.37 28.30
C TYR B 337 -5.82 -28.38 28.78
N THR B 338 -6.24 -27.34 29.50
CA THR B 338 -5.30 -26.41 30.11
C THR B 338 -5.83 -25.98 31.47
N GLU B 339 -4.93 -25.51 32.32
CA GLU B 339 -5.26 -25.12 33.68
C GLU B 339 -5.68 -23.65 33.70
N ILE B 340 -6.97 -23.40 33.87
CA ILE B 340 -7.52 -22.05 34.00
C ILE B 340 -7.54 -21.68 35.47
N SER B 341 -6.92 -20.56 35.80
CA SER B 341 -6.79 -20.10 37.17
C SER B 341 -7.90 -19.10 37.49
N PHE B 342 -8.73 -19.44 38.47
CA PHE B 342 -9.84 -18.59 38.89
C PHE B 342 -9.50 -17.91 40.21
N MET B 343 -10.00 -16.67 40.36
CA MET B 343 -9.88 -15.94 41.61
C MET B 343 -11.12 -16.20 42.46
N LEU B 344 -10.92 -16.62 43.69
CA LEU B 344 -12.03 -16.97 44.60
C LEU B 344 -11.92 -16.11 45.85
N TRP B 345 -12.90 -15.25 46.06
CA TRP B 345 -12.99 -14.41 47.26
C TRP B 345 -14.24 -14.78 48.02
N CYS B 346 -14.08 -15.16 49.28
CA CYS B 346 -15.20 -15.58 50.12
C CYS B 346 -15.13 -14.87 51.47
N LYS B 347 -16.32 -14.60 52.02
CA LYS B 347 -16.45 -13.98 53.33
C LYS B 347 -17.63 -14.59 54.05
N ASP B 348 -17.44 -14.87 55.35
CA ASP B 348 -18.49 -15.43 56.20
C ASP B 348 -19.04 -16.74 55.62
N GLY B 349 -18.15 -17.54 55.06
CA GLY B 349 -18.53 -18.84 54.52
C GLY B 349 -19.45 -18.78 53.31
N HIS B 350 -19.27 -17.78 52.44
CA HIS B 350 -20.03 -17.71 51.21
C HIS B 350 -19.21 -16.96 50.16
N VAL B 351 -19.49 -17.24 48.90
CA VAL B 351 -18.69 -16.69 47.81
C VAL B 351 -19.05 -15.22 47.60
N GLU B 352 -18.03 -14.40 47.38
CA GLU B 352 -18.19 -13.00 47.02
C GLU B 352 -17.96 -12.75 45.53
N THR B 353 -16.82 -13.18 45.00
CA THR B 353 -16.53 -13.06 43.58
C THR B 353 -15.86 -14.33 43.10
N PHE B 354 -16.04 -14.63 41.81
CA PHE B 354 -15.40 -15.80 41.19
C PHE B 354 -15.22 -15.50 39.71
N TYR B 355 -14.01 -15.09 39.35
CA TYR B 355 -13.69 -14.70 37.98
C TYR B 355 -12.31 -15.24 37.62
N PRO B 356 -12.04 -15.48 36.34
CA PRO B 356 -10.69 -15.89 35.94
C PRO B 356 -9.65 -14.86 36.35
N LYS B 357 -8.56 -15.34 36.92
CA LYS B 357 -7.56 -14.44 37.49
C LYS B 357 -6.68 -13.85 36.40
N LEU B 358 -6.12 -12.67 36.70
CA LEU B 358 -5.30 -11.82 35.83
C LEU B 358 -6.10 -11.18 34.71
N GLN B 359 -7.40 -11.49 34.59
CA GLN B 359 -8.30 -10.89 33.61
C GLN B 359 -7.68 -10.67 32.23
N SER C 14 -13.25 16.80 -13.30
CA SER C 14 -12.18 16.97 -12.31
C SER C 14 -12.51 16.23 -11.03
N LEU C 15 -11.47 15.77 -10.33
CA LEU C 15 -11.67 15.01 -9.10
C LEU C 15 -12.33 15.87 -8.02
N GLU C 16 -11.88 17.12 -7.88
CA GLU C 16 -12.43 17.99 -6.85
C GLU C 16 -13.88 18.36 -7.15
N ASN C 17 -14.19 18.63 -8.43
CA ASN C 17 -15.57 18.91 -8.80
C ASN C 17 -16.47 17.69 -8.59
N VAL C 18 -15.95 16.50 -8.90
CA VAL C 18 -16.70 15.27 -8.67
C VAL C 18 -16.99 15.09 -7.18
N ALA C 19 -15.99 15.36 -6.33
CA ALA C 19 -16.19 15.24 -4.89
C ALA C 19 -17.17 16.30 -4.38
N PHE C 20 -17.12 17.50 -4.97
CA PHE C 20 -18.09 18.54 -4.61
C PHE C 20 -19.51 18.08 -4.94
N ASN C 21 -19.70 17.51 -6.12
CA ASN C 21 -21.01 16.98 -6.50
C ASN C 21 -21.43 15.85 -5.57
N VAL C 22 -20.48 15.00 -5.15
CA VAL C 22 -20.80 13.90 -4.25
C VAL C 22 -21.26 14.43 -2.90
N VAL C 23 -20.55 15.41 -2.35
CA VAL C 23 -20.87 15.90 -1.02
C VAL C 23 -22.07 16.84 -1.00
N ASN C 24 -22.46 17.40 -2.14
CA ASN C 24 -23.61 18.30 -2.16
C ASN C 24 -24.87 17.69 -2.76
N LYS C 25 -24.76 16.60 -3.53
CA LYS C 25 -25.92 15.98 -4.15
C LYS C 25 -25.98 14.47 -3.94
N GLY C 26 -24.90 13.84 -3.49
CA GLY C 26 -24.84 12.40 -3.40
C GLY C 26 -24.37 11.70 -4.65
N HIS C 27 -24.33 12.40 -5.78
CA HIS C 27 -23.87 11.84 -7.05
C HIS C 27 -23.50 13.01 -7.96
N PHE C 28 -22.75 12.70 -9.02
CA PHE C 28 -22.34 13.73 -9.96
C PHE C 28 -23.54 14.22 -10.77
N ASP C 29 -24.00 15.43 -10.46
CA ASP C 29 -25.13 16.03 -11.16
C ASP C 29 -24.69 17.05 -12.19
N GLY C 30 -23.40 17.38 -12.23
CA GLY C 30 -22.90 18.35 -13.19
C GLY C 30 -22.75 19.75 -12.64
N GLN C 31 -22.87 19.94 -11.32
CA GLN C 31 -22.73 21.25 -10.72
C GLN C 31 -21.27 21.70 -10.73
N GLN C 32 -21.09 23.02 -10.74
CA GLN C 32 -19.76 23.60 -10.70
C GLN C 32 -19.37 23.96 -9.27
N GLY C 33 -18.09 23.79 -8.97
CA GLY C 33 -17.56 24.03 -7.63
C GLY C 33 -16.55 22.96 -7.28
N GLU C 34 -15.65 23.30 -6.35
CA GLU C 34 -14.57 22.42 -5.96
C GLU C 34 -14.48 22.35 -4.45
N VAL C 35 -14.07 21.19 -3.95
CA VAL C 35 -13.86 20.98 -2.52
C VAL C 35 -12.48 20.39 -2.30
N PRO C 36 -11.85 20.61 -1.14
CA PRO C 36 -10.53 20.00 -0.89
C PRO C 36 -10.65 18.49 -0.80
N VAL C 37 -9.72 17.80 -1.46
CA VAL C 37 -9.73 16.35 -1.57
C VAL C 37 -8.35 15.81 -1.29
N SER C 38 -8.27 14.74 -0.48
CA SER C 38 -7.03 14.04 -0.22
C SER C 38 -7.21 12.56 -0.51
N ILE C 39 -6.30 11.99 -1.29
CA ILE C 39 -6.32 10.58 -1.64
C ILE C 39 -5.19 9.88 -0.88
N ILE C 40 -5.54 8.86 -0.12
N ILE C 40 -5.54 8.86 -0.12
CA ILE C 40 -4.55 8.12 0.67
CA ILE C 40 -4.55 8.12 0.67
C ILE C 40 -5.13 6.74 0.97
C ILE C 40 -5.13 6.74 0.97
N ASN C 41 -4.29 5.71 0.79
N ASN C 41 -4.29 5.71 0.79
CA ASN C 41 -4.64 4.32 1.06
CA ASN C 41 -4.64 4.32 1.06
C ASN C 41 -5.88 3.88 0.28
C ASN C 41 -5.88 3.88 0.28
N ASN C 42 -5.85 4.14 -1.03
N ASN C 42 -5.85 4.14 -1.03
CA ASN C 42 -6.92 3.72 -1.94
CA ASN C 42 -6.92 3.72 -1.94
C ASN C 42 -8.27 4.28 -1.53
C ASN C 42 -8.27 4.28 -1.53
N THR C 43 -8.28 5.44 -0.87
CA THR C 43 -9.51 6.03 -0.37
C THR C 43 -9.52 7.51 -0.68
N VAL C 44 -10.70 8.05 -0.99
CA VAL C 44 -10.90 9.46 -1.26
C VAL C 44 -11.48 10.11 -0.01
N TYR C 45 -10.76 11.08 0.53
CA TYR C 45 -11.21 11.84 1.69
C TYR C 45 -11.50 13.28 1.30
N THR C 46 -12.44 13.89 2.01
CA THR C 46 -12.76 15.30 1.86
C THR C 46 -12.73 15.95 3.24
N LYS C 47 -12.40 17.24 3.25
CA LYS C 47 -12.25 18.00 4.49
C LYS C 47 -13.56 18.74 4.77
N VAL C 48 -14.30 18.27 5.76
CA VAL C 48 -15.53 18.91 6.21
C VAL C 48 -15.31 19.39 7.63
N ASP C 49 -15.47 20.70 7.86
CA ASP C 49 -15.26 21.32 9.16
C ASP C 49 -13.85 21.06 9.71
N GLY C 50 -12.86 20.99 8.82
CA GLY C 50 -11.49 20.85 9.22
C GLY C 50 -10.99 19.43 9.45
N VAL C 51 -11.86 18.42 9.32
CA VAL C 51 -11.48 17.04 9.53
C VAL C 51 -11.82 16.22 8.29
N ASP C 52 -10.99 15.23 8.00
CA ASP C 52 -11.20 14.39 6.81
C ASP C 52 -12.43 13.51 6.99
N VAL C 53 -13.22 13.41 5.92
CA VAL C 53 -14.41 12.56 5.90
C VAL C 53 -14.28 11.58 4.74
N GLU C 54 -14.51 10.30 5.03
CA GLU C 54 -14.36 9.26 4.01
C GLU C 54 -15.48 9.36 2.99
N LEU C 55 -15.11 9.58 1.72
CA LEU C 55 -16.09 9.66 0.64
C LEU C 55 -16.23 8.37 -0.14
N PHE C 56 -15.12 7.68 -0.43
CA PHE C 56 -15.15 6.50 -1.28
C PHE C 56 -13.91 5.67 -1.03
N GLU C 57 -14.08 4.39 -0.73
CA GLU C 57 -12.99 3.45 -0.56
C GLU C 57 -13.00 2.47 -1.71
N ASN C 58 -11.87 2.37 -2.42
CA ASN C 58 -11.83 1.67 -3.70
C ASN C 58 -11.82 0.17 -3.47
N LYS C 59 -12.87 -0.51 -3.93
CA LYS C 59 -12.94 -1.97 -3.94
C LYS C 59 -12.67 -2.55 -5.32
N THR C 60 -12.24 -1.72 -6.28
CA THR C 60 -12.04 -2.17 -7.65
C THR C 60 -10.55 -2.31 -7.95
N THR C 61 -10.25 -2.73 -9.18
CA THR C 61 -8.88 -2.80 -9.68
C THR C 61 -8.45 -1.54 -10.40
N LEU C 62 -9.35 -0.56 -10.55
CA LEU C 62 -9.05 0.69 -11.21
C LEU C 62 -8.34 1.64 -10.26
N PRO C 63 -7.68 2.67 -10.78
CA PRO C 63 -7.11 3.70 -9.90
C PRO C 63 -8.21 4.36 -9.07
N VAL C 64 -7.82 4.80 -7.88
CA VAL C 64 -8.80 5.28 -6.90
C VAL C 64 -9.56 6.50 -7.44
N ASN C 65 -8.85 7.41 -8.11
CA ASN C 65 -9.54 8.59 -8.64
C ASN C 65 -10.46 8.20 -9.80
N VAL C 66 -10.02 7.30 -10.67
CA VAL C 66 -10.85 6.87 -11.79
C VAL C 66 -12.07 6.12 -11.27
N ALA C 67 -11.87 5.23 -10.29
CA ALA C 67 -12.99 4.50 -9.72
C ALA C 67 -13.97 5.44 -9.01
N PHE C 68 -13.45 6.45 -8.32
CA PHE C 68 -14.32 7.42 -7.66
C PHE C 68 -15.14 8.22 -8.66
N GLU C 69 -14.50 8.65 -9.76
CA GLU C 69 -15.24 9.44 -10.75
C GLU C 69 -16.27 8.58 -11.47
N LEU C 70 -15.97 7.30 -11.68
CA LEU C 70 -16.96 6.40 -12.28
C LEU C 70 -18.11 6.13 -11.32
N TRP C 71 -17.80 6.00 -10.03
CA TRP C 71 -18.84 5.75 -9.04
C TRP C 71 -19.78 6.95 -8.90
N ALA C 72 -19.21 8.16 -8.90
CA ALA C 72 -20.05 9.35 -8.80
C ALA C 72 -20.96 9.50 -10.01
N LYS C 73 -20.44 9.18 -11.20
CA LYS C 73 -21.19 9.29 -12.43
C LYS C 73 -22.01 8.04 -12.74
N ARG C 74 -22.30 7.22 -11.73
CA ARG C 74 -23.08 6.01 -11.95
C ARG C 74 -24.54 6.35 -12.23
N ASN C 75 -25.28 5.35 -12.69
CA ASN C 75 -26.69 5.53 -12.99
C ASN C 75 -27.52 5.37 -11.73
N ILE C 76 -28.25 6.43 -11.37
CA ILE C 76 -29.11 6.41 -10.20
C ILE C 76 -30.56 6.08 -10.56
N LYS C 77 -30.83 5.80 -11.82
CA LYS C 77 -32.14 5.42 -12.31
C LYS C 77 -32.26 3.90 -12.32
N PRO C 78 -33.48 3.37 -12.33
CA PRO C 78 -33.65 1.91 -12.42
C PRO C 78 -33.01 1.36 -13.69
N VAL C 79 -32.02 0.50 -13.51
CA VAL C 79 -31.27 -0.06 -14.63
C VAL C 79 -31.42 -1.58 -14.61
N PRO C 80 -31.24 -2.23 -15.75
CA PRO C 80 -31.31 -3.69 -15.78
C PRO C 80 -30.24 -4.32 -14.90
N GLU C 81 -30.55 -5.50 -14.38
CA GLU C 81 -29.59 -6.23 -13.58
C GLU C 81 -28.34 -6.55 -14.39
N VAL C 82 -27.19 -6.51 -13.73
CA VAL C 82 -25.92 -6.74 -14.41
C VAL C 82 -25.89 -8.12 -15.05
N LYS C 83 -26.56 -9.10 -14.44
CA LYS C 83 -26.64 -10.43 -15.03
C LYS C 83 -27.40 -10.40 -16.36
N ILE C 84 -28.46 -9.60 -16.43
CA ILE C 84 -29.22 -9.48 -17.68
C ILE C 84 -28.35 -8.88 -18.77
N LEU C 85 -27.60 -7.82 -18.45
CA LEU C 85 -26.73 -7.20 -19.44
C LEU C 85 -25.61 -8.15 -19.87
N ASN C 86 -25.05 -8.90 -18.93
CA ASN C 86 -23.99 -9.84 -19.27
C ASN C 86 -24.51 -10.96 -20.17
N ASN C 87 -25.72 -11.46 -19.89
CA ASN C 87 -26.29 -12.51 -20.72
C ASN C 87 -26.64 -12.01 -22.11
N LEU C 88 -26.91 -10.72 -22.26
CA LEU C 88 -27.19 -10.13 -23.56
C LEU C 88 -25.92 -9.75 -24.32
N GLY C 89 -24.75 -9.96 -23.73
CA GLY C 89 -23.51 -9.64 -24.41
C GLY C 89 -23.11 -8.19 -24.36
N VAL C 90 -23.71 -7.40 -23.48
CA VAL C 90 -23.40 -5.97 -23.41
C VAL C 90 -21.95 -5.81 -22.96
N ASP C 91 -21.16 -5.12 -23.79
CA ASP C 91 -19.75 -4.88 -23.49
C ASP C 91 -19.48 -3.49 -22.96
N ILE C 92 -20.36 -2.52 -23.22
CA ILE C 92 -20.14 -1.14 -22.81
C ILE C 92 -21.49 -0.43 -22.79
N ALA C 93 -21.57 0.65 -22.03
CA ALA C 93 -22.78 1.46 -21.92
C ALA C 93 -22.54 2.83 -22.55
N ALA C 94 -23.58 3.35 -23.20
CA ALA C 94 -23.48 4.61 -23.95
C ALA C 94 -23.77 5.77 -23.01
N ASN C 95 -22.75 6.60 -22.76
CA ASN C 95 -22.89 7.85 -22.00
C ASN C 95 -23.50 7.62 -20.61
N THR C 96 -23.16 6.51 -19.98
CA THR C 96 -23.61 6.24 -18.63
C THR C 96 -22.70 5.18 -18.01
N VAL C 97 -22.77 5.07 -16.68
CA VAL C 97 -21.99 4.09 -15.93
C VAL C 97 -22.96 3.15 -15.24
N ILE C 98 -22.87 1.86 -15.56
CA ILE C 98 -23.64 0.83 -14.88
C ILE C 98 -22.77 0.27 -13.75
N TRP C 99 -23.19 0.50 -12.51
CA TRP C 99 -22.41 0.12 -11.35
C TRP C 99 -22.86 -1.27 -10.89
N ASP C 100 -21.90 -2.19 -10.83
CA ASP C 100 -22.18 -3.56 -10.35
C ASP C 100 -22.00 -3.55 -8.83
N TYR C 101 -23.11 -3.44 -8.11
CA TYR C 101 -23.06 -3.35 -6.65
C TYR C 101 -22.66 -4.67 -6.01
N LYS C 102 -22.82 -5.80 -6.72
CA LYS C 102 -22.35 -7.08 -6.20
C LYS C 102 -20.84 -7.09 -6.05
N ARG C 103 -20.13 -6.57 -7.05
CA ARG C 103 -18.67 -6.49 -7.02
C ARG C 103 -18.15 -5.18 -6.46
N ASP C 104 -19.02 -4.20 -6.21
CA ASP C 104 -18.62 -2.84 -5.82
C ASP C 104 -17.64 -2.26 -6.84
N ALA C 105 -17.89 -2.56 -8.10
CA ALA C 105 -17.06 -2.13 -9.21
C ALA C 105 -17.95 -1.83 -10.40
N PRO C 106 -17.48 -1.02 -11.36
CA PRO C 106 -18.27 -0.80 -12.57
C PRO C 106 -18.50 -2.10 -13.34
N ALA C 107 -19.70 -2.23 -13.92
CA ALA C 107 -20.05 -3.45 -14.61
C ALA C 107 -19.28 -3.66 -15.90
N HIS C 108 -18.71 -2.60 -16.47
CA HIS C 108 -17.98 -2.69 -17.73
C HIS C 108 -16.62 -2.03 -17.59
N ILE C 109 -15.64 -2.55 -18.33
CA ILE C 109 -14.28 -2.07 -18.22
C ILE C 109 -14.16 -0.63 -18.71
N SER C 110 -14.71 -0.34 -19.88
CA SER C 110 -14.58 0.95 -20.52
C SER C 110 -15.90 1.70 -20.50
N THR C 111 -15.82 3.00 -20.80
CA THR C 111 -16.97 3.87 -20.85
C THR C 111 -16.95 4.68 -22.15
N ILE C 112 -18.08 5.31 -22.45
CA ILE C 112 -18.22 6.16 -23.63
C ILE C 112 -18.62 7.54 -23.16
N GLY C 113 -17.71 8.50 -23.27
CA GLY C 113 -18.01 9.88 -22.93
C GLY C 113 -18.35 10.10 -21.47
N VAL C 114 -17.65 9.42 -20.56
CA VAL C 114 -17.90 9.59 -19.14
C VAL C 114 -16.62 9.98 -18.42
N CYS C 115 -15.60 9.13 -18.48
CA CYS C 115 -14.34 9.33 -17.78
C CYS C 115 -13.21 9.37 -18.80
N SER C 116 -12.34 10.38 -18.66
CA SER C 116 -11.25 10.55 -19.62
C SER C 116 -10.30 9.36 -19.62
N MET C 117 -10.08 8.75 -18.45
CA MET C 117 -9.11 7.66 -18.36
C MET C 117 -9.64 6.36 -18.96
N THR C 118 -10.93 6.08 -18.81
CA THR C 118 -11.53 4.85 -19.32
C THR C 118 -12.25 5.02 -20.64
N ASP C 119 -12.25 6.23 -21.21
CA ASP C 119 -12.96 6.46 -22.47
C ASP C 119 -12.23 5.79 -23.62
N ILE C 120 -13.01 5.10 -24.46
CA ILE C 120 -12.51 4.66 -25.76
C ILE C 120 -13.09 5.52 -26.88
N ALA C 121 -14.17 6.24 -26.63
CA ALA C 121 -14.76 7.15 -27.60
C ALA C 121 -15.63 8.15 -26.85
N LYS C 122 -15.96 9.25 -27.53
CA LYS C 122 -16.85 10.25 -26.95
C LYS C 122 -18.30 10.01 -27.28
N LYS C 123 -18.59 9.33 -28.39
CA LYS C 123 -19.93 8.97 -28.78
C LYS C 123 -19.97 7.52 -29.24
N PRO C 124 -21.11 6.84 -29.08
CA PRO C 124 -21.19 5.43 -29.49
C PRO C 124 -21.15 5.21 -30.98
N THR C 125 -21.14 6.27 -31.79
CA THR C 125 -21.15 6.12 -33.24
C THR C 125 -19.75 6.05 -33.84
N GLU C 126 -18.71 6.13 -33.03
CA GLU C 126 -17.35 6.07 -33.56
C GLU C 126 -16.99 4.65 -33.98
N THR C 127 -15.86 4.54 -34.68
CA THR C 127 -15.44 3.24 -35.21
C THR C 127 -15.12 2.25 -34.09
N ILE C 128 -14.56 2.74 -32.98
CA ILE C 128 -14.13 1.86 -31.90
C ILE C 128 -15.31 1.09 -31.30
N CYS C 129 -16.47 1.75 -31.19
CA CYS C 129 -17.63 1.13 -30.56
C CYS C 129 -18.46 0.30 -31.53
N ALA C 130 -18.08 0.23 -32.80
CA ALA C 130 -18.85 -0.56 -33.77
C ALA C 130 -18.88 -2.05 -33.44
N PRO C 131 -17.76 -2.72 -33.15
CA PRO C 131 -17.85 -4.16 -32.87
C PRO C 131 -18.44 -4.50 -31.52
N LEU C 132 -18.46 -3.56 -30.58
CA LEU C 132 -18.95 -3.84 -29.24
C LEU C 132 -20.46 -3.70 -29.16
N THR C 133 -21.06 -4.49 -28.28
CA THR C 133 -22.49 -4.42 -28.02
C THR C 133 -22.74 -3.32 -27.00
N VAL C 134 -23.16 -2.15 -27.50
CA VAL C 134 -23.32 -0.97 -26.67
C VAL C 134 -24.72 -0.98 -26.05
N PHE C 135 -24.81 -0.63 -24.77
CA PHE C 135 -26.08 -0.59 -24.07
C PHE C 135 -26.67 0.82 -24.17
N PHE C 136 -27.82 0.93 -24.81
CA PHE C 136 -28.51 2.20 -25.01
C PHE C 136 -29.73 2.27 -24.11
N ASP C 137 -29.87 3.40 -23.41
CA ASP C 137 -30.99 3.64 -22.51
C ASP C 137 -32.01 4.51 -23.23
N GLY C 138 -33.16 3.91 -23.58
CA GLY C 138 -34.17 4.64 -24.32
C GLY C 138 -34.81 5.77 -23.56
N ARG C 139 -34.71 5.77 -22.22
CA ARG C 139 -35.27 6.85 -21.43
C ARG C 139 -34.47 8.14 -21.58
N VAL C 140 -33.24 8.06 -22.07
CA VAL C 140 -32.42 9.23 -22.33
C VAL C 140 -32.71 9.69 -23.75
N ASP C 141 -32.87 11.00 -23.92
CA ASP C 141 -33.25 11.56 -25.22
C ASP C 141 -32.17 11.30 -26.26
N GLY C 142 -32.59 10.87 -27.45
CA GLY C 142 -31.70 10.67 -28.56
C GLY C 142 -31.00 9.33 -28.62
N GLN C 143 -31.16 8.48 -27.61
CA GLN C 143 -30.48 7.20 -27.59
C GLN C 143 -31.16 6.14 -28.44
N VAL C 144 -32.47 6.26 -28.68
CA VAL C 144 -33.15 5.31 -29.56
C VAL C 144 -32.64 5.43 -30.98
N ASP C 145 -32.46 6.67 -31.46
CA ASP C 145 -31.88 6.87 -32.78
C ASP C 145 -30.43 6.42 -32.84
N LEU C 146 -29.69 6.58 -31.74
CA LEU C 146 -28.33 6.06 -31.68
C LEU C 146 -28.33 4.53 -31.81
N PHE C 147 -29.28 3.88 -31.15
CA PHE C 147 -29.40 2.42 -31.25
C PHE C 147 -29.79 2.00 -32.66
N ARG C 148 -30.61 2.81 -33.34
CA ARG C 148 -31.01 2.49 -34.70
C ARG C 148 -29.80 2.45 -35.64
N ASN C 149 -28.80 3.28 -35.38
CA ASN C 149 -27.61 3.36 -36.21
C ASN C 149 -26.44 2.55 -35.68
N ALA C 150 -26.66 1.75 -34.63
CA ALA C 150 -25.60 0.97 -34.02
C ALA C 150 -25.49 -0.39 -34.67
N ARG C 151 -24.24 -0.77 -35.01
CA ARG C 151 -23.99 -2.08 -35.60
C ARG C 151 -24.37 -3.19 -34.62
N ASN C 152 -23.87 -3.10 -33.39
CA ASN C 152 -24.23 -4.01 -32.31
C ASN C 152 -24.66 -3.17 -31.10
N GLY C 153 -25.80 -3.50 -30.54
CA GLY C 153 -26.30 -2.74 -29.40
C GLY C 153 -27.49 -3.41 -28.75
N VAL C 154 -27.77 -2.97 -27.53
CA VAL C 154 -28.93 -3.40 -26.76
C VAL C 154 -29.66 -2.17 -26.26
N LEU C 155 -30.97 -2.15 -26.46
CA LEU C 155 -31.80 -0.99 -26.11
C LEU C 155 -32.88 -1.40 -25.12
N ILE C 156 -33.11 -0.56 -24.12
CA ILE C 156 -34.19 -0.74 -23.16
C ILE C 156 -35.06 0.51 -23.18
N THR C 157 -36.37 0.31 -23.25
CA THR C 157 -37.32 1.41 -23.25
C THR C 157 -38.49 1.08 -22.33
N GLU C 158 -39.05 2.12 -21.72
CA GLU C 158 -40.24 1.96 -20.90
C GLU C 158 -41.51 1.81 -21.73
N GLY C 159 -41.45 2.16 -23.01
CA GLY C 159 -42.59 2.02 -23.89
C GLY C 159 -42.23 1.39 -25.23
N SER C 160 -43.22 1.21 -26.09
CA SER C 160 -42.96 0.60 -27.39
C SER C 160 -42.20 1.55 -28.30
N VAL C 161 -41.48 0.98 -29.25
CA VAL C 161 -40.68 1.72 -30.22
C VAL C 161 -41.17 1.36 -31.62
N LYS C 162 -41.41 2.38 -32.45
CA LYS C 162 -41.95 2.17 -33.78
C LYS C 162 -41.00 1.33 -34.63
N GLY C 163 -41.54 0.33 -35.31
CA GLY C 163 -40.77 -0.50 -36.21
C GLY C 163 -39.96 -1.60 -35.56
N LEU C 164 -40.02 -1.73 -34.24
CA LEU C 164 -39.23 -2.72 -33.51
C LEU C 164 -40.16 -3.60 -32.68
N GLN C 165 -39.92 -4.90 -32.72
CA GLN C 165 -40.69 -5.82 -31.90
C GLN C 165 -40.15 -5.81 -30.47
N PRO C 166 -40.99 -5.62 -29.46
CA PRO C 166 -40.49 -5.55 -28.08
C PRO C 166 -40.36 -6.93 -27.45
N SER C 167 -39.40 -7.02 -26.53
CA SER C 167 -39.20 -8.20 -25.70
C SER C 167 -39.31 -7.76 -24.24
N VAL C 168 -40.43 -8.09 -23.60
CA VAL C 168 -40.69 -7.64 -22.25
C VAL C 168 -39.68 -8.27 -21.30
N GLY C 169 -39.00 -7.44 -20.51
CA GLY C 169 -37.95 -7.90 -19.64
C GLY C 169 -38.45 -8.26 -18.25
N PRO C 170 -37.53 -8.43 -17.32
CA PRO C 170 -37.91 -8.81 -15.95
C PRO C 170 -38.71 -7.72 -15.27
N LYS C 171 -39.60 -8.14 -14.36
CA LYS C 171 -40.38 -7.20 -13.58
C LYS C 171 -39.54 -6.39 -12.61
N GLN C 172 -38.34 -6.87 -12.28
CA GLN C 172 -37.47 -6.21 -11.32
C GLN C 172 -36.30 -5.54 -12.03
N ALA C 173 -35.79 -4.47 -11.42
CA ALA C 173 -34.64 -3.75 -11.92
C ALA C 173 -33.84 -3.22 -10.74
N SER C 174 -32.56 -2.96 -10.99
CA SER C 174 -31.65 -2.48 -9.94
C SER C 174 -31.71 -0.97 -9.85
N LEU C 175 -32.22 -0.47 -8.72
CA LEU C 175 -32.31 0.96 -8.45
C LEU C 175 -31.34 1.29 -7.32
N ASN C 176 -30.21 1.89 -7.68
CA ASN C 176 -29.15 2.22 -6.72
C ASN C 176 -28.72 1.00 -5.93
N GLY C 177 -28.60 -0.14 -6.62
CA GLY C 177 -28.19 -1.37 -5.98
C GLY C 177 -29.30 -2.16 -5.31
N VAL C 178 -30.53 -1.64 -5.29
CA VAL C 178 -31.66 -2.30 -4.64
C VAL C 178 -32.56 -2.88 -5.73
N THR C 179 -32.69 -4.21 -5.74
CA THR C 179 -33.59 -4.87 -6.67
C THR C 179 -35.02 -4.71 -6.18
N LEU C 180 -35.89 -4.19 -7.05
CA LEU C 180 -37.27 -3.93 -6.67
C LEU C 180 -38.16 -3.98 -7.90
N ILE C 181 -39.42 -4.34 -7.68
CA ILE C 181 -40.46 -4.23 -8.70
C ILE C 181 -41.08 -2.84 -8.53
N GLY C 182 -40.80 -1.96 -9.48
CA GLY C 182 -41.14 -0.55 -9.29
C GLY C 182 -42.64 -0.31 -9.26
N GLU C 183 -43.06 0.52 -8.31
CA GLU C 183 -44.43 1.00 -8.21
C GLU C 183 -44.54 2.48 -8.52
N ALA C 184 -43.73 3.31 -7.87
CA ALA C 184 -43.65 4.72 -8.23
C ALA C 184 -42.79 4.96 -9.46
N VAL C 185 -41.95 3.99 -9.84
CA VAL C 185 -41.12 4.06 -11.03
C VAL C 185 -41.37 2.81 -11.87
N LYS C 186 -41.02 2.91 -13.14
CA LYS C 186 -41.19 1.81 -14.08
C LYS C 186 -39.91 0.99 -14.15
N THR C 187 -39.95 -0.24 -13.65
CA THR C 187 -38.79 -1.13 -13.67
C THR C 187 -38.92 -2.26 -14.68
N GLN C 188 -39.95 -2.26 -15.52
CA GLN C 188 -40.10 -3.25 -16.58
C GLN C 188 -39.75 -2.59 -17.91
N PHE C 189 -38.75 -3.13 -18.59
CA PHE C 189 -38.23 -2.54 -19.81
C PHE C 189 -38.45 -3.48 -20.98
N ASN C 190 -38.57 -2.90 -22.17
CA ASN C 190 -38.62 -3.65 -23.42
C ASN C 190 -37.22 -3.72 -24.00
N TYR C 191 -36.72 -4.93 -24.19
CA TYR C 191 -35.34 -5.15 -24.61
C TYR C 191 -35.28 -5.37 -26.11
N TYR C 192 -34.37 -4.66 -26.77
CA TYR C 192 -34.10 -4.84 -28.19
C TYR C 192 -32.61 -5.11 -28.36
N LYS C 193 -32.27 -5.96 -29.33
CA LYS C 193 -30.89 -6.32 -29.58
C LYS C 193 -30.60 -6.24 -31.07
N LYS C 194 -29.38 -5.82 -31.40
CA LYS C 194 -28.91 -5.75 -32.78
C LYS C 194 -27.52 -6.36 -32.85
N VAL C 195 -27.28 -7.17 -33.87
CA VAL C 195 -25.95 -7.68 -34.20
C VAL C 195 -25.71 -7.45 -35.68
N ASP C 196 -24.56 -6.86 -36.01
CA ASP C 196 -24.19 -6.58 -37.39
C ASP C 196 -25.26 -5.77 -38.11
N GLY C 197 -25.98 -4.93 -37.36
CA GLY C 197 -27.05 -4.14 -37.91
C GLY C 197 -28.36 -4.88 -38.12
N VAL C 198 -28.49 -6.09 -37.60
CA VAL C 198 -29.68 -6.92 -37.79
C VAL C 198 -30.36 -7.09 -36.43
N VAL C 199 -31.65 -6.75 -36.38
CA VAL C 199 -32.41 -6.88 -35.14
C VAL C 199 -32.77 -8.35 -34.92
N GLN C 200 -32.43 -8.86 -33.73
CA GLN C 200 -32.83 -10.20 -33.34
C GLN C 200 -34.18 -10.19 -32.63
N GLN C 201 -34.90 -11.29 -32.76
CA GLN C 201 -36.06 -11.57 -31.93
C GLN C 201 -35.56 -12.32 -30.69
N LEU C 202 -35.59 -11.65 -29.55
CA LEU C 202 -35.06 -12.24 -28.33
C LEU C 202 -35.92 -13.44 -27.92
N PRO C 203 -35.30 -14.52 -27.42
CA PRO C 203 -36.06 -15.72 -27.09
C PRO C 203 -36.95 -15.50 -25.87
N GLU C 204 -37.96 -16.36 -25.75
CA GLU C 204 -38.83 -16.33 -24.58
C GLU C 204 -38.12 -17.01 -23.41
N THR C 205 -37.92 -16.26 -22.33
CA THR C 205 -37.08 -16.73 -21.23
C THR C 205 -37.82 -16.60 -19.91
N TYR C 206 -37.46 -17.48 -18.97
CA TYR C 206 -37.81 -17.26 -17.58
C TYR C 206 -36.84 -16.27 -16.96
N PHE C 207 -37.28 -15.62 -15.88
CA PHE C 207 -36.49 -14.58 -15.24
C PHE C 207 -36.31 -14.90 -13.77
N THR C 208 -35.07 -14.83 -13.30
CA THR C 208 -34.79 -15.03 -11.89
C THR C 208 -35.28 -13.82 -11.09
N GLN C 209 -35.83 -14.10 -9.90
CA GLN C 209 -36.42 -13.06 -9.07
C GLN C 209 -35.40 -12.22 -8.33
N SER C 210 -34.14 -12.67 -8.24
CA SER C 210 -33.06 -11.92 -7.63
C SER C 210 -33.40 -11.53 -6.18
N ARG C 211 -33.76 -12.54 -5.39
CA ARG C 211 -34.13 -12.32 -4.00
C ARG C 211 -32.97 -12.66 -3.07
N ASN C 212 -33.05 -12.14 -1.85
CA ASN C 212 -32.05 -12.38 -0.81
C ASN C 212 -32.56 -13.45 0.15
N LEU C 213 -31.62 -14.16 0.77
CA LEU C 213 -32.00 -15.24 1.67
C LEU C 213 -32.58 -14.70 2.97
N GLN C 214 -31.95 -13.68 3.55
CA GLN C 214 -32.40 -13.13 4.82
C GLN C 214 -33.65 -12.27 4.68
N GLU C 215 -33.94 -11.76 3.49
CA GLU C 215 -35.12 -10.94 3.23
C GLU C 215 -36.00 -11.58 2.16
N PHE C 216 -36.16 -12.89 2.22
CA PHE C 216 -36.93 -13.60 1.20
C PHE C 216 -38.42 -13.35 1.39
N LYS C 217 -39.08 -12.97 0.30
CA LYS C 217 -40.52 -12.71 0.29
C LYS C 217 -41.15 -13.53 -0.83
N PRO C 218 -42.09 -14.43 -0.53
CA PRO C 218 -42.73 -15.19 -1.61
C PRO C 218 -43.54 -14.29 -2.52
N ARG C 219 -43.43 -14.53 -3.82
CA ARG C 219 -44.11 -13.72 -4.83
C ARG C 219 -45.27 -14.45 -5.49
N SER C 220 -45.67 -15.61 -4.98
CA SER C 220 -46.76 -16.37 -5.58
C SER C 220 -47.43 -17.21 -4.52
N GLN C 221 -48.65 -17.67 -4.84
CA GLN C 221 -49.40 -18.50 -3.91
C GLN C 221 -48.68 -19.82 -3.65
N MET C 222 -48.11 -20.42 -4.69
CA MET C 222 -47.38 -21.67 -4.51
C MET C 222 -46.17 -21.47 -3.61
N GLU C 223 -45.45 -20.35 -3.76
CA GLU C 223 -44.33 -20.05 -2.89
C GLU C 223 -44.79 -19.83 -1.45
N ILE C 224 -45.93 -19.15 -1.27
CA ILE C 224 -46.48 -18.96 0.07
C ILE C 224 -46.78 -20.31 0.72
N ASP C 225 -47.41 -21.21 -0.04
CA ASP C 225 -47.71 -22.55 0.47
C ASP C 225 -46.43 -23.29 0.81
N PHE C 226 -45.41 -23.17 -0.04
CA PHE C 226 -44.13 -23.82 0.25
C PHE C 226 -43.56 -23.31 1.56
N LEU C 227 -43.65 -22.01 1.82
CA LEU C 227 -43.15 -21.46 3.06
C LEU C 227 -43.95 -21.93 4.27
N GLU C 228 -45.28 -21.93 4.16
CA GLU C 228 -46.09 -22.21 5.35
C GLU C 228 -46.41 -23.69 5.52
N LEU C 229 -46.72 -24.39 4.44
CA LEU C 229 -47.09 -25.79 4.56
C LEU C 229 -45.86 -26.65 4.85
N ALA C 230 -46.12 -27.88 5.29
CA ALA C 230 -45.05 -28.83 5.58
C ALA C 230 -44.54 -29.46 4.29
N MET C 231 -43.70 -30.47 4.45
CA MET C 231 -43.09 -31.11 3.29
C MET C 231 -44.11 -31.97 2.53
N ASP C 232 -44.67 -32.97 3.21
CA ASP C 232 -45.54 -33.93 2.54
C ASP C 232 -46.83 -33.28 2.07
N GLU C 233 -47.39 -32.36 2.88
CA GLU C 233 -48.63 -31.70 2.48
C GLU C 233 -48.44 -30.89 1.20
N PHE C 234 -47.35 -30.13 1.12
CA PHE C 234 -47.07 -29.37 -0.10
C PHE C 234 -46.79 -30.30 -1.27
N ILE C 235 -46.10 -31.41 -1.02
CA ILE C 235 -45.82 -32.37 -2.09
C ILE C 235 -47.12 -32.94 -2.65
N GLU C 236 -48.04 -33.32 -1.77
CA GLU C 236 -49.27 -33.97 -2.21
C GLU C 236 -50.24 -32.97 -2.85
N ARG C 237 -50.30 -31.75 -2.32
CA ARG C 237 -51.29 -30.79 -2.80
C ARG C 237 -51.07 -30.43 -4.27
N TYR C 238 -49.82 -30.22 -4.67
CA TYR C 238 -49.50 -29.75 -6.02
C TYR C 238 -49.13 -30.89 -6.96
N LYS C 239 -49.41 -32.14 -6.60
CA LYS C 239 -49.14 -33.30 -7.45
C LYS C 239 -47.68 -33.35 -7.88
N LEU C 240 -46.78 -33.14 -6.93
CA LEU C 240 -45.34 -33.08 -7.20
C LEU C 240 -44.64 -34.38 -6.83
N GLU C 241 -45.34 -35.52 -6.94
CA GLU C 241 -44.74 -36.82 -6.66
C GLU C 241 -44.02 -37.33 -7.91
N GLY C 242 -42.83 -37.88 -7.70
CA GLY C 242 -42.03 -38.39 -8.79
C GLY C 242 -41.11 -37.39 -9.46
N TYR C 243 -41.13 -36.13 -9.02
CA TYR C 243 -40.25 -35.11 -9.56
C TYR C 243 -39.03 -34.84 -8.67
N ALA C 244 -38.79 -35.71 -7.69
CA ALA C 244 -37.63 -35.62 -6.79
C ALA C 244 -37.57 -34.27 -6.07
N PHE C 245 -38.73 -33.70 -5.75
CA PHE C 245 -38.76 -32.45 -5.01
C PHE C 245 -38.31 -32.63 -3.56
N GLU C 246 -38.11 -33.87 -3.11
CA GLU C 246 -37.63 -34.11 -1.76
C GLU C 246 -36.24 -33.52 -1.56
N ALA C 247 -35.36 -33.67 -2.56
CA ALA C 247 -33.97 -33.25 -2.44
C ALA C 247 -33.64 -32.00 -3.25
N ILE C 248 -34.23 -31.85 -4.45
CA ILE C 248 -33.84 -30.76 -5.33
C ILE C 248 -34.12 -29.41 -4.69
N VAL C 249 -35.29 -29.24 -4.10
CA VAL C 249 -35.71 -27.98 -3.51
C VAL C 249 -35.56 -27.99 -1.99
N TYR C 250 -36.18 -28.96 -1.33
CA TYR C 250 -36.15 -29.00 0.13
C TYR C 250 -34.74 -29.24 0.65
N GLY C 251 -34.00 -30.13 0.01
CA GLY C 251 -32.63 -30.42 0.42
C GLY C 251 -32.55 -31.57 1.39
N ASP C 252 -31.43 -32.27 1.35
CA ASP C 252 -31.16 -33.41 2.22
C ASP C 252 -29.96 -33.10 3.11
N PHE C 253 -30.14 -33.21 4.42
CA PHE C 253 -29.10 -32.91 5.39
C PHE C 253 -28.73 -34.14 6.22
N SER C 254 -29.05 -35.34 5.75
CA SER C 254 -28.79 -36.55 6.49
C SER C 254 -27.34 -37.01 6.43
N HIS C 255 -26.63 -36.68 5.36
CA HIS C 255 -25.26 -37.15 5.14
C HIS C 255 -24.28 -36.00 5.29
N SER C 256 -22.99 -36.36 5.30
CA SER C 256 -21.94 -35.34 5.43
C SER C 256 -21.90 -34.43 4.22
N GLN C 257 -22.31 -34.92 3.05
CA GLN C 257 -22.39 -34.12 1.83
C GLN C 257 -23.83 -33.69 1.63
N LEU C 258 -24.05 -32.39 1.54
CA LEU C 258 -25.41 -31.87 1.35
C LEU C 258 -25.96 -32.31 0.00
N GLY C 259 -27.25 -32.61 -0.03
CA GLY C 259 -27.91 -33.11 -1.22
C GLY C 259 -28.92 -32.12 -1.75
N GLY C 260 -28.87 -31.89 -3.06
CA GLY C 260 -29.83 -31.00 -3.70
C GLY C 260 -29.73 -29.59 -3.19
N LEU C 261 -30.89 -29.01 -2.86
CA LEU C 261 -30.98 -27.63 -2.36
C LEU C 261 -30.43 -26.64 -3.39
N HIS C 262 -30.99 -26.72 -4.60
CA HIS C 262 -30.54 -25.91 -5.73
C HIS C 262 -31.47 -24.74 -6.03
N LEU C 263 -32.57 -24.61 -5.30
CA LEU C 263 -33.50 -23.50 -5.45
C LEU C 263 -33.49 -22.66 -4.18
N LEU C 264 -33.35 -21.34 -4.34
CA LEU C 264 -33.26 -20.46 -3.18
C LEU C 264 -34.55 -20.45 -2.37
N ILE C 265 -35.66 -20.92 -2.92
CA ILE C 265 -36.89 -21.05 -2.14
C ILE C 265 -36.71 -22.10 -1.04
N GLY C 266 -36.08 -23.23 -1.38
CA GLY C 266 -35.77 -24.22 -0.36
C GLY C 266 -34.75 -23.71 0.64
N LEU C 267 -33.78 -22.92 0.18
CA LEU C 267 -32.84 -22.29 1.10
C LEU C 267 -33.55 -21.37 2.06
N ALA C 268 -34.56 -20.63 1.57
CA ALA C 268 -35.34 -19.76 2.45
C ALA C 268 -36.11 -20.57 3.48
N LYS C 269 -36.74 -21.67 3.04
CA LYS C 269 -37.48 -22.49 3.99
C LYS C 269 -36.57 -23.08 5.06
N ARG C 270 -35.37 -23.52 4.66
CA ARG C 270 -34.44 -24.09 5.64
C ARG C 270 -33.88 -23.02 6.57
N PHE C 271 -33.57 -21.84 6.03
CA PHE C 271 -33.04 -20.75 6.84
C PHE C 271 -34.09 -20.24 7.83
N LYS C 272 -35.37 -20.33 7.46
CA LYS C 272 -36.43 -19.89 8.37
C LYS C 272 -36.42 -20.68 9.67
N GLU C 273 -35.93 -21.91 9.66
CA GLU C 273 -35.90 -22.75 10.84
C GLU C 273 -34.50 -22.97 11.40
N SER C 274 -33.46 -22.92 10.56
CA SER C 274 -32.09 -23.15 11.00
C SER C 274 -31.13 -22.38 10.09
N PRO C 275 -30.54 -21.30 10.58
CA PRO C 275 -29.60 -20.54 9.75
C PRO C 275 -28.37 -21.35 9.41
N PHE C 276 -27.81 -21.07 8.22
CA PHE C 276 -26.58 -21.71 7.76
C PHE C 276 -25.71 -20.68 7.06
N GLU C 277 -24.65 -21.14 6.40
CA GLU C 277 -23.65 -20.27 5.81
C GLU C 277 -23.81 -20.21 4.29
N LEU C 278 -23.32 -19.13 3.70
CA LEU C 278 -23.19 -18.97 2.26
C LEU C 278 -21.84 -18.33 1.98
N GLU C 279 -20.84 -19.15 1.66
CA GLU C 279 -19.53 -18.64 1.30
C GLU C 279 -19.50 -18.45 -0.22
N ASP C 280 -19.85 -17.24 -0.66
CA ASP C 280 -19.90 -16.93 -2.10
C ASP C 280 -18.47 -16.67 -2.55
N PHE C 281 -17.79 -17.72 -2.98
CA PHE C 281 -16.39 -17.63 -3.38
C PHE C 281 -16.21 -16.91 -4.71
N ILE C 282 -17.29 -16.62 -5.44
CA ILE C 282 -17.24 -15.76 -6.61
C ILE C 282 -18.29 -14.67 -6.43
N PRO C 283 -17.99 -13.62 -5.66
CA PRO C 283 -19.00 -12.59 -5.41
C PRO C 283 -19.28 -11.70 -6.61
N MET C 284 -20.09 -12.20 -7.54
CA MET C 284 -20.51 -11.45 -8.72
C MET C 284 -22.00 -11.64 -8.91
N ASP C 285 -22.50 -11.19 -10.06
CA ASP C 285 -23.91 -11.33 -10.41
C ASP C 285 -24.03 -12.32 -11.55
N SER C 286 -24.80 -13.38 -11.34
CA SER C 286 -24.99 -14.41 -12.35
C SER C 286 -26.37 -15.04 -12.17
N THR C 287 -26.86 -15.65 -13.25
CA THR C 287 -28.14 -16.35 -13.19
C THR C 287 -28.07 -17.54 -12.24
N VAL C 288 -27.00 -18.32 -12.31
CA VAL C 288 -26.78 -19.45 -11.43
C VAL C 288 -25.61 -19.12 -10.51
N LYS C 289 -25.86 -19.16 -9.21
CA LYS C 289 -24.88 -18.75 -8.21
C LYS C 289 -24.35 -19.98 -7.49
N ASN C 290 -23.03 -20.07 -7.35
CA ASN C 290 -22.36 -21.17 -6.66
C ASN C 290 -22.05 -20.74 -5.23
N TYR C 291 -22.43 -21.58 -4.27
CA TYR C 291 -22.24 -21.28 -2.85
C TYR C 291 -21.55 -22.43 -2.16
N PHE C 292 -20.75 -22.10 -1.14
CA PHE C 292 -20.15 -23.08 -0.25
C PHE C 292 -21.01 -23.13 1.00
N ILE C 293 -22.04 -23.98 0.97
CA ILE C 293 -23.06 -24.04 2.01
C ILE C 293 -22.61 -25.03 3.07
N THR C 294 -22.63 -24.60 4.33
CA THR C 294 -22.34 -25.47 5.47
C THR C 294 -23.53 -25.36 6.43
N ASP C 295 -24.24 -26.46 6.62
CA ASP C 295 -25.41 -26.49 7.49
C ASP C 295 -24.94 -26.53 8.95
N ALA C 296 -25.17 -25.44 9.68
CA ALA C 296 -24.71 -25.35 11.06
C ALA C 296 -25.46 -26.29 12.00
N GLN C 297 -26.62 -26.79 11.59
CA GLN C 297 -27.40 -27.65 12.47
C GLN C 297 -26.96 -29.11 12.36
N THR C 298 -27.08 -29.70 11.17
CA THR C 298 -26.77 -31.11 10.98
C THR C 298 -25.30 -31.38 10.67
N GLY C 299 -24.53 -30.35 10.33
CA GLY C 299 -23.15 -30.53 9.92
C GLY C 299 -22.96 -30.89 8.47
N SER C 300 -24.03 -30.94 7.69
CA SER C 300 -23.92 -31.20 6.26
C SER C 300 -23.30 -29.99 5.56
N SER C 301 -22.41 -30.27 4.60
CA SER C 301 -21.76 -29.20 3.85
C SER C 301 -21.44 -29.69 2.45
N LYS C 302 -21.62 -28.79 1.47
CA LYS C 302 -21.25 -29.07 0.09
C LYS C 302 -20.40 -27.91 -0.41
N CYS C 303 -19.25 -28.24 -1.01
CA CYS C 303 -18.31 -27.21 -1.43
C CYS C 303 -18.90 -26.31 -2.52
N VAL C 304 -19.59 -26.89 -3.49
CA VAL C 304 -20.20 -26.13 -4.59
C VAL C 304 -21.68 -26.50 -4.65
N CYS C 305 -22.54 -25.50 -4.58
CA CYS C 305 -23.99 -25.69 -4.64
C CYS C 305 -24.58 -24.64 -5.56
N SER C 306 -25.01 -25.06 -6.74
CA SER C 306 -25.61 -24.14 -7.71
C SER C 306 -27.03 -23.79 -7.29
N VAL C 307 -27.26 -22.52 -6.96
CA VAL C 307 -28.56 -22.03 -6.51
C VAL C 307 -29.06 -21.02 -7.54
N ILE C 308 -30.28 -21.25 -8.03
CA ILE C 308 -30.91 -20.38 -9.02
C ILE C 308 -32.22 -19.86 -8.43
N ASP C 309 -32.48 -18.57 -8.62
CA ASP C 309 -33.64 -17.92 -8.03
C ASP C 309 -34.82 -17.91 -9.00
N LEU C 310 -35.19 -19.09 -9.47
CA LEU C 310 -36.37 -19.24 -10.30
C LEU C 310 -37.63 -19.16 -9.44
N LEU C 311 -38.68 -18.60 -10.01
CA LEU C 311 -39.99 -18.64 -9.35
C LEU C 311 -40.46 -20.08 -9.26
N LEU C 312 -41.04 -20.45 -8.12
CA LEU C 312 -41.41 -21.84 -7.88
C LEU C 312 -42.42 -22.34 -8.90
N ASP C 313 -43.34 -21.46 -9.34
CA ASP C 313 -44.24 -21.83 -10.43
C ASP C 313 -43.46 -22.09 -11.72
N ASP C 314 -42.48 -21.24 -12.00
CA ASP C 314 -41.67 -21.43 -13.21
C ASP C 314 -40.86 -22.72 -13.13
N PHE C 315 -40.28 -23.01 -11.97
CA PHE C 315 -39.50 -24.24 -11.81
C PHE C 315 -40.41 -25.46 -11.91
N VAL C 316 -41.62 -25.37 -11.35
CA VAL C 316 -42.58 -26.47 -11.46
C VAL C 316 -42.94 -26.71 -12.93
N GLU C 317 -43.18 -25.63 -13.67
CA GLU C 317 -43.48 -25.77 -15.09
C GLU C 317 -42.32 -26.40 -15.84
N ILE C 318 -41.09 -25.97 -15.53
CA ILE C 318 -39.90 -26.52 -16.19
C ILE C 318 -39.79 -28.01 -15.90
N ILE C 319 -39.97 -28.41 -14.64
CA ILE C 319 -39.82 -29.82 -14.27
C ILE C 319 -41.00 -30.66 -14.75
N LYS C 320 -42.16 -30.06 -15.00
CA LYS C 320 -43.31 -30.80 -15.51
C LYS C 320 -43.36 -30.84 -17.03
N SER C 321 -42.57 -30.01 -17.71
CA SER C 321 -42.48 -30.06 -19.16
C SER C 321 -41.45 -31.07 -19.65
N GLN C 322 -40.81 -31.80 -18.75
CA GLN C 322 -39.75 -32.71 -19.10
C GLN C 322 -40.29 -34.09 -19.47
N ASP C 323 -39.51 -34.82 -20.27
CA ASP C 323 -39.76 -36.22 -20.57
C ASP C 323 -39.03 -37.06 -19.54
N LEU C 324 -39.78 -37.84 -18.76
CA LEU C 324 -39.19 -38.58 -17.65
C LEU C 324 -38.57 -39.90 -18.07
N SER C 325 -38.80 -40.36 -19.30
CA SER C 325 -38.30 -41.66 -19.74
C SER C 325 -36.92 -41.54 -20.38
N VAL C 326 -35.99 -40.88 -19.70
CA VAL C 326 -34.60 -40.79 -20.13
C VAL C 326 -33.71 -40.96 -18.90
N VAL C 327 -32.68 -41.80 -19.02
CA VAL C 327 -31.77 -42.03 -17.90
C VAL C 327 -30.98 -40.77 -17.59
N SER C 328 -30.22 -40.27 -18.57
CA SER C 328 -29.43 -39.06 -18.42
C SER C 328 -29.70 -38.13 -19.60
N LYS C 329 -29.97 -36.86 -19.29
CA LYS C 329 -30.30 -35.89 -20.32
C LYS C 329 -29.90 -34.51 -19.83
N VAL C 330 -29.29 -33.73 -20.73
CA VAL C 330 -28.89 -32.35 -20.45
C VAL C 330 -30.00 -31.44 -20.94
N VAL C 331 -30.50 -30.58 -20.06
CA VAL C 331 -31.66 -29.74 -20.33
C VAL C 331 -31.17 -28.35 -20.74
N LYS C 332 -31.68 -27.85 -21.87
CA LYS C 332 -31.39 -26.50 -22.34
C LYS C 332 -32.57 -25.59 -22.00
N VAL C 333 -32.43 -24.81 -20.93
CA VAL C 333 -33.47 -23.90 -20.48
C VAL C 333 -32.94 -22.48 -20.63
N THR C 334 -33.74 -21.62 -21.27
CA THR C 334 -33.34 -20.23 -21.51
C THR C 334 -33.87 -19.37 -20.37
N ILE C 335 -32.95 -18.91 -19.52
CA ILE C 335 -33.29 -18.11 -18.35
C ILE C 335 -32.44 -16.84 -18.38
N ASP C 336 -33.09 -15.69 -18.20
CA ASP C 336 -32.43 -14.39 -18.23
C ASP C 336 -31.68 -14.18 -19.55
N TYR C 337 -32.33 -14.55 -20.66
CA TYR C 337 -31.82 -14.37 -22.02
C TYR C 337 -30.57 -15.20 -22.29
N THR C 338 -30.28 -16.19 -21.45
CA THR C 338 -29.16 -17.09 -21.66
C THR C 338 -29.60 -18.51 -21.40
N GLU C 339 -28.87 -19.46 -21.99
CA GLU C 339 -29.20 -20.87 -21.92
C GLU C 339 -28.53 -21.49 -20.69
N ILE C 340 -29.35 -22.00 -19.77
CA ILE C 340 -28.87 -22.67 -18.57
C ILE C 340 -29.03 -24.17 -18.74
N SER C 341 -27.96 -24.91 -18.50
CA SER C 341 -27.93 -26.35 -18.72
C SER C 341 -28.19 -27.09 -17.41
N PHE C 342 -29.14 -28.02 -17.44
CA PHE C 342 -29.52 -28.80 -16.27
C PHE C 342 -29.29 -30.28 -16.53
N MET C 343 -29.01 -31.02 -15.47
CA MET C 343 -28.92 -32.48 -15.52
C MET C 343 -30.23 -33.08 -15.04
N LEU C 344 -30.81 -33.97 -15.84
CA LEU C 344 -32.04 -34.67 -15.50
C LEU C 344 -31.71 -36.16 -15.38
N TRP C 345 -31.63 -36.64 -14.15
CA TRP C 345 -31.42 -38.06 -13.87
C TRP C 345 -32.76 -38.67 -13.47
N CYS C 346 -33.17 -39.72 -14.17
CA CYS C 346 -34.46 -40.36 -13.94
C CYS C 346 -34.29 -41.86 -13.82
N LYS C 347 -35.12 -42.46 -12.97
CA LYS C 347 -35.15 -43.91 -12.80
C LYS C 347 -36.58 -44.34 -12.56
N ASP C 348 -37.00 -45.42 -13.23
CA ASP C 348 -38.35 -45.97 -13.08
C ASP C 348 -39.42 -44.92 -13.38
N GLY C 349 -39.16 -44.08 -14.38
CA GLY C 349 -40.11 -43.06 -14.76
C GLY C 349 -40.36 -41.97 -13.73
N HIS C 350 -39.33 -41.60 -12.97
CA HIS C 350 -39.44 -40.49 -12.03
C HIS C 350 -38.08 -39.83 -11.87
N VAL C 351 -38.10 -38.54 -11.54
CA VAL C 351 -36.87 -37.76 -11.45
C VAL C 351 -36.06 -38.22 -10.25
N GLU C 352 -34.74 -38.21 -10.40
CA GLU C 352 -33.82 -38.52 -9.31
C GLU C 352 -33.00 -37.33 -8.86
N THR C 353 -32.59 -36.45 -9.77
CA THR C 353 -31.74 -35.32 -9.44
C THR C 353 -31.82 -34.29 -10.56
N PHE C 354 -31.88 -33.01 -10.19
CA PHE C 354 -32.02 -31.93 -11.17
C PHE C 354 -31.19 -30.74 -10.67
N TYR C 355 -29.97 -30.60 -11.20
CA TYR C 355 -29.08 -29.53 -10.82
C TYR C 355 -28.45 -28.92 -12.06
N PRO C 356 -28.07 -27.65 -12.00
CA PRO C 356 -27.43 -27.01 -13.16
C PRO C 356 -26.13 -27.70 -13.54
N LYS C 357 -25.84 -27.71 -14.84
CA LYS C 357 -24.67 -28.40 -15.37
C LYS C 357 -23.38 -27.73 -14.88
N LEU C 358 -22.34 -28.56 -14.75
CA LEU C 358 -20.99 -28.14 -14.37
C LEU C 358 -20.93 -27.61 -12.93
N GLN C 359 -22.09 -27.48 -12.29
CA GLN C 359 -22.19 -26.95 -10.93
C GLN C 359 -21.40 -25.65 -10.76
N SER D 14 2.02 -19.36 -15.45
CA SER D 14 2.07 -19.47 -13.99
C SER D 14 3.11 -18.52 -13.42
N LEU D 15 2.78 -17.89 -12.29
CA LEU D 15 3.71 -16.95 -11.65
C LEU D 15 4.96 -17.67 -11.17
N GLU D 16 4.79 -18.84 -10.57
CA GLU D 16 5.94 -19.58 -10.04
C GLU D 16 6.86 -20.06 -11.15
N ASN D 17 6.29 -20.54 -12.26
CA ASN D 17 7.11 -20.96 -13.39
C ASN D 17 7.85 -19.78 -14.01
N VAL D 18 7.18 -18.63 -14.11
CA VAL D 18 7.83 -17.43 -14.64
C VAL D 18 8.98 -17.01 -13.75
N ALA D 19 8.78 -17.04 -12.43
CA ALA D 19 9.85 -16.68 -11.51
C ALA D 19 11.00 -17.67 -11.55
N PHE D 20 10.69 -18.96 -11.72
CA PHE D 20 11.75 -19.96 -11.89
C PHE D 20 12.56 -19.68 -13.14
N ASN D 21 11.90 -19.36 -14.25
CA ASN D 21 12.62 -19.01 -15.47
C ASN D 21 13.47 -17.77 -15.26
N VAL D 22 12.96 -16.79 -14.51
CA VAL D 22 13.71 -15.57 -14.25
C VAL D 22 14.96 -15.87 -13.44
N VAL D 23 14.83 -16.67 -12.37
CA VAL D 23 15.97 -16.95 -11.52
C VAL D 23 16.94 -17.93 -12.17
N ASN D 24 16.53 -18.67 -13.19
CA ASN D 24 17.44 -19.59 -13.87
C ASN D 24 18.13 -18.98 -15.08
N LYS D 25 17.43 -18.21 -15.91
CA LYS D 25 18.03 -17.64 -17.10
C LYS D 25 17.87 -16.13 -17.24
N GLY D 26 17.25 -15.45 -16.27
CA GLY D 26 17.09 -14.03 -16.34
C GLY D 26 15.88 -13.55 -17.12
N HIS D 27 15.23 -14.43 -17.87
CA HIS D 27 14.06 -14.09 -18.67
C HIS D 27 13.26 -15.37 -18.91
N PHE D 28 11.99 -15.20 -19.24
CA PHE D 28 11.12 -16.35 -19.48
C PHE D 28 11.54 -17.05 -20.76
N ASP D 29 12.21 -18.19 -20.62
CA ASP D 29 12.62 -19.01 -21.76
C ASP D 29 11.61 -20.09 -22.10
N GLY D 30 10.72 -20.45 -21.18
CA GLY D 30 9.73 -21.46 -21.44
C GLY D 30 10.03 -22.83 -20.90
N GLN D 31 10.72 -22.90 -19.76
CA GLN D 31 11.07 -24.17 -19.13
C GLN D 31 10.02 -24.56 -18.09
N GLN D 32 10.14 -25.79 -17.61
CA GLN D 32 9.22 -26.31 -16.60
C GLN D 32 9.92 -26.33 -15.25
N GLY D 33 9.24 -25.82 -14.24
CA GLY D 33 9.76 -25.77 -12.88
C GLY D 33 9.20 -24.57 -12.15
N GLU D 34 9.16 -24.68 -10.82
CA GLU D 34 8.57 -23.65 -9.98
C GLU D 34 9.49 -23.38 -8.80
N VAL D 35 9.40 -22.16 -8.27
CA VAL D 35 10.19 -21.74 -7.11
C VAL D 35 9.25 -21.06 -6.11
N PRO D 36 9.59 -21.04 -4.82
CA PRO D 36 8.74 -20.33 -3.85
C PRO D 36 8.75 -18.84 -4.12
N VAL D 37 7.56 -18.25 -4.24
CA VAL D 37 7.39 -16.86 -4.63
C VAL D 37 6.48 -16.16 -3.62
N SER D 38 6.88 -14.97 -3.18
CA SER D 38 6.07 -14.15 -2.30
C SER D 38 5.93 -12.75 -2.90
N ILE D 39 4.70 -12.24 -2.92
CA ILE D 39 4.39 -10.92 -3.44
C ILE D 39 3.96 -10.03 -2.29
N ILE D 40 4.64 -8.89 -2.13
N ILE D 40 4.64 -8.89 -2.13
CA ILE D 40 4.31 -7.96 -1.05
CA ILE D 40 4.31 -7.96 -1.05
C ILE D 40 4.83 -6.59 -1.44
C ILE D 40 4.83 -6.59 -1.44
N ASN D 41 3.98 -5.57 -1.25
N ASN D 41 3.99 -5.57 -1.25
CA ASN D 41 4.32 -4.18 -1.53
CA ASN D 41 4.33 -4.17 -1.53
C ASN D 41 4.78 -3.98 -2.98
C ASN D 41 4.78 -3.98 -2.98
N ASN D 42 3.95 -4.45 -3.92
N ASN D 42 3.95 -4.45 -3.92
CA ASN D 42 4.18 -4.27 -5.36
CA ASN D 42 4.18 -4.27 -5.36
C ASN D 42 5.54 -4.85 -5.79
C ASN D 42 5.54 -4.85 -5.79
N THR D 43 6.01 -5.87 -5.10
CA THR D 43 7.30 -6.46 -5.39
C THR D 43 7.20 -7.98 -5.36
N VAL D 44 7.90 -8.63 -6.27
CA VAL D 44 7.94 -10.09 -6.34
C VAL D 44 9.25 -10.57 -5.73
N TYR D 45 9.14 -11.42 -4.71
CA TYR D 45 10.30 -11.99 -4.04
C TYR D 45 10.35 -13.50 -4.27
N THR D 46 11.56 -14.04 -4.23
CA THR D 46 11.77 -15.48 -4.30
C THR D 46 12.71 -15.89 -3.17
N LYS D 47 12.51 -17.12 -2.68
CA LYS D 47 13.29 -17.64 -1.56
C LYS D 47 14.48 -18.42 -2.10
N VAL D 48 15.67 -17.84 -1.96
CA VAL D 48 16.92 -18.50 -2.34
C VAL D 48 17.74 -18.70 -1.07
N ASP D 49 18.04 -19.96 -0.76
CA ASP D 49 18.79 -20.33 0.43
C ASP D 49 18.09 -19.79 1.69
N GLY D 50 16.78 -19.96 1.75
CA GLY D 50 16.02 -19.63 2.93
C GLY D 50 15.74 -18.16 3.17
N VAL D 51 16.24 -17.27 2.32
CA VAL D 51 16.04 -15.84 2.48
C VAL D 51 15.41 -15.29 1.20
N ASP D 52 14.43 -14.40 1.37
CA ASP D 52 13.74 -13.83 0.23
C ASP D 52 14.67 -12.89 -0.55
N VAL D 53 14.67 -13.04 -1.87
CA VAL D 53 15.48 -12.23 -2.76
C VAL D 53 14.55 -11.51 -3.73
N GLU D 54 14.73 -10.19 -3.85
CA GLU D 54 13.90 -9.40 -4.74
C GLU D 54 14.13 -9.79 -6.20
N LEU D 55 13.04 -10.00 -6.93
CA LEU D 55 13.11 -10.32 -8.35
C LEU D 55 12.63 -9.20 -9.26
N PHE D 56 11.62 -8.45 -8.85
CA PHE D 56 11.00 -7.46 -9.72
C PHE D 56 10.18 -6.51 -8.87
N GLU D 57 10.38 -5.21 -9.05
CA GLU D 57 9.61 -4.18 -8.39
C GLU D 57 8.77 -3.45 -9.42
N ASN D 58 7.47 -3.40 -9.20
CA ASN D 58 6.52 -2.93 -10.22
C ASN D 58 6.49 -1.41 -10.25
N LYS D 59 6.90 -0.84 -11.39
CA LYS D 59 6.80 0.60 -11.62
C LYS D 59 5.69 0.95 -12.61
N THR D 60 4.87 -0.02 -12.99
CA THR D 60 3.79 0.20 -13.93
C THR D 60 2.46 0.40 -13.21
N THR D 61 1.41 0.62 -14.00
CA THR D 61 0.06 0.71 -13.49
C THR D 61 -0.66 -0.65 -13.48
N LEU D 62 -0.02 -1.68 -14.00
CA LEU D 62 -0.59 -3.01 -14.05
C LEU D 62 -0.43 -3.73 -12.72
N PRO D 63 -1.19 -4.78 -12.47
CA PRO D 63 -0.96 -5.60 -11.27
C PRO D 63 0.45 -6.17 -11.26
N VAL D 64 0.98 -6.36 -10.06
CA VAL D 64 2.39 -6.73 -9.91
C VAL D 64 2.68 -8.06 -10.59
N ASN D 65 1.78 -9.03 -10.46
CA ASN D 65 2.02 -10.32 -11.10
C ASN D 65 1.94 -10.22 -12.62
N VAL D 66 0.97 -9.46 -13.14
CA VAL D 66 0.85 -9.27 -14.58
C VAL D 66 2.06 -8.54 -15.13
N ALA D 67 2.49 -7.48 -14.44
CA ALA D 67 3.66 -6.73 -14.88
C ALA D 67 4.92 -7.61 -14.83
N PHE D 68 5.05 -8.44 -13.81
CA PHE D 68 6.19 -9.34 -13.73
C PHE D 68 6.17 -10.35 -14.87
N GLU D 69 5.00 -10.90 -15.19
CA GLU D 69 4.91 -11.85 -16.29
C GLU D 69 5.26 -11.19 -17.62
N LEU D 70 4.79 -9.94 -17.83
CA LEU D 70 5.12 -9.23 -19.05
C LEU D 70 6.60 -8.91 -19.13
N TRP D 71 7.20 -8.50 -18.00
CA TRP D 71 8.62 -8.17 -17.99
C TRP D 71 9.48 -9.40 -18.28
N ALA D 72 9.13 -10.55 -17.69
CA ALA D 72 9.89 -11.76 -17.96
C ALA D 72 9.77 -12.17 -19.42
N LYS D 73 8.59 -12.02 -20.02
CA LYS D 73 8.35 -12.37 -21.40
C LYS D 73 8.67 -11.22 -22.36
N ARG D 74 9.49 -10.28 -21.95
CA ARG D 74 9.85 -9.17 -22.82
C ARG D 74 10.79 -9.64 -23.93
N ASN D 75 10.92 -8.79 -24.95
CA ASN D 75 11.80 -9.10 -26.07
C ASN D 75 13.24 -8.79 -25.69
N ILE D 76 14.11 -9.80 -25.76
CA ILE D 76 15.52 -9.63 -25.45
C ILE D 76 16.37 -9.48 -26.69
N LYS D 77 15.77 -9.55 -27.87
CA LYS D 77 16.46 -9.32 -29.13
C LYS D 77 16.41 -7.84 -29.49
N PRO D 78 17.30 -7.38 -30.38
CA PRO D 78 17.25 -5.98 -30.81
C PRO D 78 15.90 -5.65 -31.44
N VAL D 79 15.25 -4.62 -30.91
CA VAL D 79 13.91 -4.23 -31.35
C VAL D 79 13.92 -2.73 -31.64
N PRO D 80 13.01 -2.27 -32.50
CA PRO D 80 12.94 -0.84 -32.78
C PRO D 80 12.62 -0.04 -31.53
N GLU D 81 13.15 1.18 -31.48
CA GLU D 81 12.92 2.06 -30.34
C GLU D 81 11.42 2.37 -30.23
N VAL D 82 10.96 2.52 -28.99
CA VAL D 82 9.54 2.71 -28.74
C VAL D 82 9.01 3.96 -29.43
N LYS D 83 9.87 4.99 -29.57
CA LYS D 83 9.45 6.19 -30.29
C LYS D 83 9.16 5.89 -31.76
N ILE D 84 9.96 5.01 -32.37
CA ILE D 84 9.73 4.64 -33.76
C ILE D 84 8.37 3.95 -33.92
N LEU D 85 8.07 3.01 -33.02
CA LEU D 85 6.78 2.31 -33.09
C LEU D 85 5.62 3.25 -32.81
N ASN D 86 5.78 4.18 -31.86
CA ASN D 86 4.73 5.13 -31.56
C ASN D 86 4.47 6.05 -32.73
N ASN D 87 5.52 6.52 -33.40
CA ASN D 87 5.34 7.40 -34.55
C ASN D 87 4.73 6.66 -35.74
N LEU D 88 4.89 5.34 -35.81
CA LEU D 88 4.27 4.54 -36.86
C LEU D 88 2.84 4.14 -36.51
N GLY D 89 2.34 4.53 -35.35
CA GLY D 89 0.98 4.19 -34.96
C GLY D 89 0.79 2.76 -34.52
N VAL D 90 1.85 2.08 -34.10
CA VAL D 90 1.73 0.70 -33.64
C VAL D 90 0.94 0.68 -32.35
N ASP D 91 -0.13 -0.11 -32.33
CA ASP D 91 -0.99 -0.21 -31.16
C ASP D 91 -0.71 -1.43 -30.30
N ILE D 92 -0.19 -2.52 -30.89
CA ILE D 92 0.01 -3.76 -30.16
C ILE D 92 1.00 -4.60 -30.95
N ALA D 93 1.62 -5.57 -30.27
CA ALA D 93 2.63 -6.43 -30.86
C ALA D 93 2.14 -7.87 -30.91
N ALA D 94 2.55 -8.59 -31.95
CA ALA D 94 2.09 -9.96 -32.19
C ALA D 94 3.02 -10.94 -31.50
N ASN D 95 2.51 -11.64 -30.48
CA ASN D 95 3.22 -12.73 -29.81
C ASN D 95 4.56 -12.29 -29.24
N THR D 96 4.64 -11.05 -28.76
CA THR D 96 5.86 -10.55 -28.14
C THR D 96 5.51 -9.35 -27.28
N VAL D 97 6.43 -9.01 -26.38
CA VAL D 97 6.27 -7.87 -25.49
C VAL D 97 7.43 -6.92 -25.76
N ILE D 98 7.12 -5.69 -26.14
CA ILE D 98 8.12 -4.64 -26.32
C ILE D 98 8.17 -3.84 -25.03
N TRP D 99 9.25 -4.00 -24.27
CA TRP D 99 9.39 -3.35 -22.98
C TRP D 99 9.95 -1.95 -23.17
N ASP D 100 9.23 -0.96 -22.66
CA ASP D 100 9.65 0.44 -22.73
C ASP D 100 10.51 0.71 -21.50
N TYR D 101 11.82 0.68 -21.68
CA TYR D 101 12.73 0.88 -20.55
C TYR D 101 12.74 2.32 -20.06
N LYS D 102 12.27 3.26 -20.86
CA LYS D 102 12.15 4.64 -20.40
C LYS D 102 11.10 4.77 -19.31
N ARG D 103 9.94 4.13 -19.51
CA ARG D 103 8.88 4.14 -18.52
C ARG D 103 8.94 2.96 -17.55
N ASP D 104 9.83 1.99 -17.79
CA ASP D 104 9.89 0.76 -17.02
C ASP D 104 8.54 0.05 -17.02
N ALA D 105 7.88 0.10 -18.17
CA ALA D 105 6.54 -0.45 -18.35
C ALA D 105 6.43 -0.98 -19.78
N PRO D 106 5.52 -1.91 -20.03
CA PRO D 106 5.32 -2.37 -21.42
C PRO D 106 4.89 -1.23 -22.33
N ALA D 107 5.39 -1.24 -23.56
CA ALA D 107 5.11 -0.16 -24.49
C ALA D 107 3.67 -0.18 -24.98
N HIS D 108 2.96 -1.29 -24.83
CA HIS D 108 1.59 -1.41 -25.28
C HIS D 108 0.71 -1.94 -24.16
N ILE D 109 -0.52 -1.46 -24.10
CA ILE D 109 -1.43 -1.83 -23.02
C ILE D 109 -1.83 -3.30 -23.13
N SER D 110 -2.14 -3.76 -24.33
CA SER D 110 -2.61 -5.12 -24.57
C SER D 110 -1.53 -5.95 -25.24
N THR D 111 -1.78 -7.26 -25.29
CA THR D 111 -0.86 -8.21 -25.90
C THR D 111 -1.66 -9.22 -26.73
N ILE D 112 -0.93 -10.01 -27.52
CA ILE D 112 -1.51 -11.07 -28.34
C ILE D 112 -0.81 -12.37 -27.96
N GLY D 113 -1.51 -13.23 -27.23
CA GLY D 113 -0.96 -14.55 -26.90
C GLY D 113 0.30 -14.52 -26.06
N VAL D 114 0.35 -13.65 -25.05
CA VAL D 114 1.52 -13.58 -24.18
C VAL D 114 1.10 -13.82 -22.74
N CYS D 115 0.24 -12.96 -22.21
CA CYS D 115 -0.23 -13.04 -20.83
C CYS D 115 -1.74 -13.10 -20.82
N SER D 116 -2.30 -14.00 -20.00
CA SER D 116 -3.74 -14.24 -20.02
C SER D 116 -4.53 -13.02 -19.58
N MET D 117 -3.98 -12.23 -18.66
CA MET D 117 -4.72 -11.08 -18.15
C MET D 117 -4.81 -9.94 -19.15
N THR D 118 -3.75 -9.69 -19.90
CA THR D 118 -3.72 -8.61 -20.89
C THR D 118 -4.02 -9.06 -22.30
N ASP D 119 -4.27 -10.35 -22.52
CA ASP D 119 -4.51 -10.85 -23.86
C ASP D 119 -5.88 -10.42 -24.37
N ILE D 120 -5.91 -9.88 -25.59
CA ILE D 120 -7.16 -9.68 -26.30
C ILE D 120 -7.41 -10.78 -27.31
N ALA D 121 -6.36 -11.51 -27.72
CA ALA D 121 -6.48 -12.62 -28.64
C ALA D 121 -5.25 -13.51 -28.49
N LYS D 122 -5.38 -14.74 -28.96
CA LYS D 122 -4.26 -15.67 -28.93
C LYS D 122 -3.39 -15.57 -30.19
N LYS D 123 -3.98 -15.18 -31.32
CA LYS D 123 -3.27 -14.97 -32.56
C LYS D 123 -3.67 -13.63 -33.16
N PRO D 124 -2.78 -12.98 -33.91
CA PRO D 124 -3.12 -11.68 -34.50
C PRO D 124 -4.13 -11.75 -35.64
N THR D 125 -4.62 -12.94 -36.00
CA THR D 125 -5.56 -13.08 -37.09
C THR D 125 -7.01 -12.91 -36.66
N GLU D 126 -7.27 -12.77 -35.35
CA GLU D 126 -8.65 -12.65 -34.88
C GLU D 126 -9.22 -11.28 -35.23
N THR D 127 -10.55 -11.18 -35.12
CA THR D 127 -11.24 -9.97 -35.54
C THR D 127 -10.91 -8.78 -34.64
N ILE D 128 -10.60 -9.03 -33.37
CA ILE D 128 -10.32 -7.93 -32.45
C ILE D 128 -9.04 -7.19 -32.86
N CYS D 129 -8.05 -7.91 -33.38
CA CYS D 129 -6.78 -7.30 -33.75
C CYS D 129 -6.81 -6.66 -35.14
N ALA D 130 -7.92 -6.80 -35.88
CA ALA D 130 -7.97 -6.21 -37.21
C ALA D 130 -7.87 -4.69 -37.21
N PRO D 131 -8.63 -3.94 -36.39
CA PRO D 131 -8.48 -2.48 -36.43
C PRO D 131 -7.15 -1.98 -35.88
N LEU D 132 -6.46 -2.76 -35.06
CA LEU D 132 -5.22 -2.32 -34.44
C LEU D 132 -4.05 -2.54 -35.38
N THR D 133 -3.09 -1.61 -35.34
CA THR D 133 -1.85 -1.72 -36.09
C THR D 133 -0.92 -2.65 -35.33
N VAL D 134 -0.81 -3.88 -35.80
CA VAL D 134 -0.08 -4.93 -35.09
C VAL D 134 1.37 -4.94 -35.55
N PHE D 135 2.30 -4.99 -34.60
CA PHE D 135 3.73 -5.01 -34.92
C PHE D 135 4.17 -6.45 -35.14
N PHE D 136 4.71 -6.73 -36.33
CA PHE D 136 5.17 -8.06 -36.69
C PHE D 136 6.69 -8.06 -36.80
N ASP D 137 7.32 -9.10 -36.24
CA ASP D 137 8.76 -9.25 -36.24
C ASP D 137 9.13 -10.26 -37.33
N GLY D 138 9.72 -9.77 -38.43
CA GLY D 138 10.05 -10.64 -39.54
C GLY D 138 11.12 -11.65 -39.23
N ARG D 139 11.90 -11.44 -38.17
CA ARG D 139 12.89 -12.42 -37.76
C ARG D 139 12.25 -13.68 -37.19
N VAL D 140 11.13 -13.56 -36.50
CA VAL D 140 10.38 -14.70 -35.99
C VAL D 140 9.71 -15.40 -37.16
N ASP D 141 9.81 -16.72 -37.20
CA ASP D 141 9.27 -17.49 -38.32
C ASP D 141 7.76 -17.36 -38.39
N GLY D 142 7.25 -17.13 -39.60
CA GLY D 142 5.82 -17.08 -39.85
C GLY D 142 5.15 -15.74 -39.58
N GLN D 143 5.92 -14.71 -39.24
CA GLN D 143 5.32 -13.40 -38.97
C GLN D 143 5.18 -12.54 -40.21
N VAL D 144 6.05 -12.73 -41.21
CA VAL D 144 5.88 -12.02 -42.47
C VAL D 144 4.59 -12.46 -43.16
N ASP D 145 4.30 -13.76 -43.14
CA ASP D 145 3.03 -14.24 -43.69
C ASP D 145 1.85 -13.67 -42.92
N LEU D 146 1.97 -13.56 -41.60
CA LEU D 146 0.91 -12.95 -40.80
C LEU D 146 0.72 -11.49 -41.19
N PHE D 147 1.82 -10.77 -41.42
CA PHE D 147 1.73 -9.37 -41.82
C PHE D 147 1.09 -9.22 -43.20
N ARG D 148 1.33 -10.18 -44.09
CA ARG D 148 0.73 -10.11 -45.42
C ARG D 148 -0.79 -10.16 -45.36
N ASN D 149 -1.35 -10.95 -44.44
CA ASN D 149 -2.80 -11.07 -44.29
C ASN D 149 -3.38 -10.08 -43.28
N ALA D 150 -2.56 -9.26 -42.65
CA ALA D 150 -3.05 -8.32 -41.65
C ALA D 150 -3.63 -7.07 -42.33
N ARG D 151 -4.79 -6.64 -41.84
CA ARG D 151 -5.40 -5.42 -42.36
C ARG D 151 -4.55 -4.20 -42.02
N ASN D 152 -4.17 -4.06 -40.76
CA ASN D 152 -3.29 -2.99 -40.31
C ASN D 152 -2.12 -3.62 -39.56
N GLY D 153 -0.90 -3.25 -39.95
CA GLY D 153 0.26 -3.82 -39.30
C GLY D 153 1.54 -3.12 -39.73
N VAL D 154 2.58 -3.34 -38.93
CA VAL D 154 3.92 -2.84 -39.21
C VAL D 154 4.89 -4.00 -39.09
N LEU D 155 5.75 -4.17 -40.09
CA LEU D 155 6.68 -5.30 -40.15
C LEU D 155 8.11 -4.78 -40.24
N ILE D 156 9.01 -5.41 -39.49
CA ILE D 156 10.44 -5.12 -39.56
C ILE D 156 11.15 -6.42 -39.94
N THR D 157 12.08 -6.31 -40.89
CA THR D 157 12.86 -7.46 -41.32
C THR D 157 14.32 -7.06 -41.47
N GLU D 158 15.22 -8.00 -41.20
CA GLU D 158 16.64 -7.79 -41.40
C GLU D 158 17.04 -7.82 -42.86
N GLY D 159 16.15 -8.28 -43.74
CA GLY D 159 16.43 -8.33 -45.17
C GLY D 159 15.24 -7.94 -46.01
N SER D 160 15.32 -8.20 -47.32
CA SER D 160 14.25 -7.84 -48.23
C SER D 160 13.09 -8.83 -48.12
N VAL D 161 11.90 -8.35 -48.50
CA VAL D 161 10.69 -9.15 -48.54
C VAL D 161 10.16 -9.13 -49.96
N LYS D 162 9.85 -10.33 -50.49
CA LYS D 162 9.40 -10.44 -51.87
C LYS D 162 8.10 -9.68 -52.09
N GLY D 163 8.06 -8.87 -53.15
CA GLY D 163 6.87 -8.13 -53.51
C GLY D 163 6.64 -6.86 -52.73
N LEU D 164 7.50 -6.52 -51.78
CA LEU D 164 7.33 -5.35 -50.94
C LEU D 164 8.55 -4.43 -51.05
N GLN D 165 8.29 -3.13 -51.16
CA GLN D 165 9.35 -2.14 -51.20
C GLN D 165 9.77 -1.79 -49.78
N PRO D 166 11.04 -1.91 -49.42
CA PRO D 166 11.45 -1.68 -48.04
C PRO D 166 11.78 -0.23 -47.76
N SER D 167 11.58 0.16 -46.50
CA SER D 167 11.92 1.49 -46.00
C SER D 167 13.02 1.30 -44.97
N VAL D 168 14.25 1.73 -45.31
CA VAL D 168 15.39 1.54 -44.43
C VAL D 168 15.19 2.37 -43.17
N GLY D 169 15.29 1.72 -42.01
CA GLY D 169 15.06 2.38 -40.75
C GLY D 169 16.33 2.94 -40.13
N PRO D 170 16.26 3.27 -38.84
CA PRO D 170 17.44 3.83 -38.17
C PRO D 170 18.56 2.81 -38.06
N LYS D 171 19.80 3.32 -38.03
CA LYS D 171 20.95 2.44 -37.87
C LYS D 171 20.98 1.81 -36.49
N GLN D 172 20.37 2.45 -35.50
CA GLN D 172 20.40 1.97 -34.12
C GLN D 172 19.08 1.30 -33.74
N ALA D 173 19.15 0.47 -32.71
CA ALA D 173 17.98 -0.23 -32.19
C ALA D 173 18.18 -0.49 -30.71
N SER D 174 17.10 -0.85 -30.03
CA SER D 174 17.10 -1.08 -28.60
C SER D 174 17.35 -2.56 -28.31
N LEU D 175 18.40 -2.83 -27.53
CA LEU D 175 18.76 -4.20 -27.14
C LEU D 175 18.83 -4.25 -25.62
N ASN D 176 17.81 -4.85 -25.00
CA ASN D 176 17.73 -4.96 -23.54
C ASN D 176 17.87 -3.59 -22.87
N GLY D 177 17.22 -2.59 -23.46
CA GLY D 177 17.29 -1.24 -22.94
C GLY D 177 18.52 -0.46 -23.33
N VAL D 178 19.41 -1.04 -24.14
CA VAL D 178 20.62 -0.38 -24.60
C VAL D 178 20.45 -0.04 -26.07
N THR D 179 20.45 1.25 -26.40
CA THR D 179 20.34 1.71 -27.77
C THR D 179 21.73 1.71 -28.39
N LEU D 180 21.94 0.85 -29.38
CA LEU D 180 23.26 0.68 -29.96
C LEU D 180 23.14 0.41 -31.46
N ILE D 181 24.22 0.73 -32.18
CA ILE D 181 24.35 0.33 -33.57
C ILE D 181 25.03 -1.03 -33.60
N GLY D 182 24.29 -2.06 -33.98
CA GLY D 182 24.75 -3.42 -33.82
C GLY D 182 25.94 -3.75 -34.71
N GLU D 183 26.95 -4.37 -34.11
CA GLU D 183 28.08 -4.95 -34.83
C GLU D 183 28.03 -6.46 -34.85
N ALA D 184 27.88 -7.10 -33.70
CA ALA D 184 27.65 -8.54 -33.64
C ALA D 184 26.23 -8.91 -34.02
N VAL D 185 25.27 -8.02 -33.81
CA VAL D 185 23.88 -8.23 -34.17
C VAL D 185 23.47 -7.19 -35.21
N LYS D 186 22.37 -7.48 -35.90
CA LYS D 186 21.84 -6.57 -36.91
C LYS D 186 20.76 -5.69 -36.29
N THR D 187 21.04 -4.39 -36.20
CA THR D 187 20.11 -3.44 -35.62
C THR D 187 19.44 -2.52 -36.64
N GLN D 188 19.66 -2.75 -37.93
CA GLN D 188 19.01 -1.97 -38.99
C GLN D 188 17.92 -2.83 -39.62
N PHE D 189 16.70 -2.30 -39.63
CA PHE D 189 15.54 -3.04 -40.08
C PHE D 189 14.88 -2.34 -41.26
N ASN D 190 14.15 -3.10 -42.06
CA ASN D 190 13.33 -2.58 -43.15
C ASN D 190 11.89 -2.54 -42.69
N TYR D 191 11.28 -1.36 -42.75
CA TYR D 191 9.95 -1.14 -42.20
C TYR D 191 8.90 -1.22 -43.30
N TYR D 192 7.88 -2.04 -43.08
CA TYR D 192 6.73 -2.15 -43.96
C TYR D 192 5.47 -1.85 -43.15
N LYS D 193 4.58 -1.04 -43.71
CA LYS D 193 3.37 -0.64 -43.02
C LYS D 193 2.15 -0.93 -43.88
N LYS D 194 1.10 -1.46 -43.26
CA LYS D 194 -0.18 -1.69 -43.91
C LYS D 194 -1.28 -1.04 -43.10
N VAL D 195 -2.18 -0.34 -43.79
CA VAL D 195 -3.40 0.19 -43.19
C VAL D 195 -4.55 -0.11 -44.14
N ASP D 196 -5.61 -0.72 -43.62
CA ASP D 196 -6.78 -1.12 -44.41
C ASP D 196 -6.39 -2.04 -45.56
N GLY D 197 -5.38 -2.88 -45.32
CA GLY D 197 -5.00 -3.88 -46.29
C GLY D 197 -4.13 -3.41 -47.43
N VAL D 198 -3.73 -2.15 -47.44
CA VAL D 198 -2.92 -1.58 -48.52
C VAL D 198 -1.53 -1.27 -47.95
N VAL D 199 -0.51 -1.53 -48.74
CA VAL D 199 0.87 -1.28 -48.33
C VAL D 199 1.22 0.16 -48.66
N GLN D 200 1.50 0.96 -47.63
CA GLN D 200 1.93 2.33 -47.83
C GLN D 200 3.43 2.40 -48.08
N GLN D 201 3.82 3.42 -48.85
CA GLN D 201 5.23 3.76 -49.04
C GLN D 201 5.61 4.76 -47.95
N LEU D 202 6.40 4.30 -46.99
CA LEU D 202 6.75 5.15 -45.86
C LEU D 202 7.60 6.34 -46.33
N PRO D 203 7.44 7.51 -45.72
CA PRO D 203 8.14 8.70 -46.21
C PRO D 203 9.63 8.64 -45.94
N GLU D 204 10.38 9.45 -46.68
CA GLU D 204 11.80 9.60 -46.42
C GLU D 204 12.00 10.51 -45.22
N THR D 205 12.63 9.98 -44.18
CA THR D 205 12.67 10.64 -42.88
C THR D 205 14.09 10.76 -42.37
N TYR D 206 14.33 11.81 -41.59
CA TYR D 206 15.52 11.90 -40.75
C TYR D 206 15.29 11.11 -39.47
N PHE D 207 16.39 10.61 -38.89
CA PHE D 207 16.31 9.76 -37.72
C PHE D 207 17.11 10.37 -36.59
N THR D 208 16.51 10.41 -35.40
CA THR D 208 17.23 10.85 -34.21
C THR D 208 18.22 9.78 -33.79
N GLN D 209 19.39 10.22 -33.32
CA GLN D 209 20.46 9.31 -32.95
C GLN D 209 20.25 8.66 -31.59
N SER D 210 19.36 9.21 -30.76
CA SER D 210 19.03 8.65 -29.45
C SER D 210 20.26 8.43 -28.59
N ARG D 211 21.08 9.47 -28.47
CA ARG D 211 22.29 9.41 -27.67
C ARG D 211 22.03 9.95 -26.27
N ASN D 212 22.96 9.66 -25.37
CA ASN D 212 22.89 10.10 -23.98
C ASN D 212 23.72 11.36 -23.77
N LEU D 213 23.35 12.14 -22.75
CA LEU D 213 24.08 13.37 -22.46
C LEU D 213 25.45 13.05 -21.87
N GLN D 214 25.50 12.14 -20.91
CA GLN D 214 26.75 11.81 -20.23
C GLN D 214 27.60 10.81 -21.01
N GLU D 215 27.03 10.15 -22.02
CA GLU D 215 27.75 9.19 -22.85
C GLU D 215 27.65 9.58 -24.31
N PHE D 216 27.81 10.87 -24.60
CA PHE D 216 27.69 11.34 -25.98
C PHE D 216 28.94 10.98 -26.77
N LYS D 217 28.72 10.35 -27.93
CA LYS D 217 29.80 9.98 -28.83
C LYS D 217 29.48 10.53 -30.21
N PRO D 218 30.32 11.41 -30.77
CA PRO D 218 30.05 11.93 -32.11
C PRO D 218 30.02 10.80 -33.14
N ARG D 219 29.13 10.94 -34.12
CA ARG D 219 28.97 9.94 -35.18
C ARG D 219 29.33 10.49 -36.55
N SER D 220 29.95 11.67 -36.61
CA SER D 220 30.33 12.26 -37.88
C SER D 220 31.45 13.27 -37.64
N GLN D 221 32.11 13.66 -38.74
CA GLN D 221 33.20 14.62 -38.65
C GLN D 221 32.71 15.98 -38.17
N MET D 222 31.54 16.41 -38.62
CA MET D 222 31.01 17.70 -38.20
C MET D 222 30.75 17.72 -36.70
N GLU D 223 30.23 16.62 -36.16
CA GLU D 223 30.01 16.55 -34.72
C GLU D 223 31.33 16.59 -33.94
N ILE D 224 32.36 15.91 -34.45
CA ILE D 224 33.66 15.95 -33.80
C ILE D 224 34.20 17.37 -33.79
N ASP D 225 34.10 18.06 -34.94
CA ASP D 225 34.55 19.44 -35.01
C ASP D 225 33.77 20.34 -34.06
N PHE D 226 32.46 20.14 -33.98
CA PHE D 226 31.65 20.92 -33.04
C PHE D 226 32.13 20.70 -31.61
N LEU D 227 32.44 19.46 -31.26
CA LEU D 227 32.87 19.17 -29.90
C LEU D 227 34.26 19.72 -29.59
N GLU D 228 35.16 19.73 -30.57
CA GLU D 228 36.54 20.13 -30.28
C GLU D 228 36.77 21.63 -30.48
N LEU D 229 36.28 22.20 -31.59
CA LEU D 229 36.52 23.60 -31.86
C LEU D 229 35.63 24.49 -31.01
N ALA D 230 35.96 25.78 -31.01
CA ALA D 230 35.09 26.77 -30.38
C ALA D 230 33.92 27.11 -31.29
N MET D 231 33.10 28.05 -30.84
CA MET D 231 31.91 28.44 -31.59
C MET D 231 32.29 29.12 -32.91
N ASP D 232 33.18 30.13 -32.83
CA ASP D 232 33.49 30.93 -34.01
C ASP D 232 34.21 30.10 -35.08
N GLU D 233 35.19 29.28 -34.67
CA GLU D 233 35.93 28.49 -35.64
C GLU D 233 35.03 27.48 -36.34
N PHE D 234 34.17 26.79 -35.58
CA PHE D 234 33.27 25.81 -36.17
C PHE D 234 32.27 26.49 -37.10
N ILE D 235 31.75 27.66 -36.70
CA ILE D 235 30.83 28.39 -37.56
C ILE D 235 31.51 28.81 -38.85
N GLU D 236 32.75 29.31 -38.75
CA GLU D 236 33.46 29.78 -39.93
C GLU D 236 33.79 28.64 -40.89
N ARG D 237 34.28 27.51 -40.37
CA ARG D 237 34.73 26.44 -41.26
C ARG D 237 33.57 25.85 -42.06
N TYR D 238 32.41 25.69 -41.43
CA TYR D 238 31.27 25.04 -42.06
C TYR D 238 30.28 26.02 -42.67
N LYS D 239 30.64 27.31 -42.77
CA LYS D 239 29.81 28.32 -43.40
C LYS D 239 28.43 28.39 -42.76
N LEU D 240 28.41 28.56 -41.43
CA LEU D 240 27.17 28.55 -40.66
C LEU D 240 26.87 29.93 -40.07
N GLU D 241 27.16 30.98 -40.83
CA GLU D 241 26.80 32.34 -40.42
C GLU D 241 25.43 32.71 -40.96
N GLY D 242 24.65 33.41 -40.14
CA GLY D 242 23.30 33.78 -40.49
C GLY D 242 22.23 32.77 -40.13
N TYR D 243 22.62 31.60 -39.63
CA TYR D 243 21.68 30.58 -39.21
C TYR D 243 21.52 30.53 -37.69
N ALA D 244 22.08 31.50 -36.97
CA ALA D 244 21.90 31.64 -35.53
C ALA D 244 22.35 30.38 -34.77
N PHE D 245 23.43 29.77 -35.24
CA PHE D 245 23.96 28.60 -34.54
C PHE D 245 24.50 28.95 -33.16
N GLU D 246 24.79 30.23 -32.90
CA GLU D 246 25.27 30.64 -31.59
C GLU D 246 24.19 30.47 -30.51
N ALA D 247 22.93 30.42 -30.92
CA ALA D 247 21.81 30.31 -29.99
C ALA D 247 21.10 28.97 -30.08
N ILE D 248 20.78 28.51 -31.30
CA ILE D 248 19.99 27.28 -31.46
C ILE D 248 20.74 26.09 -30.91
N VAL D 249 22.02 25.97 -31.24
CA VAL D 249 22.79 24.77 -30.88
C VAL D 249 23.61 25.02 -29.62
N TYR D 250 24.48 26.04 -29.67
CA TYR D 250 25.34 26.32 -28.52
C TYR D 250 24.52 26.75 -27.30
N GLY D 251 23.53 27.60 -27.51
CA GLY D 251 22.71 28.06 -26.40
C GLY D 251 23.20 29.37 -25.82
N ASP D 252 22.28 30.11 -25.23
CA ASP D 252 22.56 31.41 -24.62
C ASP D 252 22.31 31.33 -23.12
N PHE D 253 23.31 31.75 -22.34
CA PHE D 253 23.22 31.71 -20.88
C PHE D 253 23.39 33.09 -20.25
N SER D 254 23.29 34.15 -21.05
CA SER D 254 23.51 35.50 -20.54
C SER D 254 22.31 36.03 -19.78
N HIS D 255 21.13 35.44 -19.99
CA HIS D 255 19.89 35.90 -19.37
C HIS D 255 19.37 34.86 -18.39
N SER D 256 18.41 35.29 -17.57
CA SER D 256 17.79 34.39 -16.61
C SER D 256 17.02 33.27 -17.29
N GLN D 257 16.54 33.51 -18.50
CA GLN D 257 15.84 32.50 -19.29
C GLN D 257 16.79 31.93 -20.33
N LEU D 258 16.92 30.60 -20.34
CA LEU D 258 17.82 29.95 -21.27
C LEU D 258 17.36 30.16 -22.70
N GLY D 259 18.32 30.37 -23.60
CA GLY D 259 18.04 30.64 -25.00
C GLY D 259 18.51 29.50 -25.88
N GLY D 260 17.62 29.06 -26.76
CA GLY D 260 17.97 28.02 -27.71
C GLY D 260 18.27 26.70 -27.02
N LEU D 261 19.42 26.11 -27.38
CA LEU D 261 19.86 24.82 -26.86
C LEU D 261 18.82 23.73 -27.18
N HIS D 262 18.45 23.65 -28.45
CA HIS D 262 17.44 22.71 -28.90
C HIS D 262 18.04 21.48 -29.58
N LEU D 263 19.36 21.32 -29.55
CA LEU D 263 20.04 20.14 -30.06
C LEU D 263 20.82 19.49 -28.93
N LEU D 264 20.74 18.15 -28.86
CA LEU D 264 21.43 17.44 -27.79
C LEU D 264 22.95 17.56 -27.90
N ILE D 265 23.47 17.85 -29.08
CA ILE D 265 24.91 18.02 -29.23
C ILE D 265 25.40 19.25 -28.48
N GLY D 266 24.63 20.35 -28.53
CA GLY D 266 24.98 21.52 -27.76
C GLY D 266 24.89 21.28 -26.26
N LEU D 267 23.86 20.54 -25.83
CA LEU D 267 23.76 20.17 -24.41
C LEU D 267 24.96 19.33 -23.99
N ALA D 268 25.40 18.40 -24.83
CA ALA D 268 26.57 17.59 -24.51
C ALA D 268 27.83 18.44 -24.44
N LYS D 269 27.99 19.38 -25.38
CA LYS D 269 29.16 20.27 -25.35
C LYS D 269 29.18 21.09 -24.07
N ARG D 270 28.02 21.63 -23.65
CA ARG D 270 27.96 22.37 -22.40
C ARG D 270 28.23 21.46 -21.21
N PHE D 271 27.68 20.25 -21.22
CA PHE D 271 27.88 19.31 -20.11
C PHE D 271 29.34 18.91 -19.97
N LYS D 272 30.08 18.89 -21.09
CA LYS D 272 31.50 18.58 -21.01
C LYS D 272 32.25 19.59 -20.17
N GLU D 273 31.94 20.88 -20.33
CA GLU D 273 32.62 21.92 -19.59
C GLU D 273 31.91 22.33 -18.31
N SER D 274 30.58 22.25 -18.28
CA SER D 274 29.80 22.68 -17.11
C SER D 274 28.56 21.80 -17.00
N PRO D 275 28.59 20.79 -16.14
CA PRO D 275 27.41 19.93 -15.96
C PRO D 275 26.23 20.72 -15.40
N PHE D 276 25.03 20.30 -15.81
CA PHE D 276 23.80 20.93 -15.34
C PHE D 276 22.72 19.89 -15.07
N GLU D 277 21.52 20.35 -14.73
CA GLU D 277 20.44 19.46 -14.31
C GLU D 277 19.39 19.35 -15.41
N LEU D 278 18.96 18.11 -15.68
CA LEU D 278 17.89 17.83 -16.64
C LEU D 278 16.74 17.16 -15.88
N GLU D 279 15.68 17.92 -15.60
CA GLU D 279 14.47 17.36 -15.00
C GLU D 279 13.54 16.93 -16.12
N ASP D 280 13.53 15.64 -16.42
CA ASP D 280 12.64 15.08 -17.44
C ASP D 280 11.29 14.83 -16.78
N PHE D 281 10.41 15.83 -16.85
CA PHE D 281 9.11 15.75 -16.20
C PHE D 281 8.12 14.87 -16.96
N ILE D 282 8.47 14.43 -18.16
CA ILE D 282 7.69 13.42 -18.87
C ILE D 282 8.63 12.29 -19.25
N PRO D 283 8.92 11.36 -18.35
CA PRO D 283 9.88 10.30 -18.66
C PRO D 283 9.31 9.25 -19.60
N MET D 284 9.29 9.57 -20.89
CA MET D 284 8.86 8.66 -21.93
C MET D 284 9.79 8.79 -23.12
N ASP D 285 9.59 7.94 -24.12
CA ASP D 285 10.41 7.93 -25.32
C ASP D 285 9.66 8.66 -26.44
N SER D 286 10.27 9.73 -26.94
CA SER D 286 9.67 10.51 -28.02
C SER D 286 10.78 11.14 -28.84
N THR D 287 10.43 11.52 -30.08
CA THR D 287 11.40 12.14 -30.97
C THR D 287 11.88 13.48 -30.42
N VAL D 288 10.96 14.31 -29.94
CA VAL D 288 11.27 15.61 -29.35
C VAL D 288 11.04 15.52 -27.85
N LYS D 289 12.10 15.72 -27.08
CA LYS D 289 12.04 15.61 -25.63
C LYS D 289 12.05 16.98 -25.00
N ASN D 290 11.25 17.14 -23.94
CA ASN D 290 11.16 18.40 -23.21
C ASN D 290 11.84 18.24 -21.85
N TYR D 291 12.75 19.15 -21.54
CA TYR D 291 13.52 19.08 -20.30
C TYR D 291 13.40 20.38 -19.54
N PHE D 292 13.52 20.29 -18.21
CA PHE D 292 13.57 21.45 -17.33
C PHE D 292 15.04 21.71 -17.04
N ILE D 293 15.70 22.39 -17.97
CA ILE D 293 17.14 22.59 -17.92
C ILE D 293 17.46 23.73 -16.97
N THR D 294 18.36 23.48 -16.02
CA THR D 294 18.85 24.48 -15.09
C THR D 294 20.36 24.51 -15.13
N ASP D 295 20.92 25.61 -15.66
CA ASP D 295 22.37 25.74 -15.78
C ASP D 295 22.96 26.03 -14.41
N ALA D 296 23.80 25.11 -13.91
CA ALA D 296 24.35 25.24 -12.58
C ALA D 296 25.44 26.31 -12.48
N GLN D 297 26.02 26.71 -13.61
CA GLN D 297 27.12 27.66 -13.58
C GLN D 297 26.64 29.11 -13.66
N THR D 298 25.74 29.42 -14.59
CA THR D 298 25.28 30.78 -14.78
C THR D 298 23.90 31.04 -14.21
N GLY D 299 23.15 29.99 -13.87
CA GLY D 299 21.81 30.16 -13.34
C GLY D 299 20.71 30.31 -14.38
N SER D 300 21.03 30.18 -15.66
CA SER D 300 20.01 30.30 -16.70
C SER D 300 19.19 29.01 -16.75
N SER D 301 17.87 29.15 -16.60
CA SER D 301 16.98 28.02 -16.59
C SER D 301 15.75 28.32 -17.44
N LYS D 302 15.29 27.29 -18.16
CA LYS D 302 14.06 27.37 -18.93
C LYS D 302 13.15 26.23 -18.49
N CYS D 303 11.89 26.54 -18.22
CA CYS D 303 10.98 25.53 -17.67
C CYS D 303 10.77 24.38 -18.64
N VAL D 304 10.58 24.67 -19.93
CA VAL D 304 10.41 23.66 -20.95
C VAL D 304 11.38 23.96 -22.09
N CYS D 305 12.05 22.92 -22.59
CA CYS D 305 13.05 23.07 -23.64
C CYS D 305 12.98 21.84 -24.54
N SER D 306 12.60 22.05 -25.80
CA SER D 306 12.52 20.96 -26.76
C SER D 306 13.92 20.60 -27.26
N VAL D 307 14.38 19.41 -26.91
CA VAL D 307 15.69 18.91 -27.32
C VAL D 307 15.48 17.73 -28.25
N ILE D 308 16.03 17.82 -29.45
CA ILE D 308 15.91 16.77 -30.47
C ILE D 308 17.31 16.28 -30.82
N ASP D 309 17.47 14.96 -30.88
CA ASP D 309 18.78 14.35 -31.08
C ASP D 309 19.03 14.08 -32.57
N LEU D 310 18.89 15.12 -33.37
CA LEU D 310 19.20 15.01 -34.79
C LEU D 310 20.71 14.97 -35.01
N LEU D 311 21.12 14.27 -36.05
CA LEU D 311 22.52 14.32 -36.46
C LEU D 311 22.86 15.74 -36.90
N LEU D 312 24.05 16.21 -36.53
CA LEU D 312 24.41 17.60 -36.80
C LEU D 312 24.44 17.90 -38.28
N ASP D 313 24.93 16.95 -39.10
CA ASP D 313 24.85 17.12 -40.54
C ASP D 313 23.40 17.18 -41.01
N ASP D 314 22.55 16.33 -40.45
CA ASP D 314 21.13 16.34 -40.83
C ASP D 314 20.48 17.66 -40.45
N PHE D 315 20.76 18.17 -39.25
CA PHE D 315 20.18 19.44 -38.84
C PHE D 315 20.70 20.59 -39.68
N VAL D 316 21.98 20.56 -40.05
CA VAL D 316 22.54 21.58 -40.91
C VAL D 316 21.85 21.57 -42.27
N GLU D 317 21.64 20.38 -42.84
CA GLU D 317 20.93 20.28 -44.10
C GLU D 317 19.50 20.79 -43.98
N ILE D 318 18.83 20.46 -42.86
CA ILE D 318 17.46 20.90 -42.65
C ILE D 318 17.39 22.42 -42.60
N ILE D 319 18.31 23.04 -41.85
CA ILE D 319 18.28 24.49 -41.68
C ILE D 319 18.79 25.23 -42.93
N LYS D 320 19.58 24.57 -43.77
CA LYS D 320 20.03 25.18 -45.02
C LYS D 320 19.07 24.95 -46.17
N SER D 321 18.13 24.02 -46.02
CA SER D 321 17.11 23.78 -47.04
C SER D 321 15.90 24.70 -46.86
N GLN D 322 15.89 25.54 -45.83
CA GLN D 322 14.77 26.41 -45.57
C GLN D 322 14.84 27.67 -46.45
N ASP D 323 13.71 28.38 -46.51
CA ASP D 323 13.62 29.64 -47.22
C ASP D 323 13.75 30.76 -46.20
N LEU D 324 14.85 31.51 -46.27
CA LEU D 324 15.17 32.50 -45.25
C LEU D 324 14.33 33.78 -45.38
N SER D 325 13.71 34.02 -46.52
CA SER D 325 12.99 35.27 -46.74
C SER D 325 11.55 35.19 -46.25
N VAL D 326 11.35 34.75 -45.01
CA VAL D 326 10.04 34.71 -44.38
C VAL D 326 10.20 35.18 -42.94
N VAL D 327 9.28 36.05 -42.49
CA VAL D 327 9.35 36.57 -41.13
C VAL D 327 9.09 35.45 -40.13
N SER D 328 7.94 34.79 -40.26
CA SER D 328 7.57 33.67 -39.38
C SER D 328 6.99 32.56 -40.23
N LYS D 329 7.44 31.33 -40.00
CA LYS D 329 7.01 30.20 -40.80
C LYS D 329 7.14 28.91 -39.99
N VAL D 330 6.14 28.05 -40.13
CA VAL D 330 6.17 26.71 -39.53
C VAL D 330 6.80 25.78 -40.55
N VAL D 331 7.83 25.05 -40.12
CA VAL D 331 8.57 24.14 -40.98
C VAL D 331 8.19 22.71 -40.64
N LYS D 332 7.76 21.95 -41.65
CA LYS D 332 7.38 20.55 -41.48
C LYS D 332 8.55 19.68 -41.92
N VAL D 333 9.20 19.03 -40.94
CA VAL D 333 10.29 18.10 -41.20
C VAL D 333 9.85 16.72 -40.74
N THR D 334 9.92 15.74 -41.64
CA THR D 334 9.51 14.37 -41.32
C THR D 334 10.68 13.68 -40.65
N ILE D 335 10.58 13.49 -39.33
CA ILE D 335 11.64 12.91 -38.53
C ILE D 335 11.08 11.71 -37.77
N ASP D 336 11.78 10.59 -37.84
CA ASP D 336 11.37 9.35 -37.17
C ASP D 336 9.98 8.92 -37.61
N TYR D 337 9.70 9.02 -38.91
CA TYR D 337 8.43 8.62 -39.52
C TYR D 337 7.26 9.47 -39.04
N THR D 338 7.52 10.64 -38.45
CA THR D 338 6.46 11.54 -38.04
C THR D 338 6.83 12.97 -38.42
N GLU D 339 5.82 13.81 -38.57
CA GLU D 339 5.99 15.19 -38.99
C GLU D 339 6.23 16.06 -37.77
N ILE D 340 7.48 16.49 -37.58
CA ILE D 340 7.83 17.36 -36.46
C ILE D 340 7.68 18.81 -36.90
N SER D 341 6.96 19.60 -36.11
CA SER D 341 6.70 20.99 -36.43
C SER D 341 7.83 21.88 -35.89
N PHE D 342 8.61 22.45 -36.80
CA PHE D 342 9.70 23.36 -36.45
C PHE D 342 9.26 24.80 -36.67
N MET D 343 9.43 25.64 -35.66
CA MET D 343 9.04 27.03 -35.72
C MET D 343 10.26 27.87 -36.08
N LEU D 344 10.21 28.55 -37.22
CA LEU D 344 11.33 29.27 -37.77
C LEU D 344 11.06 30.77 -37.71
N TRP D 345 12.02 31.52 -37.17
CA TRP D 345 11.96 32.98 -37.15
C TRP D 345 13.16 33.54 -37.90
N CYS D 346 12.90 34.50 -38.80
CA CYS D 346 13.97 35.11 -39.58
C CYS D 346 13.77 36.62 -39.63
N LYS D 347 14.90 37.34 -39.73
CA LYS D 347 14.88 38.78 -39.88
C LYS D 347 16.06 39.18 -40.75
N ASP D 348 15.83 40.09 -41.70
CA ASP D 348 16.87 40.56 -42.62
C ASP D 348 17.54 39.40 -43.36
N GLY D 349 16.73 38.40 -43.74
CA GLY D 349 17.23 37.26 -44.48
C GLY D 349 18.22 36.39 -43.74
N HIS D 350 18.07 36.25 -42.42
CA HIS D 350 18.91 35.33 -41.65
C HIS D 350 18.07 34.74 -40.53
N VAL D 351 18.43 33.52 -40.13
CA VAL D 351 17.68 32.81 -39.10
C VAL D 351 17.87 33.48 -37.75
N GLU D 352 16.79 33.64 -37.01
CA GLU D 352 16.83 34.21 -35.67
C GLU D 352 16.66 33.15 -34.58
N THR D 353 15.74 32.21 -34.76
CA THR D 353 15.51 31.16 -33.77
C THR D 353 14.77 30.02 -34.46
N PHE D 354 15.20 28.78 -34.23
CA PHE D 354 14.50 27.64 -34.82
C PHE D 354 13.99 26.68 -33.75
N TYR D 355 13.42 27.23 -32.68
CA TYR D 355 12.92 26.39 -31.60
C TYR D 355 11.84 25.44 -32.09
N PRO D 356 11.81 24.20 -31.53
CA PRO D 356 10.73 23.29 -31.91
C PRO D 356 9.41 23.75 -31.33
N LYS D 357 8.34 23.67 -32.11
CA LYS D 357 7.03 24.16 -31.65
C LYS D 357 6.55 23.69 -30.29
N LEU D 358 5.79 24.54 -29.60
CA LEU D 358 5.19 24.18 -28.32
C LEU D 358 6.29 23.70 -27.42
N GLN D 359 7.45 24.33 -27.50
CA GLN D 359 8.60 23.90 -26.73
C GLN D 359 8.30 22.63 -25.98
N SER E 14 11.87 -0.81 21.93
CA SER E 14 10.90 0.23 21.60
C SER E 14 11.25 0.88 20.26
N LEU E 15 10.22 1.16 19.45
CA LEU E 15 10.44 1.77 18.15
C LEU E 15 10.97 3.20 18.29
N GLU E 16 10.39 3.97 19.21
CA GLU E 16 10.81 5.36 19.39
C GLU E 16 12.23 5.43 19.94
N ASN E 17 12.58 4.53 20.87
CA ASN E 17 13.94 4.52 21.39
C ASN E 17 14.94 4.12 20.31
N VAL E 18 14.58 3.15 19.47
CA VAL E 18 15.44 2.76 18.36
C VAL E 18 15.67 3.93 17.41
N ALA E 19 14.59 4.65 17.08
CA ALA E 19 14.72 5.79 16.19
C ALA E 19 15.55 6.90 16.83
N PHE E 20 15.41 7.11 18.14
CA PHE E 20 16.22 8.09 18.83
C PHE E 20 17.70 7.71 18.75
N ASN E 21 18.01 6.43 18.97
CA ASN E 21 19.38 5.99 18.85
C ASN E 21 19.90 6.17 17.44
N VAL E 22 19.05 5.94 16.43
CA VAL E 22 19.46 6.12 15.04
C VAL E 22 19.77 7.58 14.76
N VAL E 23 18.90 8.49 15.20
CA VAL E 23 19.10 9.91 14.86
C VAL E 23 20.21 10.52 15.68
N ASN E 24 20.53 9.97 16.85
CA ASN E 24 21.58 10.55 17.68
C ASN E 24 22.95 9.92 17.48
N LYS E 25 23.01 8.66 17.05
CA LYS E 25 24.30 7.97 16.91
C LYS E 25 24.47 7.25 15.59
N GLY E 26 23.45 7.20 14.73
CA GLY E 26 23.55 6.49 13.47
C GLY E 26 23.19 5.03 13.53
N HIS E 27 23.12 4.44 14.72
CA HIS E 27 22.76 3.04 14.91
C HIS E 27 22.35 2.87 16.36
N PHE E 28 21.81 1.70 16.68
CA PHE E 28 21.36 1.41 18.04
C PHE E 28 22.56 1.16 18.94
N ASP E 29 22.86 2.12 19.81
CA ASP E 29 23.95 1.99 20.78
C ASP E 29 23.41 1.66 22.17
N GLY E 30 22.10 1.51 22.32
CA GLY E 30 21.52 1.19 23.61
C GLY E 30 21.27 2.37 24.53
N GLN E 31 21.24 3.58 23.99
CA GLN E 31 20.99 4.77 24.79
C GLN E 31 19.50 4.91 25.11
N GLN E 32 19.21 5.74 26.10
CA GLN E 32 17.84 5.97 26.53
C GLN E 32 17.32 7.30 25.96
N GLY E 33 16.08 7.27 25.50
CA GLY E 33 15.46 8.46 24.92
C GLY E 33 14.42 8.11 23.87
N GLU E 34 13.55 9.05 23.53
CA GLU E 34 12.49 8.79 22.56
C GLU E 34 12.37 9.98 21.63
N VAL E 35 11.93 9.71 20.41
CA VAL E 35 11.66 10.75 19.41
C VAL E 35 10.31 10.49 18.77
N PRO E 36 9.62 11.52 18.28
CA PRO E 36 8.34 11.27 17.57
C PRO E 36 8.58 10.54 16.27
N VAL E 37 7.83 9.46 16.07
CA VAL E 37 8.03 8.56 14.93
C VAL E 37 6.68 8.31 14.27
N SER E 38 6.66 8.38 12.94
CA SER E 38 5.49 8.03 12.14
C SER E 38 5.88 7.00 11.10
N ILE E 39 5.03 5.99 10.92
CA ILE E 39 5.23 4.94 9.93
C ILE E 39 4.15 5.07 8.89
N ILE E 40 4.54 5.21 7.63
N ILE E 40 4.54 5.21 7.63
CA ILE E 40 3.59 5.35 6.53
CA ILE E 40 3.59 5.35 6.53
C ILE E 40 4.27 4.93 5.24
C ILE E 40 4.27 4.93 5.24
N ASN E 41 3.57 4.12 4.45
N ASN E 41 3.57 4.12 4.45
CA ASN E 41 4.06 3.63 3.15
CA ASN E 41 4.06 3.63 3.15
C ASN E 41 5.39 2.90 3.30
C ASN E 41 5.39 2.90 3.30
N ASN E 42 5.44 1.96 4.24
N ASN E 42 5.44 1.96 4.24
CA ASN E 42 6.61 1.10 4.45
CA ASN E 42 6.61 1.10 4.45
C ASN E 42 7.87 1.91 4.72
C ASN E 42 7.87 1.91 4.72
N THR E 43 7.71 3.06 5.37
CA THR E 43 8.82 3.96 5.64
C THR E 43 8.68 4.55 7.03
N VAL E 44 9.81 4.67 7.72
CA VAL E 44 9.85 5.24 9.07
C VAL E 44 10.31 6.69 8.97
N TYR E 45 9.45 7.62 9.35
CA TYR E 45 9.77 9.03 9.37
C TYR E 45 9.87 9.51 10.80
N THR E 46 10.73 10.51 11.01
CA THR E 46 10.87 11.17 12.30
C THR E 46 10.72 12.67 12.10
N LYS E 47 10.25 13.35 13.15
CA LYS E 47 9.97 14.78 13.10
C LYS E 47 11.17 15.53 13.65
N VAL E 48 11.92 16.18 12.76
CA VAL E 48 13.05 17.02 13.13
C VAL E 48 12.69 18.46 12.80
N ASP E 49 12.63 19.30 13.82
CA ASP E 49 12.28 20.72 13.67
C ASP E 49 10.92 20.90 12.99
N GLY E 50 9.99 20.00 13.30
CA GLY E 50 8.64 20.11 12.82
C GLY E 50 8.36 19.53 11.44
N VAL E 51 9.39 19.04 10.74
CA VAL E 51 9.23 18.47 9.41
C VAL E 51 9.71 17.03 9.44
N ASP E 52 8.95 16.15 8.77
CA ASP E 52 9.26 14.73 8.75
C ASP E 52 10.52 14.47 7.94
N VAL E 53 11.43 13.68 8.51
CA VAL E 53 12.67 13.28 7.86
C VAL E 53 12.69 11.76 7.77
N GLU E 54 12.92 11.24 6.56
CA GLU E 54 12.93 9.80 6.36
C GLU E 54 14.12 9.17 7.06
N LEU E 55 13.86 8.15 7.88
CA LEU E 55 14.91 7.43 8.58
C LEU E 55 15.24 6.08 7.95
N PHE E 56 14.25 5.38 7.40
CA PHE E 56 14.46 4.03 6.93
C PHE E 56 13.31 3.66 5.99
N GLU E 57 13.65 3.17 4.81
CA GLU E 57 12.68 2.67 3.85
C GLU E 57 12.82 1.16 3.75
N ASN E 58 11.71 0.45 3.99
CA ASN E 58 11.75 -1.00 4.13
C ASN E 58 11.92 -1.64 2.76
N LYS E 59 13.06 -2.28 2.55
CA LYS E 59 13.33 -3.06 1.34
C LYS E 59 13.20 -4.56 1.57
N THR E 60 12.69 -4.97 2.73
CA THR E 60 12.63 -6.37 3.11
C THR E 60 11.18 -6.87 3.05
N THR E 61 11.01 -8.15 3.37
CA THR E 61 9.69 -8.75 3.50
C THR E 61 9.16 -8.70 4.93
N LEU E 62 9.97 -8.25 5.88
CA LEU E 62 9.58 -8.14 7.27
C LEU E 62 8.71 -6.91 7.49
N PRO E 63 7.97 -6.86 8.60
CA PRO E 63 7.25 -5.63 8.94
C PRO E 63 8.21 -4.46 9.07
N VAL E 64 7.69 -3.27 8.75
CA VAL E 64 8.55 -2.09 8.64
C VAL E 64 9.24 -1.78 9.97
N ASN E 65 8.52 -1.89 11.08
CA ASN E 65 9.13 -1.63 12.38
C ASN E 65 10.16 -2.69 12.74
N VAL E 66 9.85 -3.96 12.45
CA VAL E 66 10.79 -5.05 12.75
C VAL E 66 12.05 -4.89 11.92
N ALA E 67 11.91 -4.60 10.63
CA ALA E 67 13.07 -4.42 9.76
C ALA E 67 13.87 -3.20 10.18
N PHE E 68 13.19 -2.13 10.60
CA PHE E 68 13.89 -0.93 11.05
C PHE E 68 14.71 -1.21 12.30
N GLU E 69 14.13 -1.95 13.25
CA GLU E 69 14.86 -2.24 14.49
C GLU E 69 16.00 -3.21 14.25
N LEU E 70 15.83 -4.15 13.31
CA LEU E 70 16.95 -5.02 12.94
C LEU E 70 18.05 -4.25 12.25
N TRP E 71 17.69 -3.30 11.39
CA TRP E 71 18.68 -2.47 10.71
C TRP E 71 19.46 -1.60 11.70
N ALA E 72 18.76 -1.04 12.69
CA ALA E 72 19.44 -0.22 13.68
C ALA E 72 20.42 -1.05 14.50
N LYS E 73 20.04 -2.27 14.85
CA LYS E 73 20.85 -3.16 15.68
C LYS E 73 21.81 -4.01 14.86
N ARG E 74 22.08 -3.63 13.61
CA ARG E 74 22.99 -4.41 12.77
C ARG E 74 24.42 -4.30 13.29
N ASN E 75 25.26 -5.23 12.85
CA ASN E 75 26.65 -5.24 13.25
C ASN E 75 27.44 -4.19 12.46
N ILE E 76 28.04 -3.24 13.18
CA ILE E 76 28.85 -2.20 12.56
C ILE E 76 30.33 -2.51 12.61
N LYS E 77 30.70 -3.69 13.10
CA LYS E 77 32.07 -4.17 13.10
C LYS E 77 32.34 -4.98 11.84
N PRO E 78 33.60 -5.12 11.45
CA PRO E 78 33.92 -5.96 10.27
C PRO E 78 33.47 -7.39 10.48
N VAL E 79 32.50 -7.81 9.69
CA VAL E 79 31.92 -9.15 9.82
C VAL E 79 32.25 -9.95 8.57
N PRO E 80 32.25 -11.28 8.67
CA PRO E 80 32.46 -12.09 7.47
C PRO E 80 31.38 -11.83 6.44
N GLU E 81 31.79 -11.93 5.17
CA GLU E 81 30.85 -11.67 4.07
C GLU E 81 29.71 -12.67 4.11
N VAL E 82 28.52 -12.22 3.69
CA VAL E 82 27.33 -13.04 3.80
C VAL E 82 27.47 -14.33 3.00
N LYS E 83 28.20 -14.28 1.89
CA LYS E 83 28.43 -15.49 1.11
C LYS E 83 29.25 -16.51 1.90
N ILE E 84 30.23 -16.03 2.67
CA ILE E 84 31.03 -16.93 3.49
C ILE E 84 30.17 -17.61 4.54
N LEU E 85 29.29 -16.86 5.19
CA LEU E 85 28.40 -17.44 6.19
C LEU E 85 27.43 -18.42 5.56
N ASN E 86 26.90 -18.09 4.38
CA ASN E 86 25.98 -19.00 3.70
C ASN E 86 26.67 -20.29 3.29
N ASN E 87 27.91 -20.21 2.80
CA ASN E 87 28.63 -21.40 2.39
C ASN E 87 28.99 -22.28 3.59
N LEU E 88 29.12 -21.69 4.77
CA LEU E 88 29.39 -22.44 5.98
C LEU E 88 28.14 -23.03 6.61
N GLY E 89 26.97 -22.79 6.02
CA GLY E 89 25.73 -23.32 6.56
C GLY E 89 25.20 -22.59 7.76
N VAL E 90 25.61 -21.34 7.97
CA VAL E 90 25.14 -20.57 9.12
C VAL E 90 23.67 -20.25 8.95
N ASP E 91 22.88 -20.59 9.97
CA ASP E 91 21.44 -20.37 9.93
C ASP E 91 20.99 -19.19 10.79
N ILE E 92 21.78 -18.78 11.77
CA ILE E 92 21.41 -17.70 12.68
C ILE E 92 22.67 -17.18 13.34
N ALA E 93 22.60 -15.96 13.86
CA ALA E 93 23.72 -15.30 14.53
C ALA E 93 23.44 -15.15 16.01
N ALA E 94 24.47 -15.31 16.83
CA ALA E 94 24.35 -15.29 18.28
C ALA E 94 24.41 -13.85 18.78
N ASN E 95 23.26 -13.32 19.22
CA ASN E 95 23.17 -12.01 19.85
C ASN E 95 23.72 -10.89 18.97
N THR E 96 23.52 -11.01 17.66
CA THR E 96 23.93 -9.96 16.74
C THR E 96 23.13 -10.10 15.45
N VAL E 97 23.12 -9.03 14.66
CA VAL E 97 22.41 -8.99 13.39
C VAL E 97 23.43 -8.78 12.28
N ILE E 98 23.46 -9.71 11.33
CA ILE E 98 24.29 -9.58 10.15
C ILE E 98 23.42 -9.04 9.02
N TRP E 99 23.71 -7.81 8.58
CA TRP E 99 22.90 -7.14 7.59
C TRP E 99 23.46 -7.43 6.20
N ASP E 100 22.61 -7.94 5.32
CA ASP E 100 23.00 -8.24 3.93
C ASP E 100 22.72 -6.98 3.12
N TYR E 101 23.76 -6.21 2.83
CA TYR E 101 23.58 -4.96 2.09
C TYR E 101 23.29 -5.20 0.63
N LYS E 102 23.62 -6.38 0.10
CA LYS E 102 23.24 -6.71 -1.28
C LYS E 102 21.73 -6.78 -1.43
N ARG E 103 21.05 -7.40 -0.46
CA ARG E 103 19.60 -7.49 -0.47
C ARG E 103 18.92 -6.37 0.32
N ASP E 104 19.69 -5.56 1.03
CA ASP E 104 19.15 -4.54 1.94
C ASP E 104 18.18 -5.17 2.94
N ALA E 105 18.53 -6.37 3.40
CA ALA E 105 17.70 -7.15 4.30
C ALA E 105 18.61 -7.92 5.24
N PRO E 106 18.12 -8.31 6.41
CA PRO E 106 18.95 -9.13 7.31
C PRO E 106 19.33 -10.45 6.66
N ALA E 107 20.56 -10.90 6.92
CA ALA E 107 21.05 -12.12 6.29
C ALA E 107 20.36 -13.37 6.81
N HIS E 108 19.70 -13.30 7.96
CA HIS E 108 19.03 -14.46 8.53
C HIS E 108 17.60 -14.08 8.92
N ILE E 109 16.70 -15.05 8.80
CA ILE E 109 15.29 -14.79 9.04
C ILE E 109 15.04 -14.52 10.53
N SER E 110 15.65 -15.30 11.41
CA SER E 110 15.44 -15.20 12.84
C SER E 110 16.70 -14.69 13.53
N THR E 111 16.53 -14.26 14.79
CA THR E 111 17.61 -13.73 15.60
C THR E 111 17.58 -14.39 16.97
N ILE E 112 18.67 -14.23 17.71
CA ILE E 112 18.80 -14.74 19.07
C ILE E 112 18.99 -13.55 20.00
N GLY E 113 17.95 -13.18 20.74
CA GLY E 113 18.06 -12.13 21.73
C GLY E 113 18.36 -10.76 21.16
N VAL E 114 17.73 -10.40 20.04
CA VAL E 114 17.91 -9.07 19.47
C VAL E 114 16.56 -8.38 19.30
N CYS E 115 15.68 -8.99 18.51
CA CYS E 115 14.36 -8.43 18.21
C CYS E 115 13.30 -9.36 18.76
N SER E 116 12.34 -8.80 19.51
CA SER E 116 11.31 -9.61 20.13
C SER E 116 10.43 -10.30 19.09
N MET E 117 10.18 -9.66 17.95
CA MET E 117 9.35 -10.24 16.91
C MET E 117 10.03 -11.43 16.24
N THR E 118 11.32 -11.33 15.94
CA THR E 118 12.05 -12.40 15.27
C THR E 118 12.82 -13.31 16.20
N ASP E 119 12.71 -13.10 17.52
CA ASP E 119 13.45 -13.92 18.47
C ASP E 119 12.87 -15.32 18.54
N ILE E 120 13.74 -16.32 18.41
CA ILE E 120 13.38 -17.70 18.74
C ILE E 120 13.96 -18.11 20.09
N ALA E 121 14.96 -17.38 20.59
CA ALA E 121 15.54 -17.63 21.90
C ALA E 121 16.24 -16.36 22.36
N LYS E 122 16.48 -16.28 23.67
CA LYS E 122 17.23 -15.16 24.22
C LYS E 122 18.73 -15.43 24.28
N LYS E 123 19.13 -16.69 24.36
CA LYS E 123 20.52 -17.10 24.36
C LYS E 123 20.71 -18.26 23.40
N PRO E 124 21.91 -18.39 22.81
CA PRO E 124 22.15 -19.50 21.87
C PRO E 124 22.20 -20.87 22.52
N THR E 125 22.18 -20.96 23.85
CA THR E 125 22.27 -22.24 24.53
C THR E 125 20.93 -22.95 24.66
N GLU E 126 19.84 -22.31 24.26
CA GLU E 126 18.54 -22.94 24.38
C GLU E 126 18.39 -24.09 23.39
N THR E 127 17.43 -24.97 23.68
CA THR E 127 17.27 -26.19 22.89
C THR E 127 16.83 -25.89 21.46
N ILE E 128 16.16 -24.75 21.24
CA ILE E 128 15.69 -24.42 19.90
C ILE E 128 16.87 -24.15 18.97
N CYS E 129 17.95 -23.56 19.49
CA CYS E 129 19.11 -23.22 18.67
C CYS E 129 20.08 -24.38 18.51
N ALA E 130 19.84 -25.52 19.17
CA ALA E 130 20.75 -26.65 19.03
C ALA E 130 20.85 -27.19 17.62
N PRO E 131 19.74 -27.47 16.90
CA PRO E 131 19.89 -27.96 15.53
C PRO E 131 20.47 -26.94 14.56
N LEU E 132 20.41 -25.65 14.89
CA LEU E 132 20.85 -24.60 13.99
C LEU E 132 22.36 -24.37 14.12
N THR E 133 22.95 -23.93 13.02
CA THR E 133 24.37 -23.55 13.00
C THR E 133 24.47 -22.08 13.38
N VAL E 134 24.76 -21.82 14.66
CA VAL E 134 24.76 -20.46 15.18
C VAL E 134 26.13 -19.83 14.95
N PHE E 135 26.13 -18.63 14.39
CA PHE E 135 27.38 -17.91 14.13
C PHE E 135 27.83 -17.20 15.39
N PHE E 136 29.01 -17.57 15.90
CA PHE E 136 29.57 -16.98 17.10
C PHE E 136 30.73 -16.06 16.74
N ASP E 137 30.74 -14.87 17.32
CA ASP E 137 31.76 -13.86 17.07
C ASP E 137 32.74 -13.88 18.24
N GLY E 138 33.94 -14.40 18.01
CA GLY E 138 34.93 -14.50 19.07
C GLY E 138 35.40 -13.18 19.62
N ARG E 139 35.21 -12.08 18.87
CA ARG E 139 35.57 -10.76 19.37
C ARG E 139 34.65 -10.27 20.46
N VAL E 140 33.50 -10.92 20.67
CA VAL E 140 32.59 -10.57 21.75
C VAL E 140 32.90 -11.45 22.95
N ASP E 141 32.97 -10.84 24.13
CA ASP E 141 33.36 -11.55 25.34
C ASP E 141 32.40 -12.68 25.64
N GLY E 142 32.94 -13.86 25.96
CA GLY E 142 32.15 -15.00 26.36
C GLY E 142 31.58 -15.81 25.22
N GLN E 143 31.88 -15.48 23.97
CA GLN E 143 31.31 -16.20 22.84
C GLN E 143 32.10 -17.45 22.48
N VAL E 144 33.40 -17.47 22.77
CA VAL E 144 34.20 -18.67 22.49
C VAL E 144 33.73 -19.84 23.33
N ASP E 145 33.49 -19.59 24.63
CA ASP E 145 32.98 -20.65 25.49
C ASP E 145 31.58 -21.08 25.10
N LEU E 146 30.76 -20.14 24.62
CA LEU E 146 29.44 -20.51 24.11
C LEU E 146 29.55 -21.40 22.89
N PHE E 147 30.49 -21.10 21.99
CA PHE E 147 30.72 -21.94 20.82
C PHE E 147 31.22 -23.32 21.23
N ARG E 148 32.05 -23.38 22.27
CA ARG E 148 32.58 -24.68 22.72
C ARG E 148 31.46 -25.61 23.18
N ASN E 149 30.40 -25.06 23.77
CA ASN E 149 29.28 -25.86 24.25
C ASN E 149 28.19 -26.06 23.21
N ALA E 150 28.28 -25.40 22.06
CA ALA E 150 27.23 -25.47 21.05
C ALA E 150 27.31 -26.76 20.26
N ARG E 151 26.16 -27.36 19.99
CA ARG E 151 26.11 -28.55 19.14
C ARG E 151 26.57 -28.24 17.72
N ASN E 152 25.97 -27.21 17.12
CA ASN E 152 26.36 -26.75 15.79
C ASN E 152 26.64 -25.25 15.86
N GLY E 153 27.77 -24.83 15.30
CA GLY E 153 28.11 -23.42 15.32
C GLY E 153 29.35 -23.15 14.50
N VAL E 154 29.49 -21.89 14.13
CA VAL E 154 30.65 -21.40 13.40
C VAL E 154 31.26 -20.24 14.19
N LEU E 155 32.56 -20.32 14.46
CA LEU E 155 33.25 -19.33 15.28
C LEU E 155 34.30 -18.62 14.44
N ILE E 156 34.37 -17.30 14.59
CA ILE E 156 35.40 -16.48 13.96
C ILE E 156 36.15 -15.74 15.07
N THR E 157 37.48 -15.76 14.99
CA THR E 157 38.32 -15.08 15.96
C THR E 157 39.45 -14.35 15.24
N GLU E 158 39.82 -13.19 15.79
CA GLU E 158 40.96 -12.43 15.26
C GLU E 158 42.29 -13.10 15.56
N GLY E 159 42.34 -14.03 16.51
CA GLY E 159 43.57 -14.71 16.85
C GLY E 159 43.38 -16.21 17.02
N SER E 160 44.23 -16.82 17.85
CA SER E 160 44.17 -18.26 18.07
C SER E 160 43.24 -18.59 19.24
N VAL E 161 42.65 -19.78 19.18
CA VAL E 161 41.77 -20.28 20.23
C VAL E 161 42.38 -21.58 20.77
N LYS E 162 42.47 -21.67 22.08
CA LYS E 162 43.13 -22.81 22.72
C LYS E 162 42.38 -24.10 22.44
N GLY E 163 43.10 -25.09 21.90
CA GLY E 163 42.56 -26.43 21.72
C GLY E 163 41.92 -26.73 20.38
N LEU E 164 41.75 -25.74 19.51
CA LEU E 164 41.11 -25.93 18.22
C LEU E 164 42.06 -25.51 17.10
N GLN E 165 42.15 -26.34 16.07
CA GLN E 165 42.96 -26.02 14.90
C GLN E 165 42.24 -24.96 14.06
N PRO E 166 42.88 -23.84 13.75
CA PRO E 166 42.19 -22.76 13.04
C PRO E 166 42.22 -22.94 11.52
N SER E 167 41.31 -22.24 10.87
CA SER E 167 41.24 -22.16 9.41
C SER E 167 41.28 -20.68 9.04
N VAL E 168 42.35 -20.28 8.35
CA VAL E 168 42.53 -18.87 8.00
C VAL E 168 41.55 -18.51 6.89
N GLY E 169 40.74 -17.47 7.13
CA GLY E 169 39.72 -17.06 6.20
C GLY E 169 40.19 -16.03 5.21
N PRO E 170 39.25 -15.39 4.52
CA PRO E 170 39.62 -14.38 3.53
C PRO E 170 40.26 -13.16 4.17
N LYS E 171 41.14 -12.51 3.41
CA LYS E 171 41.77 -11.28 3.89
C LYS E 171 40.75 -10.15 4.04
N GLN E 172 39.65 -10.21 3.29
CA GLN E 172 38.65 -9.15 3.25
C GLN E 172 37.45 -9.50 4.12
N ALA E 173 36.79 -8.47 4.63
CA ALA E 173 35.58 -8.61 5.40
C ALA E 173 34.67 -7.41 5.15
N SER E 174 33.39 -7.58 5.43
CA SER E 174 32.38 -6.56 5.17
C SER E 174 32.24 -5.64 6.37
N LEU E 175 32.60 -4.36 6.19
CA LEU E 175 32.50 -3.36 7.24
C LEU E 175 31.45 -2.34 6.84
N ASN E 176 30.26 -2.46 7.41
CA ASN E 176 29.14 -1.55 7.14
C ASN E 176 28.86 -1.44 5.64
N GLY E 177 28.89 -2.59 4.97
CA GLY E 177 28.52 -2.68 3.56
C GLY E 177 29.64 -2.52 2.56
N VAL E 178 30.87 -2.23 2.98
CA VAL E 178 32.01 -2.11 2.08
C VAL E 178 32.96 -3.27 2.35
N THR E 179 33.31 -4.00 1.30
CA THR E 179 34.24 -5.11 1.41
C THR E 179 35.67 -4.57 1.30
N LEU E 180 36.41 -4.65 2.40
CA LEU E 180 37.73 -4.06 2.46
C LEU E 180 38.71 -4.99 3.18
N ILE E 181 39.98 -4.83 2.84
CA ILE E 181 41.07 -5.49 3.55
C ILE E 181 41.54 -4.51 4.62
N GLY E 182 41.22 -4.80 5.87
CA GLY E 182 41.41 -3.83 6.93
C GLY E 182 42.88 -3.56 7.21
N GLU E 183 43.20 -2.28 7.39
CA GLU E 183 44.51 -1.83 7.84
C GLU E 183 44.46 -1.25 9.25
N ALA E 184 43.52 -0.35 9.50
CA ALA E 184 43.28 0.12 10.87
C ALA E 184 42.52 -0.90 11.71
N VAL E 185 41.76 -1.79 11.07
CA VAL E 185 41.03 -2.85 11.75
C VAL E 185 41.48 -4.19 11.19
N LYS E 186 41.22 -5.24 11.95
CA LYS E 186 41.57 -6.60 11.56
C LYS E 186 40.38 -7.24 10.88
N THR E 187 40.54 -7.58 9.59
CA THR E 187 39.49 -8.19 8.80
C THR E 187 39.78 -9.63 8.42
N GLN E 188 40.87 -10.21 8.92
CA GLN E 188 41.18 -11.62 8.69
C GLN E 188 40.86 -12.40 9.95
N PHE E 189 39.94 -13.35 9.84
CA PHE E 189 39.47 -14.13 10.98
C PHE E 189 39.86 -15.59 10.82
N ASN E 190 39.89 -16.28 11.95
CA ASN E 190 40.14 -17.72 11.98
C ASN E 190 38.80 -18.42 12.14
N TYR E 191 38.46 -19.29 11.20
CA TYR E 191 37.15 -19.90 11.13
C TYR E 191 37.16 -21.28 11.77
N TYR E 192 36.18 -21.54 12.63
CA TYR E 192 35.98 -22.84 13.24
C TYR E 192 34.54 -23.28 13.01
N LYS E 193 34.34 -24.59 12.92
CA LYS E 193 33.01 -25.13 12.68
C LYS E 193 32.80 -26.39 13.51
N LYS E 194 31.61 -26.52 14.07
CA LYS E 194 31.21 -27.71 14.81
C LYS E 194 29.90 -28.23 14.23
N VAL E 195 29.85 -29.53 13.95
CA VAL E 195 28.65 -30.19 13.48
C VAL E 195 28.35 -31.36 14.41
N ASP E 196 27.16 -31.34 15.02
CA ASP E 196 26.73 -32.38 15.96
C ASP E 196 27.73 -32.56 17.10
N GLY E 197 28.27 -31.45 17.58
CA GLY E 197 29.12 -31.47 18.75
C GLY E 197 30.58 -31.80 18.52
N VAL E 198 30.99 -32.03 17.27
CA VAL E 198 32.37 -32.36 16.95
C VAL E 198 32.91 -31.28 16.02
N VAL E 199 34.18 -30.93 16.20
CA VAL E 199 34.80 -29.86 15.41
C VAL E 199 35.23 -30.41 14.06
N GLN E 200 34.72 -29.81 12.99
CA GLN E 200 35.09 -30.20 11.65
C GLN E 200 36.35 -29.49 11.19
N GLN E 201 37.12 -30.16 10.35
CA GLN E 201 38.30 -29.56 9.74
C GLN E 201 37.88 -28.91 8.43
N LEU E 202 37.96 -27.58 8.38
CA LEU E 202 37.52 -26.85 7.19
C LEU E 202 38.50 -27.10 6.05
N PRO E 203 38.00 -27.40 4.85
CA PRO E 203 38.90 -27.73 3.73
C PRO E 203 39.70 -26.52 3.27
N GLU E 204 40.85 -26.81 2.66
CA GLU E 204 41.65 -25.77 2.03
C GLU E 204 40.88 -25.18 0.86
N THR E 205 40.78 -23.85 0.82
CA THR E 205 39.88 -23.19 -0.12
C THR E 205 40.58 -22.01 -0.77
N TYR E 206 40.10 -21.67 -1.96
CA TYR E 206 40.36 -20.37 -2.58
C TYR E 206 39.26 -19.40 -2.18
N PHE E 207 39.61 -18.12 -2.12
CA PHE E 207 38.69 -17.10 -1.65
C PHE E 207 38.48 -16.05 -2.72
N THR E 208 37.22 -15.76 -3.03
CA THR E 208 36.89 -14.70 -3.96
C THR E 208 37.22 -13.33 -3.36
N GLN E 209 37.72 -12.43 -4.19
CA GLN E 209 38.20 -11.14 -3.73
C GLN E 209 37.07 -10.13 -3.50
N SER E 210 35.88 -10.37 -4.04
CA SER E 210 34.73 -9.49 -3.85
C SER E 210 35.05 -8.05 -4.26
N ARG E 211 35.32 -7.87 -5.54
CA ARG E 211 35.62 -6.55 -6.08
C ARG E 211 34.47 -6.04 -6.93
N ASN E 212 34.54 -4.75 -7.27
CA ASN E 212 33.52 -4.09 -8.06
C ASN E 212 34.00 -3.89 -9.49
N LEU E 213 33.05 -3.73 -10.40
CA LEU E 213 33.39 -3.51 -11.81
C LEU E 213 33.95 -2.11 -12.02
N GLN E 214 33.31 -1.11 -11.44
CA GLN E 214 33.71 0.28 -11.65
C GLN E 214 34.80 0.73 -10.69
N GLU E 215 35.17 -0.11 -9.72
CA GLU E 215 36.17 0.21 -8.71
C GLU E 215 37.23 -0.87 -8.63
N PHE E 216 37.36 -1.66 -9.68
CA PHE E 216 38.29 -2.78 -9.69
C PHE E 216 39.73 -2.30 -9.53
N LYS E 217 40.46 -2.93 -8.61
CA LYS E 217 41.88 -2.65 -8.40
C LYS E 217 42.63 -3.97 -8.37
N PRO E 218 43.72 -4.10 -9.12
CA PRO E 218 44.49 -5.36 -9.09
C PRO E 218 45.10 -5.62 -7.72
N ARG E 219 45.20 -6.90 -7.38
CA ARG E 219 45.78 -7.32 -6.11
C ARG E 219 46.99 -8.23 -6.30
N SER E 220 47.51 -8.29 -7.52
CA SER E 220 48.68 -9.11 -7.81
C SER E 220 49.35 -8.59 -9.06
N GLN E 221 50.61 -9.00 -9.26
CA GLN E 221 51.36 -8.58 -10.44
C GLN E 221 50.72 -9.10 -11.72
N MET E 222 50.24 -10.34 -11.71
CA MET E 222 49.60 -10.89 -12.89
C MET E 222 48.34 -10.12 -13.25
N GLU E 223 47.58 -9.67 -12.25
CA GLU E 223 46.42 -8.83 -12.53
C GLU E 223 46.82 -7.51 -13.17
N ILE E 224 47.90 -6.90 -12.69
CA ILE E 224 48.38 -5.65 -13.28
C ILE E 224 48.79 -5.88 -14.73
N ASP E 225 49.49 -6.98 -14.99
CA ASP E 225 49.88 -7.30 -16.36
C ASP E 225 48.66 -7.52 -17.24
N PHE E 226 47.64 -8.21 -16.71
CA PHE E 226 46.41 -8.43 -17.47
C PHE E 226 45.74 -7.11 -17.81
N LEU E 227 45.68 -6.18 -16.85
CA LEU E 227 44.98 -4.92 -17.08
C LEU E 227 45.80 -3.99 -17.97
N GLU E 228 47.12 -4.13 -18.00
CA GLU E 228 47.97 -3.20 -18.73
C GLU E 228 48.48 -3.74 -20.06
N LEU E 229 48.57 -5.06 -20.22
CA LEU E 229 49.08 -5.64 -21.44
C LEU E 229 47.94 -6.05 -22.36
N ALA E 230 48.29 -6.30 -23.63
CA ALA E 230 47.33 -6.80 -24.60
C ALA E 230 47.08 -8.30 -24.35
N MET E 231 46.11 -8.84 -25.07
CA MET E 231 45.77 -10.25 -24.90
C MET E 231 46.94 -11.15 -25.28
N ASP E 232 47.51 -10.96 -26.46
CA ASP E 232 48.57 -11.85 -26.93
C ASP E 232 49.82 -11.75 -26.06
N GLU E 233 50.20 -10.52 -25.69
CA GLU E 233 51.39 -10.34 -24.87
C GLU E 233 51.23 -11.00 -23.50
N PHE E 234 50.08 -10.81 -22.86
CA PHE E 234 49.84 -11.42 -21.56
C PHE E 234 49.80 -12.94 -21.66
N ILE E 235 49.16 -13.47 -22.70
CA ILE E 235 49.08 -14.91 -22.86
C ILE E 235 50.46 -15.52 -23.08
N GLU E 236 51.28 -14.89 -23.94
CA GLU E 236 52.61 -15.42 -24.22
C GLU E 236 53.52 -15.28 -23.00
N ARG E 237 53.36 -14.20 -22.23
CA ARG E 237 54.23 -13.97 -21.08
C ARG E 237 54.06 -15.05 -20.02
N TYR E 238 52.83 -15.45 -19.75
CA TYR E 238 52.54 -16.37 -18.66
C TYR E 238 52.29 -17.80 -19.12
N LYS E 239 52.63 -18.12 -20.37
CA LYS E 239 52.50 -19.48 -20.90
C LYS E 239 51.08 -20.02 -20.75
N LEU E 240 50.09 -19.16 -21.04
CA LEU E 240 48.68 -19.53 -20.91
C LEU E 240 48.07 -19.92 -22.24
N GLU E 241 48.86 -20.51 -23.14
CA GLU E 241 48.35 -20.92 -24.44
C GLU E 241 47.70 -22.31 -24.34
N GLY E 242 46.53 -22.45 -24.95
CA GLY E 242 45.80 -23.70 -24.94
C GLY E 242 44.78 -23.84 -23.84
N TYR E 243 44.66 -22.86 -22.94
CA TYR E 243 43.66 -22.88 -21.88
C TYR E 243 42.46 -21.98 -22.19
N ALA E 244 42.36 -21.51 -23.43
CA ALA E 244 41.22 -20.71 -23.90
C ALA E 244 41.04 -19.44 -23.05
N PHE E 245 42.15 -18.81 -22.67
CA PHE E 245 42.05 -17.54 -21.96
C PHE E 245 41.52 -16.43 -22.85
N GLU E 246 41.59 -16.59 -24.17
CA GLU E 246 41.06 -15.58 -25.08
C GLU E 246 39.55 -15.46 -25.00
N ALA E 247 38.87 -16.47 -24.46
CA ALA E 247 37.41 -16.46 -24.34
C ALA E 247 36.94 -16.51 -22.89
N ILE E 248 37.56 -17.35 -22.06
CA ILE E 248 37.10 -17.51 -20.68
C ILE E 248 37.23 -16.21 -19.91
N VAL E 249 38.37 -15.52 -20.06
CA VAL E 249 38.63 -14.29 -19.31
C VAL E 249 38.43 -13.06 -20.17
N TYR E 250 39.05 -13.01 -21.35
CA TYR E 250 38.97 -11.82 -22.18
C TYR E 250 37.60 -11.67 -22.84
N GLY E 251 36.97 -12.77 -23.22
CA GLY E 251 35.66 -12.67 -23.85
C GLY E 251 35.74 -12.62 -25.36
N ASP E 252 34.67 -13.05 -26.00
CA ASP E 252 34.56 -13.10 -27.46
C ASP E 252 33.35 -12.27 -27.88
N PHE E 253 33.58 -11.01 -28.18
CA PHE E 253 32.51 -10.08 -28.57
C PHE E 253 32.36 -10.00 -30.08
N SER E 254 32.18 -11.17 -30.72
CA SER E 254 32.06 -11.23 -32.17
C SER E 254 30.78 -11.91 -32.65
N HIS E 255 29.95 -12.42 -31.75
CA HIS E 255 28.73 -13.12 -32.11
C HIS E 255 27.55 -12.53 -31.33
N SER E 256 26.35 -12.87 -31.77
CA SER E 256 25.15 -12.39 -31.09
C SER E 256 25.07 -12.90 -29.66
N GLN E 257 25.69 -14.05 -29.38
CA GLN E 257 25.76 -14.58 -28.02
C GLN E 257 27.15 -14.30 -27.46
N LEU E 258 27.19 -13.69 -26.27
CA LEU E 258 28.46 -13.35 -25.65
C LEU E 258 29.25 -14.61 -25.33
N GLY E 259 30.56 -14.54 -25.53
CA GLY E 259 31.40 -15.71 -25.31
C GLY E 259 32.32 -15.59 -24.11
N GLY E 260 32.13 -16.47 -23.13
CA GLY E 260 33.04 -16.50 -22.00
C GLY E 260 32.76 -15.35 -21.04
N LEU E 261 33.83 -14.67 -20.62
CA LEU E 261 33.77 -13.57 -19.67
C LEU E 261 33.22 -14.04 -18.32
N HIS E 262 33.84 -15.08 -17.79
CA HIS E 262 33.43 -15.68 -16.53
C HIS E 262 34.32 -15.27 -15.36
N LEU E 263 35.26 -14.35 -15.58
CA LEU E 263 36.09 -13.78 -14.53
C LEU E 263 35.83 -12.28 -14.48
N LEU E 264 35.71 -11.74 -13.26
CA LEU E 264 35.43 -10.32 -13.13
C LEU E 264 36.59 -9.45 -13.58
N ILE E 265 37.81 -9.98 -13.62
CA ILE E 265 38.95 -9.20 -14.10
C ILE E 265 38.79 -8.87 -15.58
N GLY E 266 38.36 -9.85 -16.39
CA GLY E 266 38.10 -9.57 -17.79
C GLY E 266 36.94 -8.62 -17.99
N LEU E 267 35.90 -8.75 -17.17
CA LEU E 267 34.79 -7.81 -17.23
C LEU E 267 35.25 -6.40 -16.93
N ALA E 268 36.11 -6.23 -15.91
CA ALA E 268 36.64 -4.91 -15.59
C ALA E 268 37.51 -4.38 -16.73
N LYS E 269 38.33 -5.23 -17.32
CA LYS E 269 39.17 -4.80 -18.43
C LYS E 269 38.32 -4.32 -19.61
N ARG E 270 37.25 -5.05 -19.93
CA ARG E 270 36.37 -4.62 -21.01
C ARG E 270 35.61 -3.35 -20.64
N PHE E 271 35.17 -3.24 -19.39
CA PHE E 271 34.46 -2.05 -18.94
C PHE E 271 35.34 -0.81 -18.97
N LYS E 272 36.66 -1.00 -18.82
CA LYS E 272 37.57 0.13 -18.91
C LYS E 272 37.52 0.77 -20.28
N GLU E 273 37.44 -0.04 -21.34
CA GLU E 273 37.47 0.49 -22.70
C GLU E 273 36.07 0.69 -23.28
N SER E 274 35.12 -0.17 -22.97
CA SER E 274 33.77 -0.10 -23.53
C SER E 274 32.74 -0.41 -22.45
N PRO E 275 32.21 0.61 -21.79
CA PRO E 275 31.13 0.39 -20.83
C PRO E 275 30.01 -0.48 -21.39
N PHE E 276 29.51 -1.38 -20.54
CA PHE E 276 28.34 -2.19 -20.87
C PHE E 276 27.39 -2.23 -19.68
N GLU E 277 26.33 -3.02 -19.78
CA GLU E 277 25.33 -3.14 -18.72
C GLU E 277 25.38 -4.53 -18.11
N LEU E 278 25.13 -4.61 -16.81
CA LEU E 278 25.11 -5.87 -16.07
C LEU E 278 23.79 -5.95 -15.30
N GLU E 279 22.83 -6.68 -15.85
CA GLU E 279 21.55 -6.88 -15.17
C GLU E 279 21.70 -8.06 -14.20
N ASP E 280 21.66 -7.76 -12.91
CA ASP E 280 21.75 -8.78 -11.86
C ASP E 280 20.33 -9.18 -11.49
N PHE E 281 19.86 -10.29 -12.06
CA PHE E 281 18.49 -10.74 -11.84
C PHE E 281 18.31 -11.55 -10.57
N ILE E 282 19.39 -11.85 -9.86
CA ILE E 282 19.30 -12.39 -8.51
C ILE E 282 20.18 -11.54 -7.60
N PRO E 283 19.69 -10.39 -7.13
CA PRO E 283 20.55 -9.51 -6.33
C PRO E 283 20.80 -10.04 -4.93
N MET E 284 21.74 -10.98 -4.80
CA MET E 284 22.14 -11.51 -3.51
C MET E 284 23.66 -11.69 -3.54
N ASP E 285 24.23 -12.10 -2.41
CA ASP E 285 25.66 -12.29 -2.27
C ASP E 285 25.97 -13.78 -2.39
N SER E 286 26.68 -14.16 -3.44
CA SER E 286 27.06 -15.54 -3.68
C SER E 286 28.46 -15.59 -4.27
N THR E 287 29.09 -16.76 -4.15
CA THR E 287 30.42 -16.95 -4.70
C THR E 287 30.41 -16.80 -6.22
N VAL E 288 29.41 -17.37 -6.89
CA VAL E 288 29.25 -17.26 -8.33
C VAL E 288 28.02 -16.41 -8.61
N LYS E 289 28.20 -15.34 -9.38
CA LYS E 289 27.14 -14.40 -9.70
C LYS E 289 26.72 -14.56 -11.15
N ASN E 290 25.41 -14.56 -11.38
CA ASN E 290 24.85 -14.67 -12.72
C ASN E 290 24.36 -13.30 -13.17
N TYR E 291 24.75 -12.90 -14.38
CA TYR E 291 24.45 -11.58 -14.90
C TYR E 291 23.85 -11.69 -16.29
N PHE E 292 22.97 -10.74 -16.62
CA PHE E 292 22.42 -10.59 -17.97
C PHE E 292 23.18 -9.45 -18.62
N ILE E 293 24.35 -9.78 -19.19
CA ILE E 293 25.28 -8.79 -19.70
C ILE E 293 24.98 -8.53 -21.18
N THR E 294 24.82 -7.25 -21.51
CA THR E 294 24.66 -6.81 -22.90
C THR E 294 25.79 -5.85 -23.23
N ASP E 295 26.59 -6.19 -24.25
CA ASP E 295 27.71 -5.37 -24.65
C ASP E 295 27.21 -4.19 -25.46
N ALA E 296 27.34 -2.99 -24.92
CA ALA E 296 26.81 -1.79 -25.56
C ALA E 296 27.57 -1.41 -26.82
N GLN E 297 28.79 -1.90 -27.01
CA GLN E 297 29.60 -1.51 -28.15
C GLN E 297 29.36 -2.42 -29.36
N THR E 298 29.31 -3.73 -29.15
CA THR E 298 29.17 -4.68 -30.23
C THR E 298 27.80 -5.32 -30.33
N GLY E 299 26.96 -5.20 -29.30
CA GLY E 299 25.66 -5.84 -29.29
C GLY E 299 25.65 -7.27 -28.83
N SER E 300 26.79 -7.81 -28.40
CA SER E 300 26.83 -9.18 -27.89
C SER E 300 26.13 -9.24 -26.54
N SER E 301 25.24 -10.21 -26.38
CA SER E 301 24.49 -10.38 -25.14
C SER E 301 24.42 -11.85 -24.78
N LYS E 302 24.39 -12.12 -23.47
CA LYS E 302 24.21 -13.46 -22.95
C LYS E 302 23.27 -13.40 -21.76
N CYS E 303 22.24 -14.25 -21.77
CA CYS E 303 21.25 -14.23 -20.71
C CYS E 303 21.87 -14.61 -19.36
N VAL E 304 22.71 -15.63 -19.34
CA VAL E 304 23.36 -16.10 -18.12
C VAL E 304 24.86 -16.02 -18.35
N CYS E 305 25.55 -15.24 -17.53
CA CYS E 305 27.01 -15.14 -17.56
C CYS E 305 27.50 -15.33 -16.13
N SER E 306 27.84 -16.57 -15.77
CA SER E 306 28.29 -16.87 -14.42
C SER E 306 29.68 -16.28 -14.20
N VAL E 307 29.80 -15.42 -13.18
CA VAL E 307 31.02 -14.68 -12.90
C VAL E 307 31.49 -15.04 -11.50
N ILE E 308 32.78 -15.35 -11.38
CA ILE E 308 33.41 -15.65 -10.10
C ILE E 308 34.56 -14.69 -9.90
N ASP E 309 34.69 -14.14 -8.68
CA ASP E 309 35.70 -13.13 -8.38
C ASP E 309 36.98 -13.78 -7.86
N LEU E 310 37.47 -14.78 -8.61
CA LEU E 310 38.68 -15.48 -8.23
C LEU E 310 39.91 -14.62 -8.52
N LEU E 311 40.91 -14.76 -7.65
CA LEU E 311 42.22 -14.17 -7.94
C LEU E 311 42.76 -14.78 -9.23
N LEU E 312 43.34 -13.92 -10.08
CA LEU E 312 43.79 -14.39 -11.38
C LEU E 312 44.86 -15.45 -11.25
N ASP E 313 45.74 -15.31 -10.26
CA ASP E 313 46.71 -16.38 -9.97
C ASP E 313 46.00 -17.65 -9.55
N ASP E 314 44.97 -17.52 -8.70
CA ASP E 314 44.22 -18.70 -8.27
C ASP E 314 43.51 -19.36 -9.44
N PHE E 315 42.90 -18.57 -10.31
CA PHE E 315 42.24 -19.15 -11.48
C PHE E 315 43.23 -19.82 -12.42
N VAL E 316 44.40 -19.20 -12.61
CA VAL E 316 45.44 -19.80 -13.45
C VAL E 316 45.86 -21.15 -12.88
N GLU E 317 46.08 -21.20 -11.57
CA GLU E 317 46.48 -22.47 -10.94
C GLU E 317 45.37 -23.51 -11.07
N ILE E 318 44.11 -23.08 -10.87
CA ILE E 318 42.98 -24.02 -10.97
C ILE E 318 42.90 -24.60 -12.37
N ILE E 319 42.99 -23.74 -13.39
CA ILE E 319 42.85 -24.21 -14.77
C ILE E 319 44.09 -24.96 -15.24
N LYS E 320 45.25 -24.75 -14.62
CA LYS E 320 46.44 -25.50 -14.95
C LYS E 320 46.56 -26.81 -14.18
N SER E 321 45.76 -26.99 -13.14
CA SER E 321 45.76 -28.23 -12.38
C SER E 321 44.80 -29.29 -12.93
N GLN E 322 44.16 -29.01 -14.06
CA GLN E 322 43.16 -29.92 -14.61
C GLN E 322 43.81 -30.91 -15.59
N ASP E 323 43.04 -31.93 -15.95
CA ASP E 323 43.45 -32.92 -16.94
C ASP E 323 42.81 -32.55 -18.27
N LEU E 324 43.64 -32.36 -19.29
CA LEU E 324 43.17 -31.84 -20.58
C LEU E 324 42.64 -32.92 -21.52
N SER E 325 42.85 -34.19 -21.20
CA SER E 325 42.42 -35.29 -22.09
C SER E 325 41.03 -35.80 -21.71
N VAL E 326 40.06 -34.91 -21.63
CA VAL E 326 38.68 -35.27 -21.31
C VAL E 326 37.75 -34.54 -22.28
N VAL E 327 36.76 -35.28 -22.80
CA VAL E 327 35.78 -34.68 -23.69
C VAL E 327 34.96 -33.62 -22.95
N SER E 328 34.50 -33.95 -21.76
CA SER E 328 33.73 -33.02 -20.93
C SER E 328 33.69 -33.56 -19.51
N LYS E 329 33.76 -32.65 -18.54
CA LYS E 329 33.78 -33.03 -17.14
C LYS E 329 33.33 -31.86 -16.29
N VAL E 330 32.48 -32.15 -15.30
CA VAL E 330 32.10 -31.17 -14.29
C VAL E 330 33.09 -31.26 -13.14
N VAL E 331 33.83 -30.18 -12.91
CA VAL E 331 34.96 -30.18 -11.99
C VAL E 331 34.55 -29.49 -10.70
N LYS E 332 34.86 -30.13 -9.56
CA LYS E 332 34.53 -29.60 -8.25
C LYS E 332 35.73 -28.84 -7.70
N VAL E 333 35.55 -27.54 -7.45
CA VAL E 333 36.57 -26.69 -6.84
C VAL E 333 36.01 -26.14 -5.54
N THR E 334 36.79 -26.27 -4.46
CA THR E 334 36.35 -25.83 -3.15
C THR E 334 36.76 -24.36 -2.97
N ILE E 335 35.81 -23.46 -3.23
CA ILE E 335 36.06 -22.02 -3.20
C ILE E 335 35.10 -21.38 -2.20
N ASP E 336 35.65 -20.54 -1.32
CA ASP E 336 34.86 -19.85 -0.29
C ASP E 336 34.14 -20.85 0.62
N TYR E 337 34.85 -21.90 1.02
CA TYR E 337 34.35 -22.94 1.93
C TYR E 337 33.19 -23.73 1.34
N THR E 338 32.99 -23.68 0.02
CA THR E 338 31.95 -24.46 -0.63
C THR E 338 32.48 -24.99 -1.95
N GLU E 339 31.85 -26.06 -2.42
CA GLU E 339 32.28 -26.75 -3.63
C GLU E 339 31.61 -26.11 -4.84
N ILE E 340 32.39 -25.40 -5.64
CA ILE E 340 31.89 -24.75 -6.85
C ILE E 340 32.10 -25.70 -8.03
N SER E 341 31.06 -25.86 -8.85
CA SER E 341 31.10 -26.77 -9.98
C SER E 341 31.46 -26.01 -11.25
N PHE E 342 32.63 -26.33 -11.81
CA PHE E 342 33.06 -25.79 -13.09
C PHE E 342 32.89 -26.83 -14.17
N MET E 343 32.41 -26.38 -15.33
CA MET E 343 32.22 -27.25 -16.49
C MET E 343 33.45 -27.16 -17.39
N LEU E 344 34.35 -28.14 -17.25
CA LEU E 344 35.49 -28.22 -18.14
C LEU E 344 35.04 -28.73 -19.50
N TRP E 345 35.60 -28.15 -20.56
CA TRP E 345 35.16 -28.44 -21.92
C TRP E 345 36.36 -28.66 -22.83
N CYS E 346 37.30 -29.48 -22.38
CA CYS E 346 38.50 -29.73 -23.15
C CYS E 346 38.17 -30.44 -24.46
N LYS E 347 38.95 -30.12 -25.50
CA LYS E 347 38.78 -30.74 -26.81
C LYS E 347 40.13 -30.74 -27.52
N ASP E 348 40.52 -31.90 -28.05
CA ASP E 348 41.77 -32.06 -28.79
C ASP E 348 42.97 -31.64 -27.95
N GLY E 349 42.93 -31.97 -26.67
CA GLY E 349 44.03 -31.66 -25.77
C GLY E 349 44.16 -30.22 -25.35
N HIS E 350 43.17 -29.39 -25.66
CA HIS E 350 43.18 -27.99 -25.26
C HIS E 350 41.81 -27.61 -24.72
N VAL E 351 41.80 -26.69 -23.75
CA VAL E 351 40.56 -26.24 -23.14
C VAL E 351 39.78 -25.38 -24.13
N GLU E 352 38.47 -25.62 -24.20
CA GLU E 352 37.59 -24.75 -24.98
C GLU E 352 36.74 -23.83 -24.12
N THR E 353 36.37 -24.26 -22.92
CA THR E 353 35.51 -23.46 -22.05
C THR E 353 35.56 -23.99 -20.62
N PHE E 354 35.74 -23.07 -19.65
CA PHE E 354 35.85 -23.44 -18.23
C PHE E 354 35.06 -22.39 -17.45
N TYR E 355 33.78 -22.68 -17.19
CA TYR E 355 32.96 -21.67 -16.55
C TYR E 355 32.29 -22.22 -15.30
N PRO E 356 32.15 -21.38 -14.26
CA PRO E 356 31.40 -21.81 -13.06
C PRO E 356 29.93 -22.01 -13.39
N LYS E 357 29.30 -22.95 -12.69
CA LYS E 357 27.90 -23.27 -12.94
C LYS E 357 26.99 -23.04 -11.74
N LEU E 358 27.53 -22.56 -10.62
CA LEU E 358 26.71 -22.33 -9.44
C LEU E 358 25.74 -21.17 -9.67
N GLN E 359 24.64 -21.19 -8.93
CA GLN E 359 23.58 -20.20 -9.04
C GLN E 359 23.07 -20.08 -10.47
N SER F 14 -7.21 22.31 -9.50
CA SER F 14 -7.65 20.94 -9.71
C SER F 14 -6.47 20.04 -10.04
N LEU F 15 -6.61 18.75 -9.72
CA LEU F 15 -5.52 17.79 -9.97
C LEU F 15 -5.25 17.65 -11.47
N GLU F 16 -6.31 17.55 -12.27
CA GLU F 16 -6.12 17.39 -13.71
C GLU F 16 -5.51 18.63 -14.34
N ASN F 17 -5.95 19.82 -13.91
CA ASN F 17 -5.35 21.05 -14.43
C ASN F 17 -3.90 21.18 -14.00
N VAL F 18 -3.58 20.78 -12.77
CA VAL F 18 -2.20 20.81 -12.30
C VAL F 18 -1.33 19.88 -13.13
N ALA F 19 -1.84 18.67 -13.42
CA ALA F 19 -1.08 17.73 -14.25
C ALA F 19 -0.93 18.24 -15.67
N PHE F 20 -1.96 18.91 -16.19
CA PHE F 20 -1.86 19.53 -17.52
C PHE F 20 -0.75 20.57 -17.55
N ASN F 21 -0.71 21.42 -16.53
CA ASN F 21 0.34 22.43 -16.45
C ASN F 21 1.71 21.78 -16.32
N VAL F 22 1.80 20.68 -15.57
CA VAL F 22 3.08 19.98 -15.41
C VAL F 22 3.55 19.41 -16.74
N VAL F 23 2.66 18.75 -17.48
CA VAL F 23 3.07 18.09 -18.71
C VAL F 23 3.31 19.09 -19.83
N ASN F 24 2.72 20.29 -19.76
CA ASN F 24 2.90 21.25 -20.84
C ASN F 24 3.94 22.32 -20.57
N LYS F 25 4.25 22.61 -19.30
CA LYS F 25 5.20 23.66 -18.99
C LYS F 25 6.24 23.26 -17.95
N GLY F 26 6.16 22.06 -17.38
CA GLY F 26 7.11 21.62 -16.38
C GLY F 26 6.76 22.01 -14.95
N HIS F 27 5.85 22.95 -14.76
CA HIS F 27 5.42 23.39 -13.44
C HIS F 27 4.06 24.07 -13.60
N PHE F 28 3.36 24.23 -12.49
CA PHE F 28 2.05 24.87 -12.52
C PHE F 28 2.22 26.36 -12.82
N ASP F 29 1.90 26.74 -14.06
CA ASP F 29 1.96 28.13 -14.48
C ASP F 29 0.62 28.84 -14.30
N GLY F 30 -0.49 28.12 -14.40
CA GLY F 30 -1.80 28.73 -14.29
C GLY F 30 -2.65 28.64 -15.54
N GLN F 31 -2.24 27.83 -16.52
CA GLN F 31 -3.00 27.69 -17.75
C GLN F 31 -4.26 26.88 -17.52
N GLN F 32 -5.18 26.96 -18.47
CA GLN F 32 -6.45 26.26 -18.41
C GLN F 32 -6.41 25.02 -19.29
N GLY F 33 -6.94 23.91 -18.76
CA GLY F 33 -6.98 22.65 -19.48
C GLY F 33 -6.85 21.46 -18.57
N GLU F 34 -7.13 20.27 -19.07
CA GLU F 34 -7.09 19.05 -18.28
C GLU F 34 -6.45 17.93 -19.09
N VAL F 35 -5.84 16.99 -18.38
CA VAL F 35 -5.27 15.78 -19.00
C VAL F 35 -5.74 14.58 -18.20
N PRO F 36 -5.85 13.40 -18.80
CA PRO F 36 -6.24 12.22 -18.03
C PRO F 36 -5.18 11.86 -16.99
N VAL F 37 -5.64 11.58 -15.78
CA VAL F 37 -4.77 11.37 -14.63
C VAL F 37 -5.23 10.12 -13.88
N SER F 38 -4.27 9.28 -13.47
CA SER F 38 -4.54 8.14 -12.62
C SER F 38 -3.56 8.15 -11.45
N ILE F 39 -4.07 7.85 -10.26
CA ILE F 39 -3.27 7.81 -9.04
C ILE F 39 -3.27 6.38 -8.53
N ILE F 40 -2.07 5.82 -8.34
N ILE F 40 -2.07 5.82 -8.34
CA ILE F 40 -1.95 4.46 -7.84
CA ILE F 40 -1.94 4.46 -7.83
C ILE F 40 -0.56 4.31 -7.21
C ILE F 40 -0.56 4.31 -7.21
N ASN F 41 -0.53 3.70 -6.02
N ASN F 41 -0.53 3.71 -6.01
CA ASN F 41 0.71 3.44 -5.28
CA ASN F 41 0.71 3.44 -5.27
C ASN F 41 1.54 4.70 -5.08
C ASN F 41 1.54 4.71 -5.08
N ASN F 42 0.91 5.73 -4.51
N ASN F 42 0.91 5.74 -4.51
CA ASN F 42 1.60 6.97 -4.13
CA ASN F 42 1.59 6.98 -4.13
C ASN F 42 2.26 7.63 -5.33
C ASN F 42 2.26 7.64 -5.33
N THR F 43 1.68 7.44 -6.51
CA THR F 43 2.25 7.96 -7.75
C THR F 43 1.15 8.52 -8.63
N VAL F 44 1.46 9.62 -9.33
CA VAL F 44 0.55 10.26 -10.25
C VAL F 44 0.98 9.93 -11.67
N TYR F 45 0.09 9.29 -12.42
CA TYR F 45 0.35 8.95 -13.82
C TYR F 45 -0.56 9.75 -14.73
N THR F 46 -0.08 10.00 -15.94
CA THR F 46 -0.87 10.64 -16.98
C THR F 46 -0.85 9.79 -18.24
N LYS F 47 -1.94 9.82 -18.98
CA LYS F 47 -2.09 9.03 -20.20
C LYS F 47 -1.61 9.87 -21.38
N VAL F 48 -0.40 9.59 -21.86
CA VAL F 48 0.18 10.27 -23.01
C VAL F 48 0.19 9.28 -24.16
N ASP F 49 -0.62 9.55 -25.19
CA ASP F 49 -0.72 8.69 -26.37
C ASP F 49 -1.10 7.26 -26.00
N GLY F 50 -1.99 7.13 -25.02
CA GLY F 50 -2.54 5.84 -24.65
C GLY F 50 -1.75 5.04 -23.64
N VAL F 51 -0.58 5.50 -23.22
CA VAL F 51 0.25 4.79 -22.26
C VAL F 51 0.51 5.70 -21.06
N ASP F 52 0.50 5.11 -19.87
CA ASP F 52 0.66 5.87 -18.64
C ASP F 52 2.11 6.31 -18.50
N VAL F 53 2.30 7.58 -18.12
CA VAL F 53 3.62 8.16 -17.90
C VAL F 53 3.65 8.71 -16.48
N GLU F 54 4.66 8.30 -15.71
CA GLU F 54 4.80 8.73 -14.32
C GLU F 54 5.13 10.22 -14.27
N LEU F 55 4.33 10.97 -13.50
CA LEU F 55 4.57 12.40 -13.32
C LEU F 55 5.22 12.74 -11.99
N PHE F 56 4.90 12.00 -10.92
CA PHE F 56 5.36 12.36 -9.59
C PHE F 56 5.25 11.16 -8.65
N GLU F 57 6.35 10.83 -7.99
CA GLU F 57 6.39 9.78 -6.98
C GLU F 57 6.45 10.43 -5.61
N ASN F 58 5.45 10.16 -4.78
CA ASN F 58 5.31 10.83 -3.49
C ASN F 58 6.32 10.26 -2.51
N LYS F 59 7.30 11.08 -2.13
CA LYS F 59 8.26 10.73 -1.09
C LYS F 59 7.96 11.43 0.22
N THR F 60 6.80 12.05 0.36
CA THR F 60 6.43 12.82 1.53
C THR F 60 5.43 12.06 2.39
N THR F 61 5.10 12.65 3.53
CA THR F 61 4.05 12.14 4.40
C THR F 61 2.68 12.69 4.03
N LEU F 62 2.61 13.63 3.10
CA LEU F 62 1.35 14.21 2.65
C LEU F 62 0.65 13.25 1.70
N PRO F 63 -0.65 13.44 1.48
CA PRO F 63 -1.34 12.65 0.46
C PRO F 63 -0.73 12.88 -0.91
N VAL F 64 -0.91 11.90 -1.79
CA VAL F 64 -0.24 11.91 -3.09
C VAL F 64 -0.68 13.11 -3.92
N ASN F 65 -1.98 13.39 -3.95
CA ASN F 65 -2.45 14.52 -4.75
C ASN F 65 -2.05 15.85 -4.14
N VAL F 66 -2.08 15.95 -2.80
CA VAL F 66 -1.66 17.17 -2.13
C VAL F 66 -0.19 17.43 -2.38
N ALA F 67 0.64 16.39 -2.24
CA ALA F 67 2.07 16.55 -2.49
C ALA F 67 2.35 16.89 -3.95
N PHE F 68 1.58 16.29 -4.87
CA PHE F 68 1.76 16.60 -6.29
C PHE F 68 1.42 18.06 -6.58
N GLU F 69 0.32 18.56 -6.01
CA GLU F 69 -0.06 19.94 -6.27
C GLU F 69 0.92 20.92 -5.63
N LEU F 70 1.46 20.57 -4.45
CA LEU F 70 2.47 21.41 -3.84
C LEU F 70 3.77 21.40 -4.63
N TRP F 71 4.15 20.24 -5.18
CA TRP F 71 5.36 20.15 -5.99
C TRP F 71 5.23 20.93 -7.28
N ALA F 72 4.06 20.85 -7.93
CA ALA F 72 3.85 21.61 -9.16
C ALA F 72 3.91 23.11 -8.90
N LYS F 73 3.33 23.57 -7.81
CA LYS F 73 3.29 24.98 -7.47
C LYS F 73 4.53 25.44 -6.69
N ARG F 74 5.62 24.68 -6.76
CA ARG F 74 6.83 25.06 -6.07
C ARG F 74 7.46 26.29 -6.71
N ASN F 75 8.34 26.95 -5.97
CA ASN F 75 9.03 28.13 -6.46
C ASN F 75 10.20 27.72 -7.34
N ILE F 76 10.18 28.17 -8.60
CA ILE F 76 11.26 27.87 -9.54
C ILE F 76 12.24 29.02 -9.67
N LYS F 77 12.02 30.13 -8.97
CA LYS F 77 12.98 31.21 -8.92
C LYS F 77 14.06 30.90 -7.88
N PRO F 78 15.21 31.57 -7.96
CA PRO F 78 16.24 31.36 -6.93
C PRO F 78 15.71 31.71 -5.55
N VAL F 79 15.62 30.70 -4.70
CA VAL F 79 15.05 30.84 -3.36
C VAL F 79 16.15 30.58 -2.35
N PRO F 80 16.02 31.14 -1.15
CA PRO F 80 17.01 30.86 -0.10
C PRO F 80 17.05 29.38 0.25
N GLU F 81 18.23 28.91 0.63
CA GLU F 81 18.37 27.52 1.02
C GLU F 81 17.53 27.23 2.26
N VAL F 82 17.02 26.00 2.33
CA VAL F 82 16.07 25.63 3.38
C VAL F 82 16.68 25.77 4.75
N LYS F 83 17.99 25.51 4.88
CA LYS F 83 18.64 25.68 6.18
C LYS F 83 18.65 27.14 6.61
N ILE F 84 18.83 28.06 5.66
CA ILE F 84 18.81 29.48 5.99
C ILE F 84 17.43 29.89 6.51
N LEU F 85 16.37 29.42 5.84
CA LEU F 85 15.02 29.73 6.30
C LEU F 85 14.74 29.11 7.66
N ASN F 86 15.19 27.88 7.88
CA ASN F 86 14.97 27.22 9.17
C ASN F 86 15.69 27.94 10.30
N ASN F 87 16.93 28.39 10.04
CA ASN F 87 17.68 29.08 11.08
C ASN F 87 17.08 30.44 11.41
N LEU F 88 16.35 31.04 10.47
CA LEU F 88 15.67 32.30 10.70
C LEU F 88 14.32 32.12 11.38
N GLY F 89 13.91 30.89 11.65
CA GLY F 89 12.64 30.65 12.30
C GLY F 89 11.44 30.69 11.38
N VAL F 90 11.65 30.63 10.07
CA VAL F 90 10.54 30.69 9.12
C VAL F 90 9.65 29.47 9.29
N ASP F 91 8.35 29.71 9.49
CA ASP F 91 7.39 28.63 9.67
C ASP F 91 6.50 28.40 8.46
N ILE F 92 6.29 29.42 7.62
CA ILE F 92 5.40 29.30 6.47
C ILE F 92 5.82 30.33 5.44
N ALA F 93 5.43 30.10 4.18
CA ALA F 93 5.74 30.99 3.08
C ALA F 93 4.47 31.65 2.57
N ALA F 94 4.60 32.92 2.16
CA ALA F 94 3.47 33.72 1.73
C ALA F 94 3.22 33.50 0.24
N ASN F 95 2.12 32.81 -0.08
CA ASN F 95 1.66 32.62 -1.46
C ASN F 95 2.72 31.96 -2.34
N THR F 96 3.51 31.06 -1.77
CA THR F 96 4.50 30.31 -2.52
C THR F 96 4.86 29.05 -1.76
N VAL F 97 5.47 28.11 -2.47
CA VAL F 97 5.89 26.83 -1.90
C VAL F 97 7.39 26.72 -2.05
N ILE F 98 8.08 26.52 -0.93
CA ILE F 98 9.52 26.30 -0.92
C ILE F 98 9.75 24.79 -0.84
N TRP F 99 10.27 24.21 -1.91
CA TRP F 99 10.45 22.77 -2.00
C TRP F 99 11.81 22.40 -1.42
N ASP F 100 11.81 21.49 -0.45
CA ASP F 100 13.04 20.99 0.17
C ASP F 100 13.48 19.78 -0.64
N TYR F 101 14.50 19.98 -1.50
CA TYR F 101 14.95 18.91 -2.37
C TYR F 101 15.78 17.86 -1.62
N LYS F 102 16.30 18.20 -0.44
CA LYS F 102 17.00 17.20 0.36
C LYS F 102 16.04 16.12 0.84
N ARG F 103 14.86 16.52 1.30
CA ARG F 103 13.84 15.58 1.75
C ARG F 103 12.84 15.20 0.67
N ASP F 104 12.89 15.85 -0.49
CA ASP F 104 11.90 15.66 -1.55
C ASP F 104 10.48 15.92 -1.02
N ALA F 105 10.37 16.93 -0.17
CA ALA F 105 9.12 17.29 0.49
C ALA F 105 9.07 18.79 0.63
N PRO F 106 7.87 19.37 0.77
CA PRO F 106 7.79 20.82 1.03
C PRO F 106 8.49 21.18 2.33
N ALA F 107 9.15 22.34 2.32
CA ALA F 107 9.94 22.77 3.48
C ALA F 107 9.06 23.12 4.67
N HIS F 108 7.78 23.41 4.46
CA HIS F 108 6.89 23.81 5.53
C HIS F 108 5.62 22.98 5.49
N ILE F 109 5.02 22.77 6.66
CA ILE F 109 3.84 21.91 6.77
C ILE F 109 2.66 22.54 6.06
N SER F 110 2.41 23.82 6.30
CA SER F 110 1.23 24.52 5.78
C SER F 110 1.64 25.56 4.75
N THR F 111 0.65 26.05 4.02
CA THR F 111 0.84 27.06 2.99
C THR F 111 -0.23 28.14 3.15
N ILE F 112 0.02 29.28 2.51
CA ILE F 112 -0.90 30.42 2.54
C ILE F 112 -1.38 30.65 1.12
N GLY F 113 -2.62 30.26 0.84
CA GLY F 113 -3.22 30.51 -0.46
C GLY F 113 -2.56 29.80 -1.62
N VAL F 114 -2.19 28.52 -1.42
CA VAL F 114 -1.60 27.74 -2.50
C VAL F 114 -2.42 26.48 -2.74
N CYS F 115 -2.52 25.63 -1.72
CA CYS F 115 -3.24 24.36 -1.81
C CYS F 115 -4.37 24.37 -0.78
N SER F 116 -5.59 24.06 -1.24
CA SER F 116 -6.75 24.12 -0.36
C SER F 116 -6.64 23.13 0.79
N MET F 117 -5.96 22.00 0.59
CA MET F 117 -5.84 21.00 1.64
C MET F 117 -4.84 21.40 2.71
N THR F 118 -3.83 22.20 2.35
CA THR F 118 -2.83 22.65 3.31
C THR F 118 -2.99 24.10 3.74
N ASP F 119 -3.86 24.86 3.07
CA ASP F 119 -4.02 26.27 3.40
C ASP F 119 -4.58 26.46 4.80
N ILE F 120 -3.92 27.29 5.59
CA ILE F 120 -4.50 27.82 6.81
C ILE F 120 -5.04 29.24 6.62
N ALA F 121 -4.73 29.87 5.49
CA ALA F 121 -5.20 31.22 5.20
C ALA F 121 -5.12 31.43 3.69
N LYS F 122 -5.83 32.45 3.22
CA LYS F 122 -5.74 32.85 1.82
C LYS F 122 -4.71 33.94 1.60
N LYS F 123 -4.53 34.83 2.58
CA LYS F 123 -3.52 35.87 2.55
C LYS F 123 -2.76 35.88 3.87
N PRO F 124 -1.50 36.30 3.87
CA PRO F 124 -0.71 36.29 5.10
C PRO F 124 -1.12 37.35 6.12
N THR F 125 -2.17 38.12 5.85
CA THR F 125 -2.58 39.19 6.75
C THR F 125 -3.66 38.77 7.75
N GLU F 126 -4.12 37.52 7.71
CA GLU F 126 -5.17 37.11 8.61
C GLU F 126 -4.61 36.81 10.00
N THR F 127 -5.51 36.51 10.93
CA THR F 127 -5.13 36.34 12.32
C THR F 127 -4.29 35.08 12.53
N ILE F 128 -4.55 34.03 11.75
CA ILE F 128 -3.87 32.75 11.96
C ILE F 128 -2.38 32.87 11.65
N CYS F 129 -2.00 33.76 10.72
CA CYS F 129 -0.61 33.92 10.35
C CYS F 129 0.15 34.91 11.21
N ALA F 130 -0.53 35.59 12.14
CA ALA F 130 0.15 36.56 12.99
C ALA F 130 1.24 35.94 13.86
N PRO F 131 1.03 34.82 14.56
CA PRO F 131 2.12 34.27 15.38
C PRO F 131 3.22 33.61 14.58
N LEU F 132 2.96 33.23 13.33
CA LEU F 132 3.94 32.52 12.52
C LEU F 132 4.91 33.50 11.85
N THR F 133 6.14 33.04 11.65
CA THR F 133 7.16 33.81 10.96
C THR F 133 7.02 33.53 9.48
N VAL F 134 6.24 34.36 8.79
CA VAL F 134 5.91 34.15 7.39
C VAL F 134 7.07 34.61 6.53
N PHE F 135 7.41 33.82 5.51
CA PHE F 135 8.49 34.16 4.60
C PHE F 135 7.94 34.97 3.43
N PHE F 136 8.34 36.23 3.34
CA PHE F 136 7.91 37.12 2.27
C PHE F 136 9.03 37.30 1.26
N ASP F 137 8.69 37.16 -0.01
CA ASP F 137 9.65 37.25 -1.10
C ASP F 137 9.44 38.61 -1.77
N GLY F 138 10.43 39.49 -1.64
CA GLY F 138 10.31 40.84 -2.14
C GLY F 138 10.28 40.96 -3.65
N ARG F 139 10.69 39.93 -4.38
CA ARG F 139 10.66 39.97 -5.84
C ARG F 139 9.25 39.88 -6.40
N VAL F 140 8.26 39.54 -5.57
CA VAL F 140 6.86 39.49 -5.98
C VAL F 140 6.21 40.80 -5.57
N ASP F 141 5.42 41.38 -6.48
CA ASP F 141 4.83 42.69 -6.23
C ASP F 141 3.90 42.66 -5.03
N GLY F 142 4.05 43.65 -4.15
CA GLY F 142 3.18 43.81 -3.00
C GLY F 142 3.62 43.07 -1.75
N GLN F 143 4.63 42.21 -1.84
CA GLN F 143 5.06 41.45 -0.67
C GLN F 143 5.89 42.27 0.31
N VAL F 144 6.54 43.34 -0.15
CA VAL F 144 7.26 44.21 0.76
C VAL F 144 6.29 44.90 1.71
N ASP F 145 5.18 45.41 1.18
CA ASP F 145 4.17 46.02 2.02
C ASP F 145 3.49 44.98 2.91
N LEU F 146 3.35 43.74 2.43
CA LEU F 146 2.83 42.67 3.27
C LEU F 146 3.74 42.41 4.45
N PHE F 147 5.05 42.39 4.21
CA PHE F 147 6.01 42.18 5.29
C PHE F 147 6.02 43.36 6.25
N ARG F 148 5.85 44.58 5.74
CA ARG F 148 5.86 45.75 6.60
C ARG F 148 4.72 45.70 7.62
N ASN F 149 3.59 45.09 7.26
CA ASN F 149 2.44 45.00 8.14
C ASN F 149 2.36 43.68 8.91
N ALA F 150 3.36 42.81 8.78
CA ALA F 150 3.33 41.50 9.40
C ALA F 150 3.92 41.56 10.80
N ARG F 151 3.25 40.91 11.75
CA ARG F 151 3.77 40.83 13.11
C ARG F 151 5.09 40.08 13.15
N ASN F 152 5.13 38.88 12.57
CA ASN F 152 6.33 38.08 12.47
C ASN F 152 6.54 37.71 11.00
N GLY F 153 7.75 37.95 10.49
CA GLY F 153 8.02 37.66 9.10
C GLY F 153 9.48 37.80 8.77
N VAL F 154 9.86 37.23 7.63
CA VAL F 154 11.21 37.33 7.09
C VAL F 154 11.09 37.73 5.62
N LEU F 155 11.80 38.79 5.24
CA LEU F 155 11.74 39.35 3.90
C LEU F 155 13.09 39.25 3.22
N ILE F 156 13.08 38.86 1.95
CA ILE F 156 14.28 38.83 1.11
C ILE F 156 14.03 39.69 -0.11
N THR F 157 14.99 40.55 -0.44
CA THR F 157 14.91 41.42 -1.60
C THR F 157 16.23 41.43 -2.34
N GLU F 158 16.16 41.62 -3.66
CA GLU F 158 17.36 41.74 -4.47
C GLU F 158 18.04 43.10 -4.32
N GLY F 159 17.34 44.10 -3.79
CA GLY F 159 17.92 45.42 -3.61
C GLY F 159 17.69 46.00 -2.23
N SER F 160 17.54 47.31 -2.15
CA SER F 160 17.34 47.99 -0.88
C SER F 160 15.86 48.30 -0.65
N VAL F 161 15.47 48.32 0.62
CA VAL F 161 14.11 48.63 1.02
C VAL F 161 14.15 49.88 1.88
N LYS F 162 13.28 50.84 1.58
CA LYS F 162 13.28 52.13 2.27
C LYS F 162 12.97 51.94 3.75
N GLY F 163 13.78 52.58 4.60
CA GLY F 163 13.57 52.57 6.03
C GLY F 163 14.03 51.32 6.75
N LEU F 164 14.63 50.37 6.04
CA LEU F 164 15.05 49.10 6.62
C LEU F 164 16.53 48.88 6.39
N GLN F 165 17.24 48.51 7.46
CA GLN F 165 18.65 48.17 7.34
C GLN F 165 18.79 46.76 6.78
N PRO F 166 19.49 46.58 5.66
CA PRO F 166 19.58 45.25 5.04
C PRO F 166 20.74 44.41 5.59
N SER F 167 20.49 43.11 5.62
CA SER F 167 21.50 42.13 6.00
C SER F 167 21.81 41.26 4.80
N VAL F 168 23.04 41.37 4.28
CA VAL F 168 23.41 40.62 3.09
C VAL F 168 23.47 39.14 3.40
N GLY F 169 22.81 38.34 2.57
CA GLY F 169 22.75 36.91 2.77
C GLY F 169 23.85 36.16 2.05
N PRO F 170 23.71 34.84 1.96
CA PRO F 170 24.73 34.03 1.28
C PRO F 170 24.81 34.36 -0.19
N LYS F 171 26.02 34.20 -0.75
CA LYS F 171 26.21 34.41 -2.18
C LYS F 171 25.44 33.39 -3.01
N GLN F 172 25.26 32.19 -2.49
CA GLN F 172 24.58 31.11 -3.19
C GLN F 172 23.11 31.03 -2.80
N ALA F 173 22.31 30.46 -3.69
CA ALA F 173 20.89 30.25 -3.44
C ALA F 173 20.44 29.03 -4.22
N SER F 174 19.33 28.44 -3.77
CA SER F 174 18.80 27.23 -4.38
C SER F 174 17.93 27.60 -5.58
N LEU F 175 18.27 27.04 -6.74
CA LEU F 175 17.53 27.26 -7.98
C LEU F 175 17.10 25.89 -8.51
N ASN F 176 15.83 25.54 -8.29
CA ASN F 176 15.29 24.24 -8.70
C ASN F 176 16.12 23.09 -8.14
N GLY F 177 16.52 23.22 -6.88
CA GLY F 177 17.31 22.22 -6.21
C GLY F 177 18.80 22.27 -6.48
N VAL F 178 19.26 23.21 -7.30
CA VAL F 178 20.67 23.34 -7.64
C VAL F 178 21.22 24.57 -6.92
N THR F 179 22.16 24.35 -6.00
CA THR F 179 22.80 25.43 -5.29
C THR F 179 23.85 26.07 -6.20
N LEU F 180 23.70 27.36 -6.45
CA LEU F 180 24.59 28.05 -7.38
C LEU F 180 24.74 29.50 -6.98
N ILE F 181 25.87 30.09 -7.36
CA ILE F 181 26.08 31.53 -7.25
C ILE F 181 25.68 32.13 -8.59
N GLY F 182 24.51 32.78 -8.61
CA GLY F 182 23.92 33.19 -9.86
C GLY F 182 24.77 34.23 -10.59
N GLU F 183 24.97 33.99 -11.89
CA GLU F 183 25.62 34.94 -12.78
C GLU F 183 24.62 35.63 -13.70
N ALA F 184 23.75 34.86 -14.35
CA ALA F 184 22.66 35.43 -15.12
C ALA F 184 21.47 35.81 -14.25
N VAL F 185 21.42 35.32 -13.02
CA VAL F 185 20.37 35.64 -12.06
C VAL F 185 21.02 36.13 -10.78
N LYS F 186 20.22 36.85 -9.98
CA LYS F 186 20.70 37.37 -8.70
C LYS F 186 20.33 36.38 -7.59
N THR F 187 21.35 35.78 -6.99
CA THR F 187 21.15 34.82 -5.90
C THR F 187 21.54 35.38 -4.54
N GLN F 188 21.90 36.66 -4.45
CA GLN F 188 22.20 37.31 -3.18
C GLN F 188 21.03 38.18 -2.80
N PHE F 189 20.45 37.91 -1.62
CA PHE F 189 19.27 38.61 -1.15
C PHE F 189 19.58 39.33 0.15
N ASN F 190 18.91 40.46 0.35
CA ASN F 190 18.97 41.19 1.61
C ASN F 190 17.90 40.66 2.54
N TYR F 191 18.31 40.13 3.68
CA TYR F 191 17.41 39.46 4.60
C TYR F 191 16.93 40.44 5.67
N TYR F 192 15.62 40.48 5.89
CA TYR F 192 15.01 41.29 6.93
C TYR F 192 14.17 40.38 7.80
N LYS F 193 14.05 40.73 9.08
CA LYS F 193 13.29 39.92 10.04
C LYS F 193 12.47 40.82 10.94
N LYS F 194 11.24 40.41 11.22
CA LYS F 194 10.37 41.08 12.17
C LYS F 194 9.79 40.06 13.12
N VAL F 195 9.76 40.38 14.41
CA VAL F 195 9.05 39.61 15.43
C VAL F 195 8.23 40.57 16.25
N ASP F 196 6.96 40.25 16.46
CA ASP F 196 6.05 41.05 17.30
C ASP F 196 6.00 42.50 16.82
N GLY F 197 6.23 42.71 15.52
CA GLY F 197 6.12 44.01 14.91
C GLY F 197 7.33 44.91 14.99
N VAL F 198 8.46 44.43 15.53
CA VAL F 198 9.69 45.22 15.63
C VAL F 198 10.78 44.55 14.82
N VAL F 199 11.53 45.35 14.06
CA VAL F 199 12.57 44.82 13.18
C VAL F 199 13.82 44.54 14.01
N GLN F 200 14.31 43.31 13.94
CA GLN F 200 15.61 42.99 14.51
C GLN F 200 16.72 43.35 13.53
N GLN F 201 17.91 43.59 14.07
CA GLN F 201 19.12 43.69 13.27
C GLN F 201 19.77 42.31 13.25
N LEU F 202 19.81 41.68 12.08
CA LEU F 202 20.33 40.33 11.99
C LEU F 202 21.82 40.32 12.30
N PRO F 203 22.31 39.29 12.98
CA PRO F 203 23.71 39.27 13.38
C PRO F 203 24.64 39.09 12.19
N GLU F 204 25.90 39.44 12.40
CA GLU F 204 26.93 39.21 11.39
C GLU F 204 27.38 37.76 11.47
N THR F 205 27.08 36.97 10.45
CA THR F 205 27.26 35.53 10.50
C THR F 205 28.19 35.08 9.37
N TYR F 206 28.76 33.89 9.56
CA TYR F 206 29.43 33.17 8.51
C TYR F 206 28.42 32.32 7.76
N PHE F 207 28.73 32.01 6.50
CA PHE F 207 27.80 31.30 5.64
C PHE F 207 28.48 30.07 5.05
N THR F 208 27.80 28.93 5.15
CA THR F 208 28.28 27.70 4.54
C THR F 208 28.13 27.75 3.03
N GLN F 209 29.06 27.11 2.33
CA GLN F 209 29.10 27.18 0.88
C GLN F 209 28.20 26.17 0.19
N SER F 210 27.67 25.19 0.93
CA SER F 210 26.73 24.20 0.39
C SER F 210 27.30 23.48 -0.83
N ARG F 211 28.50 22.93 -0.67
CA ARG F 211 29.17 22.21 -1.74
C ARG F 211 28.98 20.71 -1.58
N ASN F 212 29.22 19.98 -2.67
CA ASN F 212 29.07 18.54 -2.72
C ASN F 212 30.44 17.86 -2.58
N LEU F 213 30.41 16.61 -2.14
CA LEU F 213 31.65 15.84 -2.02
C LEU F 213 32.20 15.47 -3.39
N GLN F 214 31.35 14.95 -4.26
CA GLN F 214 31.79 14.47 -5.57
C GLN F 214 31.97 15.59 -6.58
N GLU F 215 31.42 16.77 -6.29
CA GLU F 215 31.53 17.94 -7.17
C GLU F 215 32.11 19.13 -6.41
N PHE F 216 33.12 18.87 -5.57
CA PHE F 216 33.72 19.93 -4.78
C PHE F 216 34.58 20.83 -5.65
N LYS F 217 34.34 22.14 -5.56
CA LYS F 217 35.11 23.12 -6.31
C LYS F 217 35.60 24.17 -5.32
N PRO F 218 36.91 24.41 -5.23
CA PRO F 218 37.41 25.45 -4.30
C PRO F 218 36.91 26.83 -4.70
N ARG F 219 36.65 27.66 -3.68
CA ARG F 219 36.17 29.02 -3.89
C ARG F 219 37.17 30.07 -3.44
N SER F 220 38.40 29.67 -3.13
CA SER F 220 39.43 30.61 -2.68
C SER F 220 40.80 30.01 -2.93
N GLN F 221 41.82 30.86 -2.84
CA GLN F 221 43.19 30.41 -3.10
C GLN F 221 43.66 29.42 -2.03
N MET F 222 43.31 29.67 -0.77
CA MET F 222 43.73 28.76 0.30
C MET F 222 43.12 27.38 0.13
N GLU F 223 41.89 27.29 -0.36
CA GLU F 223 41.30 25.98 -0.64
C GLU F 223 42.04 25.28 -1.77
N ILE F 224 42.48 26.03 -2.78
CA ILE F 224 43.26 25.45 -3.85
C ILE F 224 44.58 24.91 -3.31
N ASP F 225 45.23 25.67 -2.42
CA ASP F 225 46.46 25.20 -1.81
C ASP F 225 46.22 23.95 -0.96
N PHE F 226 45.11 23.92 -0.22
CA PHE F 226 44.77 22.75 0.58
C PHE F 226 44.58 21.52 -0.30
N LEU F 227 43.88 21.68 -1.42
CA LEU F 227 43.60 20.53 -2.29
C LEU F 227 44.84 20.09 -3.07
N GLU F 228 45.75 21.02 -3.36
CA GLU F 228 46.91 20.70 -4.19
C GLU F 228 48.12 20.30 -3.36
N LEU F 229 48.59 21.20 -2.48
CA LEU F 229 49.77 20.91 -1.69
C LEU F 229 49.46 19.85 -0.62
N ALA F 230 50.53 19.23 -0.12
CA ALA F 230 50.39 18.20 0.90
C ALA F 230 50.01 18.83 2.24
N MET F 231 49.84 17.97 3.24
CA MET F 231 49.47 18.44 4.57
C MET F 231 50.54 19.33 5.18
N ASP F 232 51.79 18.86 5.19
CA ASP F 232 52.86 19.61 5.83
C ASP F 232 53.12 20.94 5.11
N GLU F 233 53.14 20.92 3.79
CA GLU F 233 53.41 22.15 3.04
C GLU F 233 52.31 23.18 3.28
N PHE F 234 51.06 22.76 3.25
CA PHE F 234 49.95 23.68 3.49
C PHE F 234 49.97 24.22 4.91
N ILE F 235 50.28 23.36 5.89
CA ILE F 235 50.32 23.80 7.28
C ILE F 235 51.44 24.82 7.48
N GLU F 236 52.62 24.55 6.91
CA GLU F 236 53.75 25.46 7.09
C GLU F 236 53.52 26.78 6.35
N ARG F 237 52.92 26.74 5.16
CA ARG F 237 52.77 27.95 4.36
C ARG F 237 51.86 28.97 5.04
N TYR F 238 50.76 28.51 5.64
CA TYR F 238 49.75 29.40 6.18
C TYR F 238 49.88 29.60 7.70
N LYS F 239 51.02 29.21 8.28
CA LYS F 239 51.27 29.39 9.71
C LYS F 239 50.18 28.74 10.55
N LEU F 240 49.87 27.49 10.23
CA LEU F 240 48.80 26.75 10.89
C LEU F 240 49.35 25.65 11.80
N GLU F 241 50.44 25.95 12.51
CA GLU F 241 51.04 25.01 13.44
C GLU F 241 50.45 25.22 14.82
N GLY F 242 50.00 24.13 15.44
CA GLY F 242 49.40 24.18 16.77
C GLY F 242 47.90 24.20 16.79
N TYR F 243 47.24 24.23 15.63
CA TYR F 243 45.79 24.21 15.54
C TYR F 243 45.23 22.83 15.18
N ALA F 244 46.08 21.80 15.22
CA ALA F 244 45.67 20.41 14.98
C ALA F 244 45.02 20.22 13.61
N PHE F 245 45.50 20.95 12.61
CA PHE F 245 44.96 20.79 11.26
C PHE F 245 45.24 19.42 10.69
N GLU F 246 46.19 18.68 11.25
CA GLU F 246 46.50 17.34 10.75
C GLU F 246 45.33 16.39 10.95
N ALA F 247 44.55 16.57 12.01
CA ALA F 247 43.39 15.73 12.29
C ALA F 247 42.07 16.48 12.15
N ILE F 248 42.05 17.78 12.47
CA ILE F 248 40.80 18.53 12.51
C ILE F 248 40.17 18.58 11.12
N VAL F 249 40.98 18.87 10.10
CA VAL F 249 40.51 18.95 8.72
C VAL F 249 40.97 17.75 7.90
N TYR F 250 42.28 17.47 7.92
CA TYR F 250 42.81 16.36 7.13
C TYR F 250 42.28 15.02 7.63
N GLY F 251 42.22 14.84 8.94
CA GLY F 251 41.68 13.60 9.50
C GLY F 251 42.75 12.56 9.73
N ASP F 252 42.48 11.66 10.67
CA ASP F 252 43.38 10.58 11.02
C ASP F 252 42.70 9.25 10.73
N PHE F 253 43.37 8.41 9.93
CA PHE F 253 42.83 7.11 9.53
C PHE F 253 43.67 5.95 10.05
N SER F 254 44.34 6.12 11.19
CA SER F 254 45.24 5.09 11.69
C SER F 254 44.59 4.15 12.68
N HIS F 255 43.62 4.62 13.45
CA HIS F 255 42.91 3.78 14.42
C HIS F 255 41.59 3.28 13.82
N SER F 256 40.98 2.34 14.54
CA SER F 256 39.69 1.79 14.09
C SER F 256 38.61 2.87 14.05
N GLN F 257 38.59 3.75 15.05
CA GLN F 257 37.64 4.85 15.09
C GLN F 257 38.24 6.06 14.38
N LEU F 258 37.52 6.59 13.41
CA LEU F 258 38.01 7.73 12.65
C LEU F 258 38.08 8.97 13.53
N GLY F 259 39.08 9.81 13.28
CA GLY F 259 39.28 11.04 14.01
C GLY F 259 39.28 12.24 13.08
N GLY F 260 38.47 13.24 13.43
CA GLY F 260 38.44 14.46 12.65
C GLY F 260 37.42 14.41 11.53
N LEU F 261 37.81 14.95 10.37
CA LEU F 261 36.94 15.08 9.20
C LEU F 261 35.68 15.89 9.55
N HIS F 262 35.90 17.01 10.24
CA HIS F 262 34.82 17.91 10.61
C HIS F 262 34.68 19.08 9.64
N LEU F 263 35.51 19.15 8.62
CA LEU F 263 35.37 20.13 7.55
C LEU F 263 35.21 19.39 6.23
N LEU F 264 34.24 19.81 5.42
CA LEU F 264 33.92 19.09 4.20
C LEU F 264 35.04 19.17 3.17
N ILE F 265 35.93 20.16 3.29
CA ILE F 265 37.06 20.24 2.36
C ILE F 265 38.03 19.08 2.60
N GLY F 266 38.25 18.70 3.86
CA GLY F 266 39.06 17.53 4.13
C GLY F 266 38.43 16.26 3.60
N LEU F 267 37.11 16.13 3.75
CA LEU F 267 36.41 14.98 3.18
C LEU F 267 36.57 14.94 1.66
N ALA F 268 36.48 16.10 1.01
CA ALA F 268 36.67 16.15 -0.44
C ALA F 268 38.08 15.77 -0.83
N LYS F 269 39.08 16.24 -0.08
CA LYS F 269 40.47 15.90 -0.39
C LYS F 269 40.70 14.41 -0.23
N ARG F 270 40.16 13.81 0.83
CA ARG F 270 40.32 12.36 1.00
C ARG F 270 39.56 11.58 -0.06
N PHE F 271 38.37 12.05 -0.44
CA PHE F 271 37.60 11.40 -1.50
C PHE F 271 38.32 11.46 -2.84
N LYS F 272 39.07 12.54 -3.08
CA LYS F 272 39.78 12.68 -4.34
C LYS F 272 40.83 11.58 -4.53
N GLU F 273 41.36 11.04 -3.44
CA GLU F 273 42.39 10.01 -3.50
C GLU F 273 41.87 8.62 -3.16
N SER F 274 40.81 8.51 -2.34
CA SER F 274 40.26 7.22 -1.95
C SER F 274 38.79 7.41 -1.63
N PRO F 275 37.88 6.99 -2.51
CA PRO F 275 36.45 7.15 -2.23
C PRO F 275 36.03 6.39 -0.99
N PHE F 276 35.10 6.98 -0.24
CA PHE F 276 34.51 6.39 0.95
C PHE F 276 33.00 6.60 0.93
N GLU F 277 32.31 6.02 1.89
CA GLU F 277 30.86 6.07 1.97
C GLU F 277 30.41 7.08 3.02
N LEU F 278 29.48 7.94 2.64
CA LEU F 278 28.82 8.87 3.56
C LEU F 278 27.37 8.43 3.70
N GLU F 279 27.06 7.75 4.81
CA GLU F 279 25.70 7.32 5.09
C GLU F 279 25.01 8.42 5.88
N ASP F 280 24.20 9.22 5.19
CA ASP F 280 23.46 10.32 5.82
C ASP F 280 22.19 9.73 6.41
N PHE F 281 22.22 9.48 7.72
CA PHE F 281 21.09 8.86 8.40
C PHE F 281 20.00 9.87 8.75
N ILE F 282 20.25 11.17 8.55
CA ILE F 282 19.21 12.18 8.67
C ILE F 282 19.24 13.02 7.41
N PRO F 283 18.59 12.57 6.32
CA PRO F 283 18.67 13.30 5.05
C PRO F 283 17.80 14.55 5.04
N MET F 284 18.31 15.64 5.60
CA MET F 284 17.64 16.92 5.59
C MET F 284 18.65 18.01 5.27
N ASP F 285 18.21 19.26 5.39
CA ASP F 285 19.07 20.41 5.16
C ASP F 285 19.37 21.10 6.48
N SER F 286 20.64 21.17 6.85
CA SER F 286 21.05 21.82 8.10
C SER F 286 22.46 22.36 7.93
N THR F 287 22.80 23.32 8.80
CA THR F 287 24.14 23.90 8.76
C THR F 287 25.20 22.87 9.10
N VAL F 288 24.95 22.02 10.10
CA VAL F 288 25.87 20.97 10.52
C VAL F 288 25.25 19.63 10.15
N LYS F 289 25.98 18.82 9.41
CA LYS F 289 25.51 17.52 8.94
C LYS F 289 26.28 16.41 9.63
N ASN F 290 25.57 15.36 10.03
CA ASN F 290 26.16 14.19 10.66
C ASN F 290 26.15 13.03 9.67
N TYR F 291 27.29 12.38 9.51
CA TYR F 291 27.44 11.29 8.56
C TYR F 291 28.00 10.06 9.25
N PHE F 292 27.61 8.89 8.74
CA PHE F 292 28.17 7.62 9.17
C PHE F 292 29.34 7.32 8.23
N ILE F 293 30.54 7.75 8.63
CA ILE F 293 31.71 7.74 7.77
C ILE F 293 32.41 6.40 7.90
N THR F 294 32.66 5.74 6.77
CA THR F 294 33.43 4.50 6.72
C THR F 294 34.48 4.63 5.64
N ASP F 295 35.76 4.54 6.03
CA ASP F 295 36.86 4.65 5.08
C ASP F 295 37.08 3.30 4.42
N ALA F 296 36.91 3.25 3.10
CA ALA F 296 37.02 1.98 2.37
C ALA F 296 38.45 1.49 2.25
N GLN F 297 39.44 2.38 2.36
CA GLN F 297 40.83 1.98 2.19
C GLN F 297 41.45 1.44 3.47
N THR F 298 41.36 2.21 4.56
CA THR F 298 42.01 1.84 5.82
C THR F 298 41.10 1.12 6.79
N GLY F 299 39.79 1.17 6.58
CA GLY F 299 38.85 0.56 7.51
C GLY F 299 38.45 1.42 8.69
N SER F 300 38.95 2.65 8.77
CA SER F 300 38.54 3.56 9.83
C SER F 300 37.08 3.96 9.63
N SER F 301 36.33 3.99 10.72
CA SER F 301 34.91 4.32 10.65
C SER F 301 34.49 5.07 11.90
N LYS F 302 33.57 6.02 11.73
CA LYS F 302 32.98 6.76 12.84
C LYS F 302 31.47 6.80 12.65
N CYS F 303 30.72 6.48 13.70
CA CYS F 303 29.28 6.41 13.59
C CYS F 303 28.67 7.77 13.29
N VAL F 304 29.11 8.81 14.01
CA VAL F 304 28.63 10.17 13.81
C VAL F 304 29.84 11.06 13.58
N CYS F 305 29.84 11.76 12.44
CA CYS F 305 30.91 12.70 12.09
C CYS F 305 30.26 14.01 11.67
N SER F 306 30.32 15.02 12.54
CA SER F 306 29.73 16.32 12.24
C SER F 306 30.58 17.05 11.22
N VAL F 307 30.00 17.34 10.07
CA VAL F 307 30.69 17.98 8.96
C VAL F 307 29.98 19.29 8.65
N ILE F 308 30.74 20.39 8.61
CA ILE F 308 30.21 21.71 8.29
C ILE F 308 30.99 22.26 7.10
N ASP F 309 30.26 22.82 6.14
CA ASP F 309 30.86 23.30 4.89
C ASP F 309 31.21 24.79 5.00
N LEU F 310 32.04 25.10 5.99
CA LEU F 310 32.53 26.46 6.14
C LEU F 310 33.61 26.76 5.10
N LEU F 311 33.68 28.04 4.71
CA LEU F 311 34.80 28.49 3.89
C LEU F 311 36.10 28.31 4.67
N LEU F 312 37.12 27.79 3.97
CA LEU F 312 38.38 27.49 4.66
C LEU F 312 39.00 28.75 5.24
N ASP F 313 38.87 29.88 4.53
CA ASP F 313 39.30 31.16 5.10
C ASP F 313 38.49 31.47 6.36
N ASP F 314 37.18 31.26 6.31
CA ASP F 314 36.34 31.52 7.47
C ASP F 314 36.69 30.60 8.63
N PHE F 315 36.93 29.31 8.35
CA PHE F 315 37.28 28.39 9.41
C PHE F 315 38.64 28.72 10.03
N VAL F 316 39.60 29.13 9.19
CA VAL F 316 40.90 29.54 9.70
C VAL F 316 40.74 30.77 10.61
N GLU F 317 39.94 31.74 10.17
CA GLU F 317 39.71 32.93 10.99
C GLU F 317 39.04 32.56 12.32
N ILE F 318 38.06 31.65 12.28
CA ILE F 318 37.38 31.24 13.50
C ILE F 318 38.35 30.56 14.46
N ILE F 319 39.18 29.65 13.94
CA ILE F 319 40.10 28.91 14.80
C ILE F 319 41.21 29.83 15.31
N LYS F 320 41.53 30.90 14.57
CA LYS F 320 42.53 31.85 15.03
C LYS F 320 41.96 32.91 15.95
N SER F 321 40.64 33.03 16.01
CA SER F 321 39.99 33.99 16.91
C SER F 321 39.71 33.41 18.29
N GLN F 322 40.07 32.15 18.54
CA GLN F 322 39.82 31.51 19.81
C GLN F 322 40.99 31.71 20.77
N ASP F 323 40.68 31.63 22.07
CA ASP F 323 41.69 31.73 23.11
C ASP F 323 42.20 30.34 23.44
N LEU F 324 43.50 30.12 23.24
CA LEU F 324 44.07 28.78 23.33
C LEU F 324 44.45 28.38 24.75
N SER F 325 44.41 29.30 25.71
CA SER F 325 44.81 28.98 27.08
C SER F 325 43.62 28.53 27.93
N VAL F 326 42.85 27.58 27.40
CA VAL F 326 41.72 26.97 28.12
C VAL F 326 41.74 25.48 27.85
N VAL F 327 41.52 24.69 28.91
CA VAL F 327 41.51 23.23 28.76
C VAL F 327 40.33 22.80 27.91
N SER F 328 39.11 23.10 28.36
CA SER F 328 37.90 22.78 27.63
C SER F 328 37.02 24.02 27.58
N LYS F 329 36.50 24.33 26.39
CA LYS F 329 35.69 25.53 26.20
C LYS F 329 34.72 25.30 25.05
N VAL F 330 33.47 25.71 25.25
CA VAL F 330 32.46 25.67 24.20
C VAL F 330 32.49 27.01 23.47
N VAL F 331 32.61 26.97 22.15
CA VAL F 331 32.73 28.16 21.32
C VAL F 331 31.40 28.42 20.65
N LYS F 332 30.89 29.64 20.81
CA LYS F 332 29.64 30.06 20.19
C LYS F 332 29.96 30.80 18.90
N VAL F 333 29.66 30.16 17.77
CA VAL F 333 29.88 30.74 16.44
C VAL F 333 28.53 30.88 15.75
N THR F 334 28.23 32.07 15.24
CA THR F 334 27.00 32.32 14.53
C THR F 334 27.22 32.05 13.04
N ILE F 335 26.67 30.94 12.55
CA ILE F 335 26.85 30.50 11.18
C ILE F 335 25.47 30.27 10.58
N ASP F 336 25.24 30.83 9.39
CA ASP F 336 23.94 30.75 8.71
C ASP F 336 22.81 31.27 9.59
N TYR F 337 23.05 32.41 10.25
CA TYR F 337 22.07 33.10 11.09
C TYR F 337 21.67 32.30 12.33
N THR F 338 22.44 31.28 12.69
CA THR F 338 22.17 30.51 13.90
C THR F 338 23.48 30.24 14.62
N GLU F 339 23.38 30.04 15.94
CA GLU F 339 24.55 29.83 16.78
C GLU F 339 24.98 28.37 16.71
N ILE F 340 26.09 28.11 16.02
CA ILE F 340 26.67 26.78 15.94
C ILE F 340 27.71 26.64 17.04
N SER F 341 27.58 25.58 17.85
CA SER F 341 28.45 25.38 19.00
C SER F 341 29.58 24.43 18.63
N PHE F 342 30.81 24.85 18.95
CA PHE F 342 31.99 24.03 18.73
C PHE F 342 32.66 23.72 20.06
N MET F 343 33.14 22.49 20.20
CA MET F 343 33.82 22.06 21.41
C MET F 343 35.32 22.11 21.18
N LEU F 344 36.02 22.88 22.00
CA LEU F 344 37.44 23.18 21.82
C LEU F 344 38.24 22.57 22.96
N TRP F 345 39.24 21.76 22.63
CA TRP F 345 40.18 21.20 23.58
C TRP F 345 41.57 21.73 23.26
N CYS F 346 42.25 22.26 24.27
CA CYS F 346 43.60 22.78 24.10
C CYS F 346 44.50 22.22 25.19
N LYS F 347 45.74 21.89 24.79
CA LYS F 347 46.74 21.39 25.73
C LYS F 347 48.08 22.02 25.38
N ASP F 348 48.77 22.52 26.40
CA ASP F 348 50.08 23.16 26.22
C ASP F 348 50.01 24.31 25.22
N GLY F 349 48.88 25.01 25.21
CA GLY F 349 48.73 26.16 24.32
C GLY F 349 48.49 25.83 22.87
N HIS F 350 48.13 24.58 22.54
CA HIS F 350 47.84 24.21 21.17
C HIS F 350 46.53 23.43 21.12
N VAL F 351 45.82 23.57 20.01
CA VAL F 351 44.52 22.93 19.86
C VAL F 351 44.67 21.43 19.71
N GLU F 352 43.79 20.68 20.37
CA GLU F 352 43.71 19.24 20.18
C GLU F 352 42.56 18.80 19.30
N THR F 353 41.39 19.42 19.42
CA THR F 353 40.27 19.12 18.55
C THR F 353 39.33 20.31 18.52
N PHE F 354 38.56 20.42 17.44
CA PHE F 354 37.59 21.49 17.29
C PHE F 354 36.45 20.96 16.42
N TYR F 355 35.38 20.51 17.07
CA TYR F 355 34.26 19.86 16.40
C TYR F 355 32.96 20.41 16.94
N PRO F 356 31.88 20.36 16.16
CA PRO F 356 30.59 20.83 16.65
C PRO F 356 30.15 20.09 17.90
N LYS F 357 29.62 20.84 18.86
CA LYS F 357 29.26 20.27 20.15
C LYS F 357 28.04 19.37 20.02
N LEU F 358 28.04 18.29 20.81
CA LEU F 358 27.00 17.27 20.97
C LEU F 358 26.79 16.43 19.72
N GLN F 359 27.47 16.76 18.62
CA GLN F 359 27.44 15.97 17.39
C GLN F 359 26.03 15.56 16.95
#